data_8Y30
#
_entry.id   8Y30
#
_cell.length_a   199.313
_cell.length_b   199.313
_cell.length_c   62.764
_cell.angle_alpha   90.000
_cell.angle_beta   90.000
_cell.angle_gamma   120.000
#
_symmetry.space_group_name_H-M   'P 32'
#
loop_
_entity.id
_entity.type
_entity.pdbx_description
1 polymer 'Single-stranded-DNA-specific exonuclease RecJ'
2 non-polymer 'MAGNESIUM ION'
3 non-polymer 'SULFATE ION'
4 water water
#
_entity_poly.entity_id   1
_entity_poly.type   'polypeptide(L)'
_entity_poly.pdbx_seq_one_letter_code
;MIKPKYKWKLTKPAEYISDELTSKLKLTPIVKKILESKSIIDEQAIESIISDTDINHDALQLSDMTKTIERIKRAIANDE
KILVYGDYDADGVTATTILVITLQLLGAQVGWHIPNRFTEGYGPNELAFRNAHDEGITLIITVDNGIQGHNEIKMVQDLG
VDVIVTDHHEIGSTLPEAYAIVHPMHPSFNYPFQQLCGAGVAYKLAQALIENVPDYFKALVAIGTIADLVSLTDENRSLV
KQGLKVLNDQCPTSVKALLKEAGYNDNIDEETIGFIIGPRLNAVGRLDDASLACELLMTDVEEEAAFLAEQVEHFNRERK
DIVATITEEAMAMAETKVKKGDLFLLLAKENWHEGVLGIVASKIVETFALPTLILNIDREQNHAKGSARSIDQVSMFEIL
SAHQELIAKFGGHHMAAGMTMDIENIESLAEGLNKWMKELSKTTSLDPVKQVDVLLTENDITIKNIRDMNRLRPFGTDFS
RPIFEMDDLSVSSVKAIGQQKNHLKLTLGESNIAALFWQNGHLEPELQDEQPINILGSVQINEWNGNQSPQIIIQDIAMN
EQQILDYRSKRKSLPFTENDENIVVLIHPKSDKVNANEYYYGEEIKQQTDKVVLRDLPTSMEDLSNSLQQLQFSQLYIVL
QHNHSIYFDGIPNMDIFKKCYKALITKQETNIQKEGMLLCQHLSVKPDTLKFMLKVFLDLKFVTQEDGLIRINQQPDKRS
IDSSKVYQLRQQRMDVEKQLLYQDFSEIKNWIKSQLS
;
_entity_poly.pdbx_strand_id   A,B,C
#
# COMPACT_ATOMS: atom_id res chain seq x y z
N MET A 1 -32.90 19.37 3.65
CA MET A 1 -31.88 19.16 2.59
C MET A 1 -30.90 18.07 3.05
N ILE A 2 -30.67 17.05 2.22
CA ILE A 2 -29.68 15.98 2.57
C ILE A 2 -28.28 16.60 2.57
N LYS A 3 -27.45 16.22 3.54
CA LYS A 3 -26.10 16.83 3.66
C LYS A 3 -25.05 15.81 3.19
N PRO A 4 -24.09 16.22 2.33
CA PRO A 4 -23.02 15.33 1.93
C PRO A 4 -22.23 14.85 3.14
N LYS A 5 -21.82 13.58 3.16
CA LYS A 5 -21.00 13.09 4.25
C LYS A 5 -19.53 13.47 4.02
N TYR A 6 -19.04 13.28 2.81
CA TYR A 6 -17.67 13.63 2.44
C TYR A 6 -17.60 15.06 1.92
N LYS A 7 -16.38 15.51 1.66
CA LYS A 7 -16.12 16.75 0.95
C LYS A 7 -15.42 16.39 -0.36
N TRP A 8 -16.01 16.79 -1.48
CA TRP A 8 -15.69 16.23 -2.80
C TRP A 8 -14.62 17.05 -3.50
N LYS A 9 -13.51 16.42 -3.83
CA LYS A 9 -12.46 17.02 -4.64
C LYS A 9 -12.49 16.41 -6.05
N LEU A 10 -12.99 17.18 -7.03
CA LEU A 10 -13.09 16.66 -8.42
C LEU A 10 -11.80 17.00 -9.17
N THR A 11 -11.18 16.00 -9.78
CA THR A 11 -9.95 16.24 -10.57
C THR A 11 -10.36 16.90 -11.89
N LYS A 12 -9.86 18.10 -12.16
CA LYS A 12 -10.15 18.75 -13.46
C LYS A 12 -8.95 18.49 -14.38
N PRO A 13 -9.02 17.51 -15.30
CA PRO A 13 -7.87 17.17 -16.13
C PRO A 13 -7.37 18.42 -16.85
N ALA A 14 -6.09 18.75 -16.69
CA ALA A 14 -5.52 19.89 -17.41
C ALA A 14 -5.17 19.45 -18.83
N GLU A 15 -4.87 18.17 -19.00
CA GLU A 15 -4.48 17.65 -20.34
C GLU A 15 -5.56 16.70 -20.85
N TYR A 16 -5.79 16.66 -22.17
CA TYR A 16 -6.84 15.79 -22.75
C TYR A 16 -6.22 14.93 -23.84
N ILE A 17 -6.84 13.78 -24.13
CA ILE A 17 -6.28 12.84 -25.15
C ILE A 17 -6.59 13.36 -26.55
N SER A 18 -5.66 13.21 -27.48
CA SER A 18 -5.86 13.68 -28.87
C SER A 18 -7.13 13.07 -29.46
N ASP A 19 -7.89 13.84 -30.22
CA ASP A 19 -9.10 13.31 -30.88
C ASP A 19 -8.68 12.32 -31.98
N GLU A 20 -7.38 12.25 -32.28
CA GLU A 20 -6.97 11.23 -33.28
C GLU A 20 -6.85 9.87 -32.57
N LEU A 21 -6.09 9.83 -31.47
CA LEU A 21 -5.88 8.55 -30.74
C LEU A 21 -7.25 8.07 -30.25
N THR A 22 -8.05 8.97 -29.69
CA THR A 22 -9.41 8.61 -29.23
C THR A 22 -10.06 7.74 -30.32
N SER A 23 -9.77 8.06 -31.59
CA SER A 23 -10.36 7.31 -32.69
C SER A 23 -9.46 6.16 -33.11
N LYS A 24 -8.14 6.37 -33.16
CA LYS A 24 -7.24 5.28 -33.53
C LYS A 24 -7.33 4.12 -32.55
N LEU A 25 -7.56 4.42 -31.27
CA LEU A 25 -7.71 3.38 -30.24
C LEU A 25 -9.12 3.15 -29.73
N LYS A 26 -10.14 3.58 -30.49
CA LYS A 26 -11.53 3.30 -30.19
C LYS A 26 -11.86 3.62 -28.73
N LEU A 27 -11.52 4.84 -28.31
CA LEU A 27 -11.66 5.26 -26.92
C LEU A 27 -13.04 5.87 -26.72
N THR A 28 -13.91 5.15 -26.04
CA THR A 28 -15.24 5.66 -25.77
C THR A 28 -15.17 6.67 -24.63
N PRO A 29 -16.13 7.59 -24.54
CA PRO A 29 -15.92 8.79 -23.70
C PRO A 29 -15.64 8.50 -22.24
N ILE A 30 -16.04 7.34 -21.75
CA ILE A 30 -15.91 7.04 -20.33
C ILE A 30 -14.48 6.62 -20.00
N VAL A 31 -13.94 5.69 -20.80
CA VAL A 31 -12.55 5.27 -20.67
C VAL A 31 -11.65 6.47 -20.90
N LYS A 32 -12.07 7.36 -21.78
CA LYS A 32 -11.31 8.56 -22.07
C LYS A 32 -11.31 9.48 -20.84
N LYS A 33 -12.45 9.64 -20.19
CA LYS A 33 -12.52 10.51 -19.01
C LYS A 33 -11.74 9.94 -17.83
N ILE A 34 -11.70 8.61 -17.71
CA ILE A 34 -10.96 8.00 -16.62
C ILE A 34 -9.46 8.17 -16.86
N LEU A 35 -8.99 7.76 -18.04
CA LEU A 35 -7.58 7.93 -18.42
C LEU A 35 -7.10 9.35 -18.16
N GLU A 36 -7.87 10.35 -18.61
CA GLU A 36 -7.43 11.73 -18.48
C GLU A 36 -7.35 12.13 -17.01
N SER A 37 -8.27 11.62 -16.19
CA SER A 37 -8.22 11.97 -14.77
C SER A 37 -7.10 11.26 -14.04
N LYS A 38 -6.45 10.30 -14.70
CA LYS A 38 -5.23 9.69 -14.20
C LYS A 38 -4.09 10.29 -15.01
N SER A 39 -4.40 11.23 -15.90
CA SER A 39 -3.47 11.91 -16.78
C SER A 39 -2.75 10.99 -17.75
N ILE A 40 -3.23 9.76 -17.95
CA ILE A 40 -2.53 8.85 -18.86
C ILE A 40 -3.06 9.23 -20.24
N ILE A 41 -2.22 9.93 -21.01
CA ILE A 41 -2.66 10.51 -22.31
C ILE A 41 -1.83 9.99 -23.49
N ASP A 42 -0.51 9.83 -23.31
CA ASP A 42 0.38 9.44 -24.45
C ASP A 42 0.02 8.04 -24.94
N GLU A 43 0.41 7.70 -26.17
CA GLU A 43 0.06 6.39 -26.76
C GLU A 43 0.70 5.25 -25.95
N GLN A 44 1.96 5.41 -25.55
CA GLN A 44 2.64 4.38 -24.71
C GLN A 44 1.75 4.04 -23.52
N ALA A 45 1.48 5.00 -22.64
CA ALA A 45 0.69 4.73 -21.41
C ALA A 45 -0.59 3.96 -21.76
N ILE A 46 -1.42 4.59 -22.60
CA ILE A 46 -2.74 3.97 -22.91
C ILE A 46 -2.51 2.53 -23.36
N GLU A 47 -1.58 2.33 -24.28
CA GLU A 47 -1.28 0.95 -24.71
C GLU A 47 -0.85 0.15 -23.47
N SER A 48 0.15 0.66 -22.74
CA SER A 48 0.60 -0.02 -21.50
C SER A 48 -0.60 -0.52 -20.68
N ILE A 49 -1.65 0.30 -20.54
CA ILE A 49 -2.81 -0.07 -19.68
C ILE A 49 -3.69 -1.07 -20.43
N ILE A 50 -3.87 -0.88 -21.74
CA ILE A 50 -4.81 -1.76 -22.49
C ILE A 50 -4.06 -3.01 -22.96
N SER A 51 -2.72 -2.95 -23.00
CA SER A 51 -1.88 -4.04 -23.60
C SER A 51 -1.81 -5.25 -22.69
N ASP A 52 -1.22 -6.35 -23.20
CA ASP A 52 -1.21 -7.61 -22.41
C ASP A 52 0.16 -8.27 -22.44
N THR A 53 1.15 -7.66 -23.11
CA THR A 53 2.53 -8.22 -23.07
C THR A 53 2.90 -8.34 -21.59
N ASP A 54 3.34 -9.53 -21.13
CA ASP A 54 3.54 -9.64 -19.69
C ASP A 54 4.82 -8.98 -19.22
N ILE A 55 4.75 -8.49 -17.99
CA ILE A 55 5.87 -7.79 -17.33
C ILE A 55 6.64 -8.82 -16.50
N ASN A 56 7.87 -9.08 -16.92
CA ASN A 56 8.68 -10.18 -16.39
C ASN A 56 10.13 -9.72 -16.30
N HIS A 57 10.66 -9.71 -15.08
CA HIS A 57 12.07 -9.30 -14.86
C HIS A 57 12.83 -10.48 -14.27
N ASP A 58 14.07 -10.69 -14.72
CA ASP A 58 14.82 -11.87 -14.23
C ASP A 58 14.67 -11.94 -12.71
N ALA A 59 14.14 -13.06 -12.20
CA ALA A 59 14.02 -13.24 -10.75
C ALA A 59 15.42 -13.37 -10.16
N LEU A 60 16.43 -13.59 -11.02
CA LEU A 60 17.83 -13.75 -10.56
C LEU A 60 18.34 -12.41 -10.01
N GLN A 61 17.61 -11.32 -10.27
CA GLN A 61 18.04 -9.98 -9.81
C GLN A 61 17.50 -9.72 -8.40
N LEU A 62 16.89 -10.73 -7.78
CA LEU A 62 16.29 -10.56 -6.43
C LEU A 62 17.36 -10.76 -5.36
N SER A 63 17.07 -10.37 -4.12
CA SER A 63 18.06 -10.45 -3.04
C SER A 63 18.35 -11.89 -2.68
N ASP A 64 19.64 -12.22 -2.66
CA ASP A 64 20.12 -13.55 -2.28
C ASP A 64 19.47 -14.66 -3.12
N MET A 65 19.04 -14.35 -4.35
CA MET A 65 18.30 -15.31 -5.17
C MET A 65 19.10 -16.56 -5.54
N THR A 66 20.19 -16.39 -6.30
CA THR A 66 21.03 -17.53 -6.64
C THR A 66 21.51 -18.24 -5.37
N LYS A 67 21.96 -17.46 -4.38
CA LYS A 67 22.36 -18.00 -3.09
C LYS A 67 21.29 -18.97 -2.59
N THR A 68 20.02 -18.66 -2.86
CA THR A 68 18.91 -19.49 -2.40
C THR A 68 18.65 -20.68 -3.30
N ILE A 69 18.59 -20.45 -4.60
CA ILE A 69 18.29 -21.52 -5.54
C ILE A 69 19.11 -22.77 -5.28
N GLU A 70 20.41 -22.60 -5.05
CA GLU A 70 21.29 -23.74 -4.90
C GLU A 70 21.13 -24.37 -3.52
N ARG A 71 20.82 -23.56 -2.52
CA ARG A 71 20.60 -24.07 -1.17
C ARG A 71 19.43 -25.04 -1.20
N ILE A 72 18.44 -24.78 -2.05
CA ILE A 72 17.24 -25.65 -2.08
C ILE A 72 17.59 -26.88 -2.91
N LYS A 73 18.21 -26.67 -4.06
CA LYS A 73 18.57 -27.80 -4.96
C LYS A 73 19.39 -28.81 -4.17
N ARG A 74 20.36 -28.35 -3.38
CA ARG A 74 21.24 -29.27 -2.63
C ARG A 74 20.41 -30.10 -1.65
N ALA A 75 19.47 -29.47 -0.96
CA ALA A 75 18.68 -30.19 0.07
C ALA A 75 17.91 -31.32 -0.59
N ILE A 76 17.38 -31.09 -1.79
CA ILE A 76 16.59 -32.12 -2.51
C ILE A 76 17.53 -33.26 -2.91
N ALA A 77 18.77 -32.92 -3.27
CA ALA A 77 19.73 -33.95 -3.70
C ALA A 77 20.13 -34.80 -2.51
N ASN A 78 20.42 -34.17 -1.38
CA ASN A 78 20.88 -34.92 -0.18
C ASN A 78 19.70 -35.47 0.62
N ASP A 79 18.51 -35.47 0.02
CA ASP A 79 17.29 -36.00 0.69
C ASP A 79 17.09 -35.27 2.03
N GLU A 80 17.36 -33.96 2.06
CA GLU A 80 17.13 -33.17 3.30
C GLU A 80 15.62 -32.92 3.45
N LYS A 81 15.15 -32.79 4.69
CA LYS A 81 13.72 -32.52 4.93
C LYS A 81 13.48 -31.02 4.91
N ILE A 82 12.44 -30.57 4.22
CA ILE A 82 12.12 -29.17 4.07
C ILE A 82 10.87 -28.81 4.88
N LEU A 83 10.76 -27.53 5.23
CA LEU A 83 9.56 -27.01 5.93
C LEU A 83 9.29 -25.60 5.38
N VAL A 84 8.12 -25.39 4.77
CA VAL A 84 7.75 -24.04 4.28
C VAL A 84 7.04 -23.31 5.44
N TYR A 85 7.64 -22.23 5.93
CA TYR A 85 7.00 -21.42 7.00
C TYR A 85 6.16 -20.31 6.37
N GLY A 86 4.85 -20.26 6.68
CA GLY A 86 3.95 -19.30 6.02
C GLY A 86 3.14 -18.45 6.99
N ASP A 87 2.10 -17.78 6.48
CA ASP A 87 1.26 -16.89 7.32
C ASP A 87 -0.22 -17.10 6.98
N TYR A 88 -1.13 -16.65 7.83
CA TYR A 88 -2.58 -16.93 7.65
C TYR A 88 -3.27 -15.92 6.73
N ASP A 89 -2.50 -14.99 6.15
CA ASP A 89 -3.07 -14.04 5.17
C ASP A 89 -3.41 -14.83 3.91
N ALA A 90 -4.27 -14.30 3.05
CA ALA A 90 -4.49 -14.98 1.76
C ALA A 90 -3.22 -14.96 0.91
N ASP A 91 -2.34 -14.01 1.16
CA ASP A 91 -1.05 -13.98 0.43
C ASP A 91 -0.20 -15.14 0.92
N GLY A 92 -0.22 -15.41 2.23
CA GLY A 92 0.62 -16.47 2.80
C GLY A 92 0.14 -17.86 2.44
N VAL A 93 -1.16 -18.04 2.31
CA VAL A 93 -1.74 -19.37 1.92
C VAL A 93 -1.48 -19.58 0.44
N THR A 94 -1.61 -18.53 -0.36
CA THR A 94 -1.34 -18.62 -1.82
C THR A 94 0.15 -18.83 -2.07
N ALA A 95 1.00 -18.22 -1.23
CA ALA A 95 2.46 -18.34 -1.40
C ALA A 95 2.92 -19.73 -0.97
N THR A 96 2.34 -20.26 0.11
CA THR A 96 2.70 -21.62 0.59
C THR A 96 2.37 -22.62 -0.51
N THR A 97 1.17 -22.54 -1.08
CA THR A 97 0.74 -23.51 -2.11
C THR A 97 1.77 -23.50 -3.25
N ILE A 98 2.14 -22.32 -3.75
CA ILE A 98 3.08 -22.21 -4.89
C ILE A 98 4.40 -22.91 -4.53
N LEU A 99 4.99 -22.57 -3.39
CA LEU A 99 6.32 -23.15 -3.04
C LEU A 99 6.21 -24.65 -2.80
N VAL A 100 5.19 -25.10 -2.07
CA VAL A 100 5.07 -26.55 -1.74
C VAL A 100 4.97 -27.32 -3.05
N ILE A 101 4.12 -26.86 -3.96
CA ILE A 101 3.95 -27.56 -5.28
C ILE A 101 5.26 -27.49 -6.05
N THR A 102 5.94 -26.34 -6.01
CA THR A 102 7.23 -26.19 -6.72
C THR A 102 8.22 -27.23 -6.19
N LEU A 103 8.30 -27.39 -4.87
CA LEU A 103 9.27 -28.34 -4.25
C LEU A 103 8.82 -29.78 -4.50
N GLN A 104 7.51 -30.02 -4.55
CA GLN A 104 6.97 -31.37 -4.86
C GLN A 104 7.34 -31.73 -6.30
N LEU A 105 7.29 -30.75 -7.21
CA LEU A 105 7.64 -30.99 -8.64
C LEU A 105 9.15 -31.21 -8.75
N LEU A 106 9.93 -30.70 -7.78
CA LEU A 106 11.40 -30.90 -7.79
C LEU A 106 11.71 -32.20 -7.04
N GLY A 107 10.69 -32.92 -6.58
CA GLY A 107 10.88 -34.20 -5.88
C GLY A 107 11.53 -33.99 -4.52
N ALA A 108 10.89 -33.19 -3.67
CA ALA A 108 11.50 -32.85 -2.37
C ALA A 108 10.62 -33.32 -1.21
N GLN A 109 11.23 -33.52 -0.05
CA GLN A 109 10.44 -33.91 1.15
C GLN A 109 9.95 -32.62 1.78
N VAL A 110 8.97 -31.99 1.15
CA VAL A 110 8.49 -30.68 1.64
C VAL A 110 7.33 -30.88 2.60
N GLY A 111 7.27 -30.06 3.64
CA GLY A 111 6.13 -30.08 4.56
C GLY A 111 5.78 -28.64 4.85
N TRP A 112 4.65 -28.38 5.47
CA TRP A 112 4.28 -26.95 5.66
C TRP A 112 3.56 -26.74 7.00
N HIS A 113 3.69 -25.54 7.56
CA HIS A 113 3.00 -25.21 8.82
C HIS A 113 2.56 -23.74 8.76
N ILE A 114 1.32 -23.46 9.14
CA ILE A 114 0.84 -22.05 9.18
C ILE A 114 0.60 -21.70 10.66
N PRO A 115 1.28 -20.68 11.21
CA PRO A 115 1.12 -20.32 12.61
C PRO A 115 -0.34 -19.96 12.95
N ASN A 116 -0.80 -20.37 14.13
CA ASN A 116 -2.18 -20.01 14.57
C ASN A 116 -2.17 -18.56 15.06
N ARG A 117 -3.10 -17.74 14.59
CA ARG A 117 -3.14 -16.30 14.96
C ARG A 117 -3.16 -16.15 16.48
N PHE A 118 -3.77 -17.10 17.18
CA PHE A 118 -3.93 -16.94 18.65
C PHE A 118 -2.83 -17.71 19.39
N THR A 119 -2.73 -19.02 19.17
CA THR A 119 -1.75 -19.84 19.93
C THR A 119 -0.32 -19.45 19.56
N GLU A 120 -0.08 -18.96 18.35
CA GLU A 120 1.33 -18.69 17.94
C GLU A 120 1.53 -17.24 17.50
N GLY A 121 0.49 -16.59 16.98
CA GLY A 121 0.66 -15.22 16.46
C GLY A 121 1.31 -15.21 15.09
N TYR A 122 1.79 -14.06 14.64
CA TYR A 122 2.38 -13.94 13.28
C TYR A 122 3.90 -14.07 13.32
N GLY A 123 4.48 -14.74 12.32
CA GLY A 123 5.95 -14.79 12.23
C GLY A 123 6.56 -15.99 12.91
N PRO A 124 7.89 -16.18 12.82
CA PRO A 124 8.57 -17.32 13.43
C PRO A 124 8.29 -17.44 14.93
N ASN A 125 8.00 -18.65 15.41
CA ASN A 125 7.80 -18.88 16.87
C ASN A 125 8.85 -19.90 17.33
N GLU A 126 9.47 -19.66 18.48
CA GLU A 126 10.58 -20.55 18.94
C GLU A 126 10.12 -22.00 18.95
N LEU A 127 8.97 -22.28 19.55
CA LEU A 127 8.54 -23.69 19.69
C LEU A 127 8.53 -24.37 18.32
N ALA A 128 7.88 -23.75 17.33
CA ALA A 128 7.76 -24.42 16.01
C ALA A 128 9.14 -24.68 15.42
N PHE A 129 10.04 -23.69 15.50
CA PHE A 129 11.38 -23.84 14.90
C PHE A 129 12.11 -25.01 15.58
N ARG A 130 12.06 -25.06 16.91
CA ARG A 130 12.70 -26.18 17.65
C ARG A 130 12.02 -27.48 17.24
N ASN A 131 10.69 -27.48 17.21
CA ASN A 131 9.94 -28.71 16.86
C ASN A 131 10.45 -29.22 15.51
N ALA A 132 10.67 -28.32 14.56
CA ALA A 132 11.13 -28.72 13.21
C ALA A 132 12.50 -29.39 13.33
N HIS A 133 13.42 -28.77 14.07
CA HIS A 133 14.76 -29.38 14.27
C HIS A 133 14.55 -30.79 14.84
N ASP A 134 13.66 -30.91 15.82
CA ASP A 134 13.39 -32.23 16.46
C ASP A 134 12.81 -33.20 15.43
N GLU A 135 12.22 -32.68 14.36
CA GLU A 135 11.61 -33.54 13.30
C GLU A 135 12.62 -33.75 12.17
N GLY A 136 13.86 -33.28 12.34
CA GLY A 136 14.90 -33.52 11.33
C GLY A 136 14.87 -32.51 10.20
N ILE A 137 14.08 -31.45 10.34
CA ILE A 137 14.06 -30.38 9.31
C ILE A 137 15.44 -29.75 9.25
N THR A 138 15.96 -29.55 8.04
CA THR A 138 17.31 -28.98 7.86
C THR A 138 17.20 -27.60 7.22
N LEU A 139 16.15 -27.35 6.43
CA LEU A 139 15.97 -26.05 5.75
C LEU A 139 14.55 -25.54 5.96
N ILE A 140 14.40 -24.29 6.42
CA ILE A 140 13.06 -23.69 6.58
C ILE A 140 12.95 -22.52 5.60
N ILE A 141 12.02 -22.61 4.64
CA ILE A 141 11.79 -21.49 3.68
C ILE A 141 10.53 -20.77 4.14
N THR A 142 10.67 -19.51 4.55
CA THR A 142 9.51 -18.75 5.08
C THR A 142 8.81 -18.01 3.94
N VAL A 143 7.50 -17.85 4.03
CA VAL A 143 6.73 -17.11 3.00
C VAL A 143 5.84 -16.05 3.68
N ASP A 144 5.92 -14.79 3.26
CA ASP A 144 5.13 -13.69 3.85
C ASP A 144 5.48 -13.53 5.34
N ASN A 145 6.64 -14.04 5.77
CA ASN A 145 7.08 -13.88 7.17
C ASN A 145 8.59 -14.07 7.32
N GLY A 146 9.16 -13.58 8.44
CA GLY A 146 10.58 -13.80 8.73
C GLY A 146 11.44 -12.54 8.77
N ILE A 147 11.11 -11.53 7.98
CA ILE A 147 11.99 -10.33 7.86
C ILE A 147 12.19 -9.70 9.25
N GLN A 148 11.35 -10.07 10.22
CA GLN A 148 11.48 -9.51 11.59
C GLN A 148 11.46 -10.64 12.62
N GLY A 149 12.18 -11.74 12.36
CA GLY A 149 12.27 -12.84 13.32
C GLY A 149 13.71 -13.13 13.69
N HIS A 150 14.55 -12.09 13.74
CA HIS A 150 16.01 -12.26 13.99
C HIS A 150 16.28 -13.26 15.13
N ASN A 151 15.64 -13.07 16.27
CA ASN A 151 15.95 -13.93 17.45
C ASN A 151 15.65 -15.40 17.13
N GLU A 152 14.43 -15.71 16.69
CA GLU A 152 14.05 -17.11 16.46
C GLU A 152 14.95 -17.72 15.36
N ILE A 153 15.18 -16.97 14.29
CA ILE A 153 15.98 -17.51 13.15
C ILE A 153 17.37 -17.88 13.69
N LYS A 154 18.00 -16.96 14.44
CA LYS A 154 19.38 -17.20 14.94
C LYS A 154 19.38 -18.46 15.80
N MET A 155 18.41 -18.60 16.69
CA MET A 155 18.40 -19.77 17.61
C MET A 155 18.44 -21.05 16.78
N VAL A 156 17.53 -21.18 15.80
CA VAL A 156 17.45 -22.45 15.03
C VAL A 156 18.66 -22.55 14.09
N GLN A 157 19.15 -21.41 13.59
CA GLN A 157 20.32 -21.42 12.69
C GLN A 157 21.51 -21.97 13.48
N ASP A 158 21.59 -21.63 14.77
CA ASP A 158 22.68 -22.15 15.64
C ASP A 158 22.40 -23.61 15.98
N LEU A 159 21.15 -24.06 15.83
CA LEU A 159 20.82 -25.48 16.06
C LEU A 159 21.12 -26.28 14.79
N GLY A 160 21.52 -25.59 13.71
CA GLY A 160 21.92 -26.30 12.47
C GLY A 160 20.82 -26.32 11.43
N VAL A 161 19.71 -25.60 11.67
CA VAL A 161 18.59 -25.55 10.69
C VAL A 161 18.66 -24.22 9.93
N ASP A 162 19.02 -24.28 8.64
CA ASP A 162 19.13 -23.04 7.82
C ASP A 162 17.73 -22.46 7.60
N VAL A 163 17.62 -21.13 7.55
CA VAL A 163 16.31 -20.47 7.31
C VAL A 163 16.44 -19.52 6.11
N ILE A 164 15.61 -19.70 5.09
CA ILE A 164 15.60 -18.77 3.93
C ILE A 164 14.37 -17.87 4.08
N VAL A 165 14.59 -16.57 4.25
CA VAL A 165 13.44 -15.65 4.51
C VAL A 165 12.91 -15.08 3.20
N THR A 166 11.61 -15.26 2.94
CA THR A 166 10.98 -14.64 1.75
C THR A 166 9.79 -13.82 2.25
N ASP A 167 9.87 -12.49 2.13
CA ASP A 167 8.79 -11.63 2.65
C ASP A 167 8.73 -10.36 1.78
N HIS A 168 7.69 -9.54 1.97
CA HIS A 168 7.60 -8.26 1.23
C HIS A 168 7.22 -7.16 2.22
N HIS A 169 7.01 -7.54 3.48
CA HIS A 169 6.59 -6.55 4.51
C HIS A 169 7.76 -5.63 4.84
N GLU A 170 7.48 -4.38 5.19
CA GLU A 170 8.56 -3.37 5.43
C GLU A 170 9.74 -3.98 6.17
N ILE A 171 10.95 -3.76 5.65
CA ILE A 171 12.18 -4.25 6.33
C ILE A 171 12.55 -3.28 7.46
N GLY A 172 13.33 -3.76 8.44
CA GLY A 172 13.78 -2.88 9.53
C GLY A 172 15.18 -2.36 9.26
N SER A 173 15.79 -1.69 10.25
CA SER A 173 17.19 -1.22 10.09
C SER A 173 18.13 -2.43 10.16
N THR A 174 17.71 -3.50 10.82
CA THR A 174 18.56 -4.71 10.94
C THR A 174 17.92 -5.88 10.19
N LEU A 175 18.72 -6.63 9.42
CA LEU A 175 18.20 -7.81 8.69
C LEU A 175 18.53 -9.07 9.51
N PRO A 176 17.60 -10.03 9.65
CA PRO A 176 17.84 -11.21 10.50
C PRO A 176 19.02 -12.05 10.01
N GLU A 177 19.69 -12.75 10.93
CA GLU A 177 20.86 -13.57 10.56
C GLU A 177 20.36 -14.89 9.97
N ALA A 178 20.39 -15.01 8.64
CA ALA A 178 19.88 -16.23 7.99
C ALA A 178 20.69 -16.52 6.72
N TYR A 179 20.61 -17.76 6.23
CA TYR A 179 21.42 -18.14 5.04
C TYR A 179 21.11 -17.15 3.92
N ALA A 180 19.83 -16.88 3.67
CA ALA A 180 19.46 -15.99 2.55
C ALA A 180 18.19 -15.19 2.90
N ILE A 181 18.06 -13.99 2.35
CA ILE A 181 16.86 -13.16 2.57
C ILE A 181 16.35 -12.69 1.21
N VAL A 182 15.23 -13.24 0.74
CA VAL A 182 14.65 -12.78 -0.55
C VAL A 182 13.59 -11.72 -0.23
N HIS A 183 13.90 -10.46 -0.51
CA HIS A 183 12.95 -9.35 -0.26
C HIS A 183 13.06 -8.36 -1.43
N PRO A 184 11.94 -7.99 -2.07
CA PRO A 184 11.98 -7.08 -3.21
C PRO A 184 12.59 -5.75 -2.77
N MET A 185 12.29 -5.32 -1.54
CA MET A 185 12.84 -4.05 -1.00
C MET A 185 13.98 -4.39 -0.03
N HIS A 186 15.07 -4.95 -0.53
CA HIS A 186 16.24 -5.30 0.33
C HIS A 186 17.33 -4.26 0.09
N PRO A 187 18.04 -3.80 1.14
CA PRO A 187 19.02 -2.73 0.98
C PRO A 187 20.14 -3.01 -0.04
N SER A 188 20.78 -4.18 0.05
CA SER A 188 21.95 -4.47 -0.83
C SER A 188 21.55 -4.70 -2.29
N PHE A 189 20.29 -4.98 -2.60
CA PHE A 189 19.95 -5.31 -4.01
C PHE A 189 18.90 -4.36 -4.56
N ASN A 190 18.72 -4.34 -5.88
CA ASN A 190 17.72 -3.46 -6.53
C ASN A 190 16.99 -4.24 -7.63
N TYR A 191 15.72 -4.56 -7.41
CA TYR A 191 14.94 -5.33 -8.41
C TYR A 191 13.94 -4.37 -9.08
N PRO A 192 13.73 -4.47 -10.41
CA PRO A 192 12.82 -3.57 -11.11
C PRO A 192 11.53 -3.25 -10.33
N PHE A 193 10.74 -4.28 -9.97
CA PHE A 193 9.45 -4.04 -9.26
C PHE A 193 9.60 -4.43 -7.79
N GLN A 194 9.35 -3.50 -6.88
CA GLN A 194 9.58 -3.79 -5.45
C GLN A 194 8.25 -3.90 -4.69
N GLN A 195 7.13 -3.90 -5.41
CA GLN A 195 5.81 -3.94 -4.73
C GLN A 195 5.17 -5.31 -4.98
N LEU A 196 5.97 -6.38 -4.95
CA LEU A 196 5.45 -7.76 -5.15
C LEU A 196 4.85 -8.27 -3.84
N CYS A 197 3.91 -9.22 -3.92
CA CYS A 197 3.32 -9.83 -2.70
C CYS A 197 4.08 -11.11 -2.37
N GLY A 198 3.76 -11.73 -1.23
CA GLY A 198 4.44 -12.98 -0.85
C GLY A 198 4.31 -14.01 -1.96
N ALA A 199 3.10 -14.13 -2.53
CA ALA A 199 2.88 -15.08 -3.63
C ALA A 199 3.71 -14.66 -4.85
N GLY A 200 3.85 -13.34 -5.06
CA GLY A 200 4.66 -12.84 -6.19
C GLY A 200 6.12 -13.21 -5.99
N VAL A 201 6.64 -13.05 -4.78
CA VAL A 201 8.04 -13.43 -4.48
C VAL A 201 8.19 -14.93 -4.72
N ALA A 202 7.21 -15.71 -4.26
CA ALA A 202 7.25 -17.18 -4.46
C ALA A 202 7.21 -17.50 -5.96
N TYR A 203 6.37 -16.81 -6.72
CA TYR A 203 6.26 -17.05 -8.17
C TYR A 203 7.63 -16.88 -8.81
N LYS A 204 8.36 -15.83 -8.41
CA LYS A 204 9.69 -15.56 -9.02
C LYS A 204 10.69 -16.62 -8.57
N LEU A 205 10.67 -17.00 -7.29
CA LEU A 205 11.56 -18.09 -6.82
C LEU A 205 11.23 -19.35 -7.61
N ALA A 206 9.94 -19.61 -7.82
CA ALA A 206 9.51 -20.79 -8.60
C ALA A 206 10.03 -20.67 -10.03
N GLN A 207 9.84 -19.50 -10.65
CA GLN A 207 10.25 -19.31 -12.06
C GLN A 207 11.76 -19.51 -12.19
N ALA A 208 12.47 -19.41 -11.06
CA ALA A 208 13.95 -19.58 -11.07
C ALA A 208 14.30 -21.04 -10.81
N LEU A 209 13.61 -21.69 -9.86
CA LEU A 209 13.85 -23.12 -9.57
C LEU A 209 13.37 -23.94 -10.78
N ILE A 210 12.17 -23.66 -11.28
CA ILE A 210 11.65 -24.36 -12.50
C ILE A 210 11.43 -23.29 -13.58
N GLU A 211 11.91 -23.53 -14.80
CA GLU A 211 11.82 -22.49 -15.85
C GLU A 211 10.36 -22.14 -16.11
N ASN A 212 9.54 -23.14 -16.44
CA ASN A 212 8.12 -22.87 -16.79
C ASN A 212 7.25 -23.22 -15.58
N VAL A 213 6.41 -22.30 -15.14
CA VAL A 213 5.62 -22.52 -13.90
C VAL A 213 4.19 -22.91 -14.27
N PRO A 214 3.55 -23.82 -13.52
CA PRO A 214 2.16 -24.16 -13.76
C PRO A 214 1.30 -22.89 -13.78
N ASP A 215 0.26 -22.85 -14.62
CA ASP A 215 -0.58 -21.62 -14.76
C ASP A 215 -1.38 -21.38 -13.47
N TYR A 216 -1.67 -22.42 -12.70
CA TYR A 216 -2.37 -22.24 -11.41
C TYR A 216 -1.61 -21.21 -10.59
N PHE A 217 -0.28 -21.26 -10.66
CA PHE A 217 0.56 -20.34 -9.85
C PHE A 217 0.18 -18.88 -10.14
N LYS A 218 -0.09 -18.56 -11.40
CA LYS A 218 -0.41 -17.16 -11.78
C LYS A 218 -1.72 -16.73 -11.09
N ALA A 219 -2.72 -17.60 -11.13
CA ALA A 219 -4.01 -17.29 -10.47
C ALA A 219 -3.80 -17.14 -8.96
N LEU A 220 -2.95 -17.98 -8.39
CA LEU A 220 -2.68 -17.93 -6.92
C LEU A 220 -2.01 -16.59 -6.59
N VAL A 221 -1.05 -16.17 -7.41
CA VAL A 221 -0.39 -14.84 -7.20
C VAL A 221 -1.47 -13.76 -7.29
N ALA A 222 -2.36 -13.87 -8.28
CA ALA A 222 -3.44 -12.87 -8.45
C ALA A 222 -4.26 -12.77 -7.17
N ILE A 223 -4.67 -13.90 -6.61
CA ILE A 223 -5.53 -13.88 -5.40
C ILE A 223 -4.81 -13.13 -4.29
N GLY A 224 -3.55 -13.48 -4.02
CA GLY A 224 -2.80 -12.84 -2.92
C GLY A 224 -2.45 -11.40 -3.20
N THR A 225 -2.07 -11.08 -4.45
CA THR A 225 -1.63 -9.70 -4.77
C THR A 225 -2.81 -8.73 -4.61
N ILE A 226 -4.03 -9.21 -4.87
CA ILE A 226 -5.23 -8.33 -4.77
C ILE A 226 -5.67 -8.29 -3.30
N ALA A 227 -5.32 -9.31 -2.53
CA ALA A 227 -5.75 -9.38 -1.11
C ALA A 227 -4.78 -8.60 -0.22
N ASP A 228 -3.48 -8.68 -0.48
CA ASP A 228 -2.47 -7.93 0.31
C ASP A 228 -2.57 -6.45 -0.10
N LEU A 229 -3.39 -6.12 -1.10
CA LEU A 229 -3.59 -4.72 -1.53
C LEU A 229 -2.25 -4.09 -1.87
N VAL A 230 -1.42 -4.81 -2.62
CA VAL A 230 -0.11 -4.24 -3.06
C VAL A 230 -0.34 -3.46 -4.36
N SER A 231 0.65 -2.70 -4.81
CA SER A 231 0.50 -1.85 -5.99
C SER A 231 0.08 -2.64 -7.21
N LEU A 232 -0.98 -2.19 -7.86
CA LEU A 232 -1.47 -2.83 -9.08
C LEU A 232 -0.92 -2.12 -10.31
N THR A 233 0.41 -2.06 -10.36
CA THR A 233 1.18 -1.51 -11.45
C THR A 233 2.19 -2.55 -11.91
N ASP A 234 2.98 -2.20 -12.95
CA ASP A 234 4.10 -3.00 -13.41
C ASP A 234 3.78 -4.49 -13.40
N GLU A 235 4.61 -5.27 -12.71
CA GLU A 235 4.48 -6.74 -12.72
C GLU A 235 3.12 -7.21 -12.19
N ASN A 236 2.78 -6.80 -10.97
CA ASN A 236 1.52 -7.17 -10.33
C ASN A 236 0.34 -7.06 -11.30
N ARG A 237 0.37 -6.04 -12.15
CA ARG A 237 -0.71 -5.83 -13.10
C ARG A 237 -0.81 -6.95 -14.12
N SER A 238 0.32 -7.37 -14.70
CA SER A 238 0.29 -8.44 -15.70
C SER A 238 -0.10 -9.78 -15.10
N LEU A 239 0.45 -10.12 -13.94
CA LEU A 239 0.09 -11.39 -13.30
C LEU A 239 -1.39 -11.45 -13.00
N VAL A 240 -2.00 -10.32 -12.63
CA VAL A 240 -3.43 -10.31 -12.34
C VAL A 240 -4.24 -10.49 -13.61
N LYS A 241 -3.86 -9.79 -14.69
CA LYS A 241 -4.55 -10.02 -15.96
C LYS A 241 -4.37 -11.46 -16.41
N GLN A 242 -3.19 -12.04 -16.13
CA GLN A 242 -2.98 -13.45 -16.42
C GLN A 242 -3.71 -14.33 -15.43
N GLY A 243 -3.60 -14.03 -14.13
CA GLY A 243 -4.26 -14.87 -13.16
C GLY A 243 -5.76 -14.76 -13.24
N LEU A 244 -6.29 -13.62 -13.68
CA LEU A 244 -7.71 -13.50 -13.95
C LEU A 244 -8.09 -14.18 -15.24
N LYS A 245 -7.20 -14.13 -16.23
CA LYS A 245 -7.37 -14.91 -17.44
C LYS A 245 -7.48 -16.41 -17.14
N VAL A 246 -6.58 -16.93 -16.30
CA VAL A 246 -6.58 -18.36 -15.99
C VAL A 246 -7.87 -18.76 -15.29
N LEU A 247 -8.25 -18.01 -14.26
CA LEU A 247 -9.42 -18.37 -13.47
C LEU A 247 -10.68 -18.46 -14.32
N ASN A 248 -10.71 -17.81 -15.48
CA ASN A 248 -11.88 -17.88 -16.33
C ASN A 248 -11.76 -19.00 -17.36
N ASP A 249 -10.65 -19.02 -18.12
CA ASP A 249 -10.45 -20.06 -19.12
C ASP A 249 -10.35 -21.45 -18.49
N GLN A 250 -9.47 -21.61 -17.50
CA GLN A 250 -9.10 -22.93 -16.99
C GLN A 250 -9.28 -22.94 -15.49
N CYS A 251 -10.48 -22.63 -15.02
CA CYS A 251 -10.68 -22.42 -13.59
C CYS A 251 -10.18 -23.60 -12.77
N PRO A 252 -9.38 -23.36 -11.73
CA PRO A 252 -8.83 -24.45 -10.93
C PRO A 252 -9.90 -25.21 -10.15
N THR A 253 -9.60 -26.47 -9.85
CA THR A 253 -10.53 -27.27 -9.07
C THR A 253 -10.81 -26.64 -7.71
N SER A 254 -9.75 -26.23 -7.00
CA SER A 254 -9.90 -25.69 -5.66
C SER A 254 -10.80 -24.46 -5.65
N VAL A 255 -10.56 -23.52 -6.56
CA VAL A 255 -11.31 -22.26 -6.55
C VAL A 255 -12.75 -22.48 -7.00
N LYS A 256 -12.96 -23.33 -8.02
CA LYS A 256 -14.32 -23.68 -8.45
C LYS A 256 -15.20 -24.06 -7.28
N ALA A 257 -14.72 -24.98 -6.43
CA ALA A 257 -15.49 -25.46 -5.31
C ALA A 257 -15.90 -24.32 -4.38
N LEU A 258 -14.99 -23.37 -4.17
CA LEU A 258 -15.27 -22.22 -3.33
C LEU A 258 -16.46 -21.42 -3.86
N LEU A 259 -16.35 -20.91 -5.09
CA LEU A 259 -17.39 -20.06 -5.64
C LEU A 259 -18.71 -20.81 -5.81
N LYS A 260 -18.66 -22.14 -5.83
CA LYS A 260 -19.89 -22.93 -5.80
C LYS A 260 -20.53 -22.91 -4.41
N GLU A 261 -19.71 -22.74 -3.37
CA GLU A 261 -20.25 -22.57 -2.03
C GLU A 261 -20.83 -21.18 -1.84
N ALA A 262 -20.18 -20.15 -2.40
CA ALA A 262 -20.75 -18.81 -2.39
C ALA A 262 -21.98 -18.72 -3.27
N GLY A 263 -22.05 -19.53 -4.32
CA GLY A 263 -23.13 -19.43 -5.29
C GLY A 263 -22.83 -18.45 -6.41
N TYR A 264 -21.56 -18.23 -6.69
CA TYR A 264 -21.11 -17.27 -7.68
C TYR A 264 -20.64 -18.02 -8.92
N ASN A 265 -21.18 -17.63 -10.07
CA ASN A 265 -20.76 -18.22 -11.33
C ASN A 265 -20.49 -17.19 -12.42
N ASP A 266 -20.48 -15.90 -12.12
CA ASP A 266 -20.39 -14.94 -13.20
C ASP A 266 -18.92 -14.71 -13.49
N ASN A 267 -18.62 -13.92 -14.52
CA ASN A 267 -17.23 -13.76 -14.92
C ASN A 267 -16.44 -13.24 -13.71
N ILE A 268 -15.19 -13.68 -13.61
CA ILE A 268 -14.36 -13.42 -12.43
C ILE A 268 -13.42 -12.26 -12.75
N ASP A 269 -13.34 -11.31 -11.83
CA ASP A 269 -12.41 -10.19 -11.98
C ASP A 269 -11.84 -9.87 -10.59
N GLU A 270 -11.19 -8.71 -10.48
CA GLU A 270 -10.44 -8.39 -9.28
C GLU A 270 -11.33 -8.23 -8.04
N GLU A 271 -12.57 -7.76 -8.20
CA GLU A 271 -13.49 -7.66 -7.07
C GLU A 271 -13.88 -9.04 -6.53
N THR A 272 -14.12 -10.01 -7.40
CA THR A 272 -14.32 -11.38 -6.93
C THR A 272 -13.15 -11.81 -6.07
N ILE A 273 -11.94 -11.54 -6.57
CA ILE A 273 -10.74 -11.85 -5.81
C ILE A 273 -10.67 -10.99 -4.56
N GLY A 274 -11.26 -9.80 -4.60
CA GLY A 274 -11.26 -8.90 -3.47
C GLY A 274 -12.31 -9.20 -2.41
N PHE A 275 -13.58 -9.29 -2.82
CA PHE A 275 -14.72 -9.38 -1.91
C PHE A 275 -15.21 -10.81 -1.68
N ILE A 276 -14.83 -11.76 -2.52
CA ILE A 276 -15.49 -13.06 -2.57
C ILE A 276 -14.51 -14.15 -2.17
N ILE A 277 -13.34 -14.17 -2.81
CA ILE A 277 -12.39 -15.26 -2.64
C ILE A 277 -11.38 -14.95 -1.55
N GLY A 278 -10.78 -13.76 -1.59
CA GLY A 278 -9.92 -13.26 -0.54
C GLY A 278 -10.49 -13.37 0.86
N PRO A 279 -11.65 -12.76 1.10
CA PRO A 279 -12.20 -12.74 2.47
C PRO A 279 -12.61 -14.10 2.97
N ARG A 280 -12.76 -15.09 2.11
CA ARG A 280 -13.09 -16.43 2.58
C ARG A 280 -11.87 -17.17 3.09
N LEU A 281 -10.73 -16.99 2.40
CA LEU A 281 -9.48 -17.68 2.81
C LEU A 281 -8.99 -17.09 4.14
N ASN A 282 -9.24 -15.80 4.38
CA ASN A 282 -8.81 -15.14 5.64
C ASN A 282 -9.68 -15.65 6.80
N ALA A 283 -10.98 -15.79 6.57
CA ALA A 283 -11.91 -16.23 7.64
C ALA A 283 -11.34 -17.43 8.38
N VAL A 284 -10.80 -18.42 7.66
CA VAL A 284 -10.35 -19.61 8.35
C VAL A 284 -9.27 -19.24 9.36
N GLY A 285 -8.28 -18.46 8.92
CA GLY A 285 -7.17 -18.09 9.81
C GLY A 285 -7.51 -17.03 10.83
N ARG A 286 -8.74 -16.51 10.79
CA ARG A 286 -9.18 -15.48 11.77
C ARG A 286 -10.03 -16.15 12.85
N LEU A 287 -10.60 -17.32 12.53
CA LEU A 287 -11.39 -18.09 13.55
C LEU A 287 -10.57 -19.33 13.88
N ASP A 288 -10.50 -20.29 12.95
CA ASP A 288 -9.62 -21.48 13.14
C ASP A 288 -8.31 -21.15 12.43
N ASP A 289 -7.41 -22.13 12.23
CA ASP A 289 -6.15 -21.92 11.48
C ASP A 289 -6.42 -22.04 9.97
N ALA A 290 -5.48 -21.66 9.11
CA ALA A 290 -5.75 -21.63 7.65
C ALA A 290 -5.20 -22.86 6.91
N SER A 291 -4.64 -23.85 7.62
CA SER A 291 -4.19 -25.10 6.95
C SER A 291 -5.31 -25.57 6.03
N LEU A 292 -6.55 -25.46 6.47
CA LEU A 292 -7.72 -25.86 5.64
C LEU A 292 -7.65 -25.12 4.30
N ALA A 293 -7.52 -23.80 4.34
CA ALA A 293 -7.49 -22.99 3.10
C ALA A 293 -6.30 -23.43 2.23
N CYS A 294 -5.17 -23.72 2.86
CA CYS A 294 -3.98 -24.21 2.12
C CYS A 294 -4.33 -25.57 1.53
N GLU A 295 -4.98 -26.42 2.33
CA GLU A 295 -5.37 -27.77 1.85
C GLU A 295 -6.41 -27.61 0.75
N LEU A 296 -7.28 -26.61 0.85
CA LEU A 296 -8.18 -26.43 -0.28
C LEU A 296 -7.40 -26.03 -1.53
N LEU A 297 -6.48 -25.07 -1.39
CA LEU A 297 -5.73 -24.63 -2.56
C LEU A 297 -4.83 -25.73 -3.12
N MET A 298 -4.39 -26.64 -2.26
CA MET A 298 -3.47 -27.71 -2.64
C MET A 298 -4.17 -28.91 -3.28
N THR A 299 -5.47 -29.04 -3.08
CA THR A 299 -6.25 -30.17 -3.58
C THR A 299 -6.91 -29.88 -4.94
N ASP A 300 -6.90 -30.91 -5.80
CA ASP A 300 -7.49 -30.78 -7.16
C ASP A 300 -8.46 -31.94 -7.39
N VAL A 301 -8.91 -32.60 -6.33
CA VAL A 301 -9.95 -33.66 -6.48
C VAL A 301 -11.30 -33.03 -6.12
N GLU A 302 -12.25 -33.02 -7.06
CA GLU A 302 -13.55 -32.33 -6.84
C GLU A 302 -14.19 -32.80 -5.52
N GLU A 303 -14.09 -34.08 -5.19
CA GLU A 303 -14.78 -34.61 -3.99
C GLU A 303 -14.25 -33.91 -2.73
N GLU A 304 -12.93 -33.86 -2.55
CA GLU A 304 -12.36 -33.26 -1.32
C GLU A 304 -12.43 -31.73 -1.41
N ALA A 305 -12.14 -31.18 -2.59
CA ALA A 305 -12.25 -29.72 -2.76
C ALA A 305 -13.65 -29.28 -2.33
N ALA A 306 -14.67 -30.06 -2.69
CA ALA A 306 -16.06 -29.71 -2.32
C ALA A 306 -16.26 -29.93 -0.83
N PHE A 307 -15.71 -31.01 -0.28
CA PHE A 307 -15.85 -31.18 1.16
C PHE A 307 -15.13 -30.07 1.89
N LEU A 308 -13.93 -29.71 1.44
CA LEU A 308 -13.15 -28.65 2.08
C LEU A 308 -13.74 -27.27 1.81
N ALA A 309 -14.34 -27.05 0.63
CA ALA A 309 -14.94 -25.75 0.39
C ALA A 309 -16.15 -25.54 1.28
N GLU A 310 -16.77 -26.61 1.75
CA GLU A 310 -17.83 -26.49 2.74
C GLU A 310 -17.29 -25.95 4.05
N GLN A 311 -16.17 -26.50 4.52
CA GLN A 311 -15.66 -26.13 5.85
C GLN A 311 -15.20 -24.68 5.87
N VAL A 312 -14.60 -24.21 4.78
CA VAL A 312 -14.29 -22.79 4.63
C VAL A 312 -15.55 -21.93 4.70
N GLU A 313 -16.52 -22.21 3.83
CA GLU A 313 -17.72 -21.38 3.76
C GLU A 313 -18.44 -21.31 5.09
N HIS A 314 -18.38 -22.39 5.87
CA HIS A 314 -18.91 -22.35 7.22
C HIS A 314 -18.24 -21.25 8.03
N PHE A 315 -16.91 -21.12 7.91
CA PHE A 315 -16.21 -20.06 8.64
C PHE A 315 -16.55 -18.68 8.12
N ASN A 316 -16.76 -18.54 6.82
CA ASN A 316 -17.22 -17.26 6.30
C ASN A 316 -18.54 -16.87 6.92
N ARG A 317 -19.45 -17.84 7.03
CA ARG A 317 -20.67 -17.62 7.79
C ARG A 317 -20.39 -17.03 9.16
N GLU A 318 -19.59 -17.73 9.96
CA GLU A 318 -19.40 -17.30 11.33
C GLU A 318 -18.73 -15.93 11.41
N ARG A 319 -17.73 -15.66 10.56
CA ARG A 319 -17.14 -14.32 10.59
C ARG A 319 -18.21 -13.25 10.38
N LYS A 320 -19.13 -13.45 9.43
CA LYS A 320 -20.17 -12.44 9.29
C LYS A 320 -20.93 -12.26 10.58
N ASP A 321 -21.23 -13.37 11.27
CA ASP A 321 -22.01 -13.25 12.49
C ASP A 321 -21.17 -12.68 13.63
N ILE A 322 -19.93 -13.13 13.79
CA ILE A 322 -19.10 -12.60 14.87
C ILE A 322 -18.80 -11.12 14.64
N VAL A 323 -18.51 -10.74 13.40
CA VAL A 323 -18.29 -9.32 13.11
C VAL A 323 -19.57 -8.53 13.37
N ALA A 324 -20.70 -9.04 12.89
CA ALA A 324 -21.99 -8.37 13.06
C ALA A 324 -22.27 -8.07 14.52
N THR A 325 -22.04 -9.06 15.41
CA THR A 325 -22.34 -8.85 16.81
C THR A 325 -21.39 -7.85 17.45
N ILE A 326 -20.08 -8.03 17.24
CA ILE A 326 -19.10 -7.15 17.86
C ILE A 326 -19.37 -5.72 17.45
N THR A 327 -19.72 -5.54 16.18
CA THR A 327 -19.98 -4.20 15.66
C THR A 327 -21.22 -3.59 16.28
N GLU A 328 -22.29 -4.37 16.43
CA GLU A 328 -23.49 -3.88 17.10
C GLU A 328 -23.14 -3.26 18.44
N GLU A 329 -22.41 -4.00 19.27
CA GLU A 329 -21.98 -3.50 20.56
C GLU A 329 -21.06 -2.30 20.42
N ALA A 330 -20.15 -2.34 19.45
CA ALA A 330 -19.15 -1.28 19.36
C ALA A 330 -19.72 -0.02 18.75
N MET A 331 -20.60 -0.16 17.75
CA MET A 331 -21.27 1.01 17.20
C MET A 331 -22.09 1.71 18.28
N ALA A 332 -22.68 0.96 19.22
CA ALA A 332 -23.38 1.58 20.33
C ALA A 332 -22.43 2.38 21.21
N MET A 333 -21.27 1.81 21.53
CA MET A 333 -20.29 2.49 22.42
C MET A 333 -19.74 3.72 21.70
N ALA A 334 -19.44 3.60 20.41
CA ALA A 334 -18.82 4.71 19.65
C ALA A 334 -19.77 5.90 19.58
N GLU A 335 -21.07 5.64 19.45
CA GLU A 335 -22.05 6.74 19.32
C GLU A 335 -21.99 7.64 20.56
N THR A 336 -21.87 7.02 21.74
CA THR A 336 -21.80 7.79 23.01
C THR A 336 -20.52 8.63 23.02
N LYS A 337 -19.38 8.01 22.70
CA LYS A 337 -18.07 8.72 22.75
C LYS A 337 -18.10 9.93 21.81
N VAL A 338 -18.53 9.74 20.57
CA VAL A 338 -18.54 10.85 19.58
C VAL A 338 -19.56 11.90 20.03
N LYS A 339 -20.66 11.46 20.66
CA LYS A 339 -21.66 12.42 21.18
C LYS A 339 -21.04 13.18 22.36
N LYS A 340 -20.09 12.56 23.07
CA LYS A 340 -19.40 13.32 24.15
C LYS A 340 -18.25 14.12 23.54
N GLY A 341 -18.00 13.95 22.25
CA GLY A 341 -16.97 14.77 21.58
C GLY A 341 -15.60 14.13 21.57
N ASP A 342 -15.50 12.80 21.55
CA ASP A 342 -14.19 12.22 21.44
C ASP A 342 -13.75 12.38 20.00
N LEU A 343 -12.45 12.40 19.78
CA LEU A 343 -11.93 12.44 18.43
C LEU A 343 -11.14 11.19 18.14
N PHE A 344 -10.87 10.37 19.14
CA PHE A 344 -10.28 9.06 18.99
C PHE A 344 -11.19 8.02 19.62
N LEU A 345 -11.68 7.10 18.81
CA LEU A 345 -12.62 6.08 19.27
C LEU A 345 -11.81 4.92 19.81
N LEU A 346 -11.74 4.81 21.14
CA LEU A 346 -11.03 3.71 21.77
C LEU A 346 -12.10 2.91 22.49
N LEU A 347 -12.46 1.78 21.91
CA LEU A 347 -13.55 0.96 22.39
C LEU A 347 -12.93 -0.31 22.95
N ALA A 348 -13.32 -0.68 24.16
CA ALA A 348 -12.74 -1.85 24.81
C ALA A 348 -13.85 -2.57 25.54
N LYS A 349 -14.04 -3.84 25.19
CA LYS A 349 -15.05 -4.67 25.83
C LYS A 349 -14.52 -6.09 25.96
N GLU A 350 -15.35 -6.95 26.54
CA GLU A 350 -15.01 -8.33 26.83
C GLU A 350 -15.74 -9.28 25.89
N ASN A 351 -15.25 -10.52 25.86
CA ASN A 351 -15.76 -11.54 24.93
C ASN A 351 -15.73 -11.06 23.48
N TRP A 352 -14.80 -10.17 23.15
CA TRP A 352 -14.65 -9.68 21.78
C TRP A 352 -13.65 -10.55 21.05
N HIS A 353 -14.11 -11.31 20.06
CA HIS A 353 -13.22 -12.21 19.32
C HIS A 353 -12.18 -11.41 18.57
N GLU A 354 -10.92 -11.79 18.72
CA GLU A 354 -9.82 -10.95 18.26
C GLU A 354 -9.53 -11.13 16.77
N GLY A 355 -9.82 -12.30 16.23
CA GLY A 355 -9.54 -12.54 14.82
C GLY A 355 -10.26 -11.59 13.88
N VAL A 356 -11.32 -10.94 14.33
CA VAL A 356 -12.13 -10.07 13.48
C VAL A 356 -12.06 -8.60 13.91
N LEU A 357 -11.18 -8.26 14.86
CA LEU A 357 -11.19 -6.91 15.43
C LEU A 357 -10.76 -5.85 14.43
N GLY A 358 -9.68 -6.10 13.67
CA GLY A 358 -9.29 -5.16 12.62
C GLY A 358 -10.43 -4.89 11.66
N ILE A 359 -11.18 -5.93 11.32
CA ILE A 359 -12.37 -5.78 10.48
C ILE A 359 -13.37 -4.84 11.14
N VAL A 360 -13.68 -5.09 12.42
CA VAL A 360 -14.66 -4.26 13.11
C VAL A 360 -14.20 -2.81 13.15
N ALA A 361 -12.90 -2.59 13.29
CA ALA A 361 -12.39 -1.23 13.34
C ALA A 361 -12.57 -0.49 12.02
N SER A 362 -12.47 -1.21 10.89
CA SER A 362 -12.63 -0.54 9.61
C SER A 362 -14.06 -0.05 9.42
N LYS A 363 -15.02 -0.82 9.89
CA LYS A 363 -16.41 -0.40 9.83
C LYS A 363 -16.64 0.84 10.71
N ILE A 364 -15.93 0.92 11.84
CA ILE A 364 -16.05 2.08 12.73
C ILE A 364 -15.44 3.33 12.10
N VAL A 365 -14.29 3.21 11.42
CA VAL A 365 -13.68 4.40 10.85
C VAL A 365 -14.49 4.90 9.66
N GLU A 366 -15.15 3.99 8.96
CA GLU A 366 -15.93 4.39 7.81
C GLU A 366 -17.24 5.02 8.23
N THR A 367 -17.77 4.58 9.35
CA THR A 367 -19.04 5.11 9.81
C THR A 367 -18.86 6.45 10.52
N PHE A 368 -17.68 6.69 11.10
CA PHE A 368 -17.44 7.90 11.88
C PHE A 368 -16.31 8.77 11.37
N ALA A 369 -15.46 8.26 10.48
CA ALA A 369 -14.34 9.02 9.92
C ALA A 369 -13.34 9.43 11.01
N LEU A 370 -13.25 8.64 12.08
CA LEU A 370 -12.37 8.92 13.21
C LEU A 370 -11.44 7.74 13.41
N PRO A 371 -10.21 7.97 13.89
CA PRO A 371 -9.30 6.86 14.18
C PRO A 371 -9.78 6.05 15.38
N THR A 372 -9.70 4.72 15.24
CA THR A 372 -10.32 3.83 16.19
C THR A 372 -9.36 2.77 16.73
N LEU A 373 -9.40 2.56 18.06
CA LEU A 373 -8.80 1.39 18.69
C LEU A 373 -9.91 0.51 19.26
N ILE A 374 -9.88 -0.77 18.90
CA ILE A 374 -10.90 -1.76 19.27
C ILE A 374 -10.21 -2.80 20.11
N LEU A 375 -10.56 -2.92 21.39
CA LEU A 375 -9.78 -3.84 22.28
C LEU A 375 -10.65 -4.92 22.91
N ASN A 376 -10.08 -6.12 23.11
CA ASN A 376 -10.80 -7.19 23.84
C ASN A 376 -10.20 -7.25 25.25
N ILE A 377 -11.03 -7.04 26.27
CA ILE A 377 -10.54 -7.12 27.67
C ILE A 377 -10.50 -8.60 28.07
N ASP A 378 -9.33 -9.21 28.05
CA ASP A 378 -9.19 -10.63 28.50
C ASP A 378 -8.78 -10.65 29.97
N ARG A 379 -9.77 -10.77 30.87
CA ARG A 379 -9.49 -10.75 32.32
C ARG A 379 -8.87 -12.08 32.77
N GLU A 380 -8.83 -13.07 31.88
CA GLU A 380 -8.20 -14.38 32.21
C GLU A 380 -6.71 -14.30 31.88
N GLN A 381 -6.27 -13.18 31.32
CA GLN A 381 -4.84 -12.99 30.97
C GLN A 381 -4.49 -11.54 31.28
N ASN A 382 -5.41 -10.82 31.91
CA ASN A 382 -5.14 -9.42 32.35
C ASN A 382 -4.41 -8.67 31.23
N HIS A 383 -4.84 -8.86 29.99
CA HIS A 383 -4.26 -8.07 28.86
C HIS A 383 -5.43 -7.56 28.02
N ALA A 384 -5.20 -6.48 27.28
CA ALA A 384 -6.23 -5.96 26.36
C ALA A 384 -5.65 -6.00 24.96
N LYS A 385 -5.92 -7.07 24.22
CA LYS A 385 -5.37 -7.22 22.85
C LYS A 385 -6.41 -6.75 21.86
N GLY A 386 -6.00 -5.96 20.87
CA GLY A 386 -6.99 -5.43 19.92
C GLY A 386 -6.38 -4.93 18.63
N SER A 387 -7.14 -4.15 17.87
CA SER A 387 -6.66 -3.65 16.57
C SER A 387 -7.00 -2.17 16.41
N ALA A 388 -6.33 -1.51 15.48
CA ALA A 388 -6.51 -0.08 15.25
C ALA A 388 -6.61 0.19 13.76
N ARG A 389 -7.45 1.16 13.41
CA ARG A 389 -7.52 1.66 12.05
C ARG A 389 -7.57 3.17 12.10
N SER A 390 -7.08 3.80 11.04
CA SER A 390 -6.73 5.21 11.08
C SER A 390 -7.49 5.97 10.00
N ILE A 391 -7.39 7.29 10.04
CA ILE A 391 -7.72 8.16 8.93
C ILE A 391 -6.43 8.77 8.39
N ASP A 392 -6.47 9.25 7.14
CA ASP A 392 -5.25 9.76 6.51
C ASP A 392 -4.62 10.91 7.27
N GLN A 393 -5.44 11.77 7.86
CA GLN A 393 -4.89 12.95 8.56
C GLN A 393 -4.16 12.52 9.84
N VAL A 394 -4.08 11.22 10.14
CA VAL A 394 -3.47 10.77 11.44
C VAL A 394 -2.63 9.51 11.22
N SER A 395 -1.40 9.47 11.74
CA SER A 395 -0.57 8.25 11.67
C SER A 395 -0.78 7.41 12.93
N MET A 396 -1.28 6.18 12.77
CA MET A 396 -1.58 5.33 13.96
C MET A 396 -0.26 5.03 14.67
N PHE A 397 0.85 5.01 13.93
CA PHE A 397 2.12 4.77 14.59
C PHE A 397 2.52 5.94 15.48
N GLU A 398 2.51 7.16 14.95
CA GLU A 398 2.95 8.31 15.74
C GLU A 398 2.16 8.44 17.04
N ILE A 399 0.83 8.51 16.94
CA ILE A 399 0.03 8.83 18.11
C ILE A 399 0.13 7.74 19.18
N LEU A 400 0.44 6.51 18.78
CA LEU A 400 0.67 5.49 19.78
C LEU A 400 2.08 5.57 20.34
N SER A 401 3.05 5.94 19.50
CA SER A 401 4.40 6.05 20.00
C SER A 401 4.51 7.21 20.98
N ALA A 402 3.65 8.21 20.82
CA ALA A 402 3.68 9.35 21.72
C ALA A 402 2.97 9.00 23.03
N HIS A 403 2.20 7.92 23.02
CA HIS A 403 1.47 7.44 24.19
C HIS A 403 1.96 6.07 24.61
N GLN A 404 3.12 5.69 24.12
CA GLN A 404 3.68 4.34 24.25
C GLN A 404 3.97 3.96 25.70
N GLU A 405 3.98 4.93 26.60
CA GLU A 405 4.35 4.64 28.02
C GLU A 405 3.23 3.82 28.66
N LEU A 406 2.01 3.93 28.13
CA LEU A 406 0.84 3.21 28.69
C LEU A 406 0.64 1.92 27.90
N ILE A 407 1.41 1.71 26.85
CA ILE A 407 1.21 0.52 25.96
C ILE A 407 2.38 -0.45 26.17
N ALA A 408 2.09 -1.74 26.26
CA ALA A 408 3.14 -2.75 26.52
C ALA A 408 3.75 -3.25 25.22
N LYS A 409 2.92 -3.59 24.24
CA LYS A 409 3.44 -4.04 22.93
C LYS A 409 2.54 -3.52 21.80
N PHE A 410 3.09 -2.72 20.88
CA PHE A 410 2.26 -2.13 19.79
C PHE A 410 3.04 -2.16 18.48
N GLY A 411 2.49 -2.78 17.44
CA GLY A 411 3.16 -2.79 16.12
C GLY A 411 2.18 -2.53 14.99
N GLY A 412 2.56 -1.68 14.03
CA GLY A 412 1.68 -1.36 12.89
C GLY A 412 2.26 -0.24 12.05
N HIS A 413 1.39 0.63 11.49
CA HIS A 413 1.86 1.73 10.61
C HIS A 413 0.91 2.93 10.72
N HIS A 414 0.91 3.78 9.70
CA HIS A 414 0.07 5.02 9.72
C HIS A 414 -1.42 4.69 9.66
N MET A 415 -1.83 3.71 8.85
CA MET A 415 -3.28 3.45 8.65
C MET A 415 -3.79 2.36 9.60
N ALA A 416 -2.91 1.54 10.17
CA ALA A 416 -3.38 0.42 11.02
C ALA A 416 -2.29 -0.01 12.00
N ALA A 417 -2.68 -0.73 13.06
CA ALA A 417 -1.70 -1.24 14.04
C ALA A 417 -2.33 -2.29 14.95
N GLY A 418 -1.50 -3.09 15.62
CA GLY A 418 -1.99 -4.09 16.60
C GLY A 418 -1.39 -3.79 17.96
N MET A 419 -2.14 -4.01 19.05
CA MET A 419 -1.63 -3.59 20.37
C MET A 419 -2.00 -4.56 21.49
N THR A 420 -1.19 -4.59 22.55
CA THR A 420 -1.51 -5.40 23.76
C THR A 420 -1.16 -4.51 24.96
N MET A 421 -2.13 -4.23 25.84
CA MET A 421 -1.87 -3.28 26.96
C MET A 421 -2.51 -3.78 28.26
N ASP A 422 -2.54 -2.93 29.29
CA ASP A 422 -3.14 -3.32 30.59
C ASP A 422 -4.56 -2.77 30.66
N ILE A 423 -5.49 -3.57 31.20
CA ILE A 423 -6.92 -3.15 31.29
C ILE A 423 -7.04 -1.89 32.14
N GLU A 424 -6.06 -1.62 33.00
CA GLU A 424 -6.18 -0.49 33.94
C GLU A 424 -5.68 0.79 33.27
N ASN A 425 -5.01 0.66 32.12
CA ASN A 425 -4.43 1.85 31.45
C ASN A 425 -5.35 2.32 30.31
N ILE A 426 -6.44 1.59 30.02
CA ILE A 426 -7.25 2.03 28.88
C ILE A 426 -7.83 3.42 29.12
N GLU A 427 -8.57 3.61 30.22
CA GLU A 427 -9.14 4.94 30.50
C GLU A 427 -8.09 6.04 30.50
N SER A 428 -6.85 5.73 30.88
CA SER A 428 -5.83 6.76 30.87
C SER A 428 -5.37 7.03 29.45
N LEU A 429 -5.28 5.99 28.61
CA LEU A 429 -4.78 6.15 27.22
C LEU A 429 -5.80 6.91 26.36
N ALA A 430 -7.08 6.64 26.53
CA ALA A 430 -8.12 7.27 25.69
C ALA A 430 -8.03 8.79 25.79
N GLU A 431 -7.86 9.32 26.99
CA GLU A 431 -7.79 10.79 27.19
C GLU A 431 -6.56 11.32 26.45
N GLY A 432 -5.44 10.59 26.52
CA GLY A 432 -4.21 11.03 25.86
C GLY A 432 -4.40 11.14 24.36
N LEU A 433 -4.91 10.09 23.73
CA LEU A 433 -5.13 10.10 22.27
C LEU A 433 -6.10 11.24 21.93
N ASN A 434 -7.16 11.38 22.73
CA ASN A 434 -8.15 12.46 22.48
C ASN A 434 -7.45 13.81 22.55
N LYS A 435 -6.58 14.00 23.54
CA LYS A 435 -5.82 15.27 23.65
C LYS A 435 -4.99 15.49 22.39
N TRP A 436 -4.23 14.47 21.97
CA TRP A 436 -3.37 14.58 20.76
C TRP A 436 -4.24 14.92 19.56
N MET A 437 -5.43 14.31 19.46
CA MET A 437 -6.33 14.54 18.30
C MET A 437 -6.92 15.95 18.36
N LYS A 438 -7.30 16.42 19.55
CA LYS A 438 -7.95 17.75 19.69
C LYS A 438 -6.91 18.85 19.47
N GLU A 439 -5.62 18.52 19.53
CA GLU A 439 -4.56 19.51 19.22
C GLU A 439 -4.36 19.51 17.71
N LEU A 440 -4.39 18.33 17.10
CA LEU A 440 -4.25 18.24 15.62
C LEU A 440 -5.49 18.86 14.98
N SER A 441 -6.62 18.84 15.69
CA SER A 441 -7.90 19.40 15.14
C SER A 441 -7.69 20.85 14.70
N LYS A 442 -6.63 21.50 15.18
CA LYS A 442 -6.32 22.88 14.79
C LYS A 442 -5.41 22.86 13.57
N THR A 443 -4.15 22.45 13.76
CA THR A 443 -3.19 22.38 12.67
C THR A 443 -3.72 21.57 11.49
N THR A 444 -4.72 20.70 11.73
CA THR A 444 -5.25 19.82 10.69
C THR A 444 -6.77 19.68 10.70
N SER A 445 -7.34 19.56 9.50
CA SER A 445 -8.74 19.23 9.26
C SER A 445 -9.00 17.73 9.35
N LEU A 446 -10.08 17.34 10.04
CA LEU A 446 -10.39 15.92 10.24
C LEU A 446 -11.63 15.43 9.48
N ASP A 447 -12.19 16.22 8.61
CA ASP A 447 -13.43 15.84 7.92
C ASP A 447 -13.12 14.91 6.73
N PRO A 448 -13.93 13.86 6.54
CA PRO A 448 -13.66 12.90 5.45
C PRO A 448 -13.67 13.55 4.08
N VAL A 449 -12.73 13.12 3.24
CA VAL A 449 -12.64 13.58 1.87
C VAL A 449 -12.95 12.41 0.94
N LYS A 450 -13.35 12.74 -0.28
CA LYS A 450 -13.43 11.74 -1.34
C LYS A 450 -12.82 12.32 -2.61
N GLN A 451 -11.98 11.54 -3.29
CA GLN A 451 -11.43 11.99 -4.56
C GLN A 451 -12.39 11.56 -5.66
N VAL A 452 -12.76 12.50 -6.50
CA VAL A 452 -13.65 12.23 -7.63
C VAL A 452 -12.85 12.22 -8.91
N ASP A 453 -12.88 11.08 -9.60
CA ASP A 453 -12.06 10.94 -10.84
C ASP A 453 -12.77 11.63 -12.01
N VAL A 454 -14.06 11.40 -12.20
CA VAL A 454 -14.73 11.92 -13.43
C VAL A 454 -16.09 12.55 -13.16
N LEU A 455 -16.44 13.60 -13.92
CA LEU A 455 -17.82 14.16 -13.84
C LEU A 455 -18.56 13.54 -15.01
N LEU A 456 -19.46 12.59 -14.75
CA LEU A 456 -20.11 11.87 -15.87
C LEU A 456 -21.47 12.49 -16.21
N THR A 457 -21.83 12.50 -17.48
CA THR A 457 -23.13 13.07 -17.93
C THR A 457 -24.07 11.91 -18.27
N GLU A 458 -25.37 12.15 -18.22
CA GLU A 458 -26.36 11.09 -18.56
C GLU A 458 -26.07 10.54 -19.96
N ASN A 459 -25.43 11.33 -20.84
CA ASN A 459 -25.23 10.83 -22.20
C ASN A 459 -24.06 9.85 -22.29
N ASP A 460 -23.42 9.53 -21.18
CA ASP A 460 -22.30 8.59 -21.21
C ASP A 460 -22.67 7.24 -20.63
N ILE A 461 -23.82 7.15 -19.97
CA ILE A 461 -24.28 5.95 -19.29
C ILE A 461 -24.90 5.02 -20.32
N THR A 462 -24.07 4.47 -21.18
CA THR A 462 -24.50 3.46 -22.12
C THR A 462 -23.82 2.15 -21.79
N ILE A 463 -24.53 1.06 -22.07
CA ILE A 463 -24.00 -0.27 -21.76
C ILE A 463 -22.67 -0.47 -22.46
N LYS A 464 -22.57 0.01 -23.69
CA LYS A 464 -21.31 -0.09 -24.42
C LYS A 464 -20.23 0.70 -23.70
N ASN A 465 -20.50 1.95 -23.37
CA ASN A 465 -19.52 2.77 -22.68
C ASN A 465 -19.17 2.15 -21.32
N ILE A 466 -20.09 1.43 -20.69
CA ILE A 466 -19.74 0.91 -19.37
C ILE A 466 -18.91 -0.38 -19.45
N ARG A 467 -19.11 -1.22 -20.46
CA ARG A 467 -18.30 -2.43 -20.51
C ARG A 467 -16.93 -2.12 -21.05
N ASP A 468 -16.84 -1.18 -21.99
CA ASP A 468 -15.52 -0.79 -22.45
C ASP A 468 -14.65 -0.33 -21.29
N MET A 469 -15.26 0.16 -20.21
CA MET A 469 -14.46 0.42 -19.03
C MET A 469 -13.96 -0.86 -18.40
N ASN A 470 -14.56 -2.01 -18.75
CA ASN A 470 -14.03 -3.27 -18.26
C ASN A 470 -12.78 -3.56 -19.08
N ARG A 471 -12.32 -2.59 -19.85
CA ARG A 471 -11.04 -2.80 -20.59
C ARG A 471 -9.84 -2.26 -19.80
N LEU A 472 -10.07 -1.31 -18.89
CA LEU A 472 -8.94 -0.69 -18.14
C LEU A 472 -8.63 -1.55 -16.91
N ARG A 473 -9.48 -2.53 -16.63
CA ARG A 473 -9.28 -3.42 -15.46
C ARG A 473 -8.02 -4.26 -15.69
N PRO A 474 -7.21 -4.58 -14.65
CA PRO A 474 -7.68 -4.56 -13.25
C PRO A 474 -7.49 -3.23 -12.50
N PHE A 475 -8.42 -2.89 -11.61
CA PHE A 475 -8.34 -1.65 -10.81
C PHE A 475 -7.92 -2.00 -9.37
N GLY A 476 -7.11 -1.14 -8.74
CA GLY A 476 -6.68 -1.38 -7.35
C GLY A 476 -5.67 -0.36 -6.87
N THR A 477 -4.84 -0.72 -5.90
CA THR A 477 -3.91 0.25 -5.36
C THR A 477 -3.01 0.77 -6.46
N ASP A 478 -2.70 2.07 -6.41
CA ASP A 478 -1.92 2.77 -7.42
C ASP A 478 -2.60 2.84 -8.79
N PHE A 479 -3.76 2.20 -8.94
CA PHE A 479 -4.60 2.36 -10.13
C PHE A 479 -6.06 2.21 -9.70
N SER A 480 -6.48 3.09 -8.78
CA SER A 480 -7.73 2.92 -8.04
C SER A 480 -8.97 2.92 -8.92
N ARG A 481 -10.02 2.25 -8.43
CA ARG A 481 -11.28 2.16 -9.16
C ARG A 481 -11.88 3.55 -9.30
N PRO A 482 -12.42 3.92 -10.50
CA PRO A 482 -12.93 5.28 -10.70
C PRO A 482 -14.16 5.65 -9.88
N ILE A 483 -14.22 6.90 -9.39
CA ILE A 483 -15.43 7.38 -8.67
C ILE A 483 -16.04 8.48 -9.55
N PHE A 484 -17.32 8.37 -9.87
CA PHE A 484 -17.92 9.33 -10.84
C PHE A 484 -18.88 10.27 -10.12
N GLU A 485 -18.96 11.52 -10.60
CA GLU A 485 -19.91 12.51 -10.02
C GLU A 485 -20.99 12.80 -11.06
N MET A 486 -22.24 12.90 -10.61
CA MET A 486 -23.35 13.25 -11.52
C MET A 486 -24.19 14.33 -10.83
N ASP A 487 -24.45 15.44 -11.49
CA ASP A 487 -25.16 16.58 -10.84
C ASP A 487 -26.55 16.81 -11.45
N ASP A 488 -27.30 17.75 -10.90
CA ASP A 488 -28.66 18.08 -11.41
C ASP A 488 -29.38 16.80 -11.86
N LEU A 489 -29.52 15.85 -10.94
CA LEU A 489 -30.22 14.62 -11.26
C LEU A 489 -31.55 14.58 -10.51
N SER A 490 -32.61 14.41 -11.27
CA SER A 490 -33.96 14.30 -10.71
C SER A 490 -34.15 12.94 -10.04
N VAL A 491 -34.91 12.93 -8.95
CA VAL A 491 -35.18 11.71 -8.20
C VAL A 491 -36.52 11.21 -8.77
N SER A 492 -36.45 10.52 -9.90
CA SER A 492 -37.71 10.08 -10.57
C SER A 492 -38.48 9.11 -9.67
N SER A 493 -37.88 7.96 -9.36
CA SER A 493 -38.54 6.98 -8.47
C SER A 493 -37.75 6.86 -7.17
N VAL A 494 -38.44 6.72 -6.04
CA VAL A 494 -37.72 6.52 -4.75
C VAL A 494 -38.42 5.38 -4.00
N LYS A 495 -37.63 4.44 -3.47
CA LYS A 495 -38.21 3.29 -2.74
C LYS A 495 -37.26 2.86 -1.63
N ALA A 496 -37.75 2.09 -0.66
CA ALA A 496 -36.88 1.55 0.40
C ALA A 496 -36.93 0.03 0.28
N ILE A 497 -35.81 -0.61 -0.06
CA ILE A 497 -35.82 -2.07 -0.30
C ILE A 497 -35.06 -2.77 0.83
N GLY A 498 -35.28 -4.06 1.01
CA GLY A 498 -34.63 -4.81 2.11
C GLY A 498 -35.66 -5.30 3.09
N GLN A 499 -35.34 -6.38 3.80
CA GLN A 499 -36.29 -6.92 4.83
C GLN A 499 -36.57 -5.80 5.84
N GLN A 500 -35.53 -5.07 6.24
CA GLN A 500 -35.70 -3.99 7.24
C GLN A 500 -35.79 -2.64 6.51
N LYS A 501 -36.02 -2.67 5.20
CA LYS A 501 -36.12 -1.42 4.41
C LYS A 501 -34.94 -0.51 4.76
N ASN A 502 -33.72 -0.99 4.56
CA ASN A 502 -32.52 -0.20 4.91
C ASN A 502 -31.77 0.25 3.65
N HIS A 503 -32.01 -0.43 2.52
CA HIS A 503 -31.36 -0.04 1.25
C HIS A 503 -32.34 0.83 0.46
N LEU A 504 -31.83 1.78 -0.33
CA LEU A 504 -32.72 2.71 -1.05
C LEU A 504 -32.65 2.43 -2.55
N LYS A 505 -33.79 2.23 -3.21
CA LYS A 505 -33.82 2.04 -4.68
C LYS A 505 -34.26 3.35 -5.33
N LEU A 506 -33.56 3.79 -6.38
CA LEU A 506 -33.88 5.10 -6.99
C LEU A 506 -33.77 5.06 -8.52
N THR A 507 -34.52 5.92 -9.20
CA THR A 507 -34.39 6.04 -10.68
C THR A 507 -33.90 7.48 -10.89
N LEU A 508 -32.86 7.69 -11.71
CA LEU A 508 -32.27 9.05 -11.75
C LEU A 508 -32.32 9.73 -13.12
N GLY A 509 -32.73 10.99 -13.13
CA GLY A 509 -32.70 11.81 -14.31
C GLY A 509 -33.97 11.67 -15.13
N GLU A 510 -33.86 12.16 -16.36
CA GLU A 510 -34.91 12.02 -17.35
C GLU A 510 -34.74 10.72 -18.12
N SER A 511 -33.50 10.24 -18.23
CA SER A 511 -33.19 8.94 -18.80
C SER A 511 -33.34 7.80 -17.78
N ASN A 512 -33.82 8.11 -16.57
CA ASN A 512 -34.26 7.13 -15.59
C ASN A 512 -33.21 6.05 -15.27
N ILE A 513 -32.02 6.52 -14.86
CA ILE A 513 -30.89 5.58 -14.59
C ILE A 513 -31.12 4.90 -13.23
N ALA A 514 -31.09 3.57 -13.21
CA ALA A 514 -31.33 2.82 -11.96
C ALA A 514 -30.16 3.05 -11.00
N ALA A 515 -30.45 3.36 -9.75
CA ALA A 515 -29.39 3.61 -8.75
C ALA A 515 -29.78 2.98 -7.42
N LEU A 516 -28.78 2.59 -6.62
CA LEU A 516 -29.04 1.97 -5.30
C LEU A 516 -28.08 2.56 -4.26
N PHE A 517 -28.60 2.95 -3.10
CA PHE A 517 -27.72 3.42 -2.01
C PHE A 517 -27.93 2.46 -0.83
N TRP A 518 -26.97 1.58 -0.58
CA TRP A 518 -27.14 0.55 0.48
C TRP A 518 -27.14 1.22 1.86
N GLN A 519 -27.82 0.61 2.83
CA GLN A 519 -27.82 1.13 4.23
C GLN A 519 -28.26 2.59 4.26
N ASN A 520 -28.97 3.07 3.24
CA ASN A 520 -29.46 4.47 3.30
C ASN A 520 -30.93 4.52 2.89
N GLY A 521 -31.71 3.50 3.26
CA GLY A 521 -33.14 3.47 2.93
C GLY A 521 -33.94 4.35 3.87
N HIS A 522 -33.25 5.15 4.69
CA HIS A 522 -33.93 6.02 5.68
C HIS A 522 -34.08 7.43 5.09
N LEU A 523 -33.63 7.62 3.85
CA LEU A 523 -33.65 8.97 3.24
C LEU A 523 -34.85 9.08 2.29
N GLU A 524 -35.59 8.00 2.12
CA GLU A 524 -36.74 7.99 1.17
C GLU A 524 -37.69 9.15 1.47
N PRO A 525 -38.19 9.33 2.71
CA PRO A 525 -39.15 10.39 2.99
C PRO A 525 -38.62 11.76 2.53
N GLU A 526 -37.31 11.96 2.57
CA GLU A 526 -36.73 13.27 2.22
C GLU A 526 -36.64 13.43 0.70
N LEU A 527 -36.53 12.33 -0.04
CA LEU A 527 -36.35 12.42 -1.51
C LEU A 527 -37.66 12.14 -2.23
N GLN A 528 -38.75 11.92 -1.49
CA GLN A 528 -40.09 11.70 -2.11
C GLN A 528 -40.46 12.92 -2.94
N ASP A 529 -40.45 14.10 -2.31
CA ASP A 529 -40.74 15.34 -3.07
C ASP A 529 -39.77 15.41 -4.25
N GLU A 530 -40.29 15.73 -5.44
CA GLU A 530 -39.42 15.88 -6.62
C GLU A 530 -38.34 16.90 -6.32
N GLN A 531 -37.07 16.49 -6.35
CA GLN A 531 -35.95 17.40 -6.00
C GLN A 531 -34.70 17.01 -6.79
N PRO A 532 -33.90 17.97 -7.29
CA PRO A 532 -32.65 17.65 -7.98
C PRO A 532 -31.53 17.27 -6.99
N ILE A 533 -30.83 16.18 -7.25
CA ILE A 533 -29.78 15.71 -6.31
C ILE A 533 -28.46 15.47 -7.04
N ASN A 534 -27.34 15.82 -6.40
CA ASN A 534 -26.01 15.54 -6.98
C ASN A 534 -25.57 14.21 -6.38
N ILE A 535 -24.80 13.42 -7.11
CA ILE A 535 -24.48 12.06 -6.63
C ILE A 535 -23.00 11.71 -6.86
N LEU A 536 -22.47 10.81 -6.06
CA LEU A 536 -21.10 10.29 -6.26
C LEU A 536 -21.26 8.78 -6.30
N GLY A 537 -20.61 8.08 -7.24
CA GLY A 537 -20.75 6.62 -7.19
C GLY A 537 -20.03 5.86 -8.28
N SER A 538 -20.27 4.56 -8.36
CA SER A 538 -19.63 3.68 -9.37
C SER A 538 -20.69 3.28 -10.39
N VAL A 539 -20.25 2.91 -11.60
CA VAL A 539 -21.24 2.46 -12.62
C VAL A 539 -20.97 0.99 -12.94
N GLN A 540 -22.03 0.18 -12.97
CA GLN A 540 -21.90 -1.26 -13.32
C GLN A 540 -23.09 -1.65 -14.20
N ILE A 541 -23.12 -2.90 -14.66
CA ILE A 541 -24.28 -3.39 -15.47
C ILE A 541 -24.97 -4.52 -14.70
N ASN A 542 -26.25 -4.32 -14.36
CA ASN A 542 -27.03 -5.40 -13.68
C ASN A 542 -27.78 -6.19 -14.74
N GLU A 543 -27.69 -7.52 -14.71
CA GLU A 543 -28.32 -8.35 -15.76
C GLU A 543 -29.52 -9.12 -15.17
N TRP A 544 -30.71 -8.91 -15.74
CA TRP A 544 -31.92 -9.62 -15.26
C TRP A 544 -32.63 -10.30 -16.45
N ASN A 545 -32.92 -11.61 -16.32
CA ASN A 545 -33.63 -12.35 -17.39
C ASN A 545 -32.91 -12.10 -18.73
N GLY A 546 -31.58 -12.07 -18.72
CA GLY A 546 -30.82 -11.90 -19.96
C GLY A 546 -30.76 -10.44 -20.40
N ASN A 547 -31.51 -9.57 -19.73
CA ASN A 547 -31.54 -8.14 -20.10
C ASN A 547 -30.49 -7.38 -19.29
N GLN A 548 -29.48 -6.83 -19.96
CA GLN A 548 -28.43 -6.05 -19.27
C GLN A 548 -28.90 -4.60 -19.12
N SER A 549 -28.66 -4.00 -17.96
CA SER A 549 -29.10 -2.61 -17.70
C SER A 549 -28.05 -1.85 -16.89
N PRO A 550 -27.80 -0.56 -17.18
CA PRO A 550 -26.84 0.24 -16.41
C PRO A 550 -27.33 0.54 -14.99
N GLN A 551 -26.46 0.37 -14.00
CA GLN A 551 -26.85 0.61 -12.58
C GLN A 551 -25.76 1.43 -11.87
N ILE A 552 -26.16 2.33 -10.97
CA ILE A 552 -25.20 3.19 -10.23
C ILE A 552 -25.24 2.84 -8.75
N ILE A 553 -24.12 2.42 -8.17
CA ILE A 553 -24.07 2.18 -6.70
C ILE A 553 -23.63 3.49 -6.06
N ILE A 554 -24.55 4.17 -5.37
CA ILE A 554 -24.24 5.51 -4.81
C ILE A 554 -23.34 5.37 -3.58
N GLN A 555 -22.40 6.31 -3.40
CA GLN A 555 -21.51 6.30 -2.22
C GLN A 555 -21.82 7.56 -1.39
N ASP A 556 -22.25 8.63 -2.05
CA ASP A 556 -22.58 9.86 -1.34
C ASP A 556 -23.58 10.63 -2.17
N ILE A 557 -24.38 11.41 -1.48
CA ILE A 557 -25.55 12.01 -2.07
C ILE A 557 -25.72 13.41 -1.50
N ALA A 558 -25.87 14.41 -2.38
CA ALA A 558 -26.07 15.80 -1.93
C ALA A 558 -27.24 16.43 -2.68
N MET A 559 -27.96 17.36 -2.05
CA MET A 559 -29.05 18.09 -2.74
C MET A 559 -28.42 19.23 -3.56
N ASN A 560 -28.78 19.37 -4.83
CA ASN A 560 -28.12 20.37 -5.72
C ASN A 560 -28.47 21.79 -5.28
N GLU A 561 -29.60 22.00 -4.60
CA GLU A 561 -30.03 23.38 -4.26
C GLU A 561 -28.93 24.09 -3.45
N GLN A 562 -28.55 25.30 -3.90
CA GLN A 562 -27.60 26.18 -3.17
C GLN A 562 -28.38 27.39 -2.65
N GLN A 563 -28.50 27.54 -1.32
CA GLN A 563 -29.33 28.64 -0.77
C GLN A 563 -28.45 29.81 -0.30
N ILE A 564 -28.82 31.03 -0.69
CA ILE A 564 -28.08 32.23 -0.30
C ILE A 564 -29.05 33.18 0.39
N LEU A 565 -28.77 33.51 1.65
CA LEU A 565 -29.70 34.20 2.53
C LEU A 565 -29.16 35.57 2.89
N ASP A 566 -30.05 36.57 2.92
CA ASP A 566 -29.66 37.95 3.20
C ASP A 566 -29.90 38.24 4.67
N TYR A 567 -28.80 38.33 5.42
CA TYR A 567 -28.85 38.71 6.83
C TYR A 567 -27.99 39.97 6.93
N ARG A 568 -27.84 40.69 5.82
CA ARG A 568 -26.94 41.88 5.77
C ARG A 568 -27.37 42.94 6.77
N SER A 569 -28.48 42.73 7.46
CA SER A 569 -28.88 43.68 8.52
C SER A 569 -29.55 42.89 9.64
N LYS A 570 -29.39 41.56 9.64
CA LYS A 570 -30.06 40.70 10.65
C LYS A 570 -28.99 39.80 11.27
N ARG A 571 -27.84 40.36 11.59
CA ARG A 571 -26.70 39.57 12.12
C ARG A 571 -27.11 38.80 13.36
N LYS A 572 -27.89 39.41 14.24
CA LYS A 572 -28.23 38.74 15.52
C LYS A 572 -29.28 37.65 15.26
N SER A 573 -29.74 37.50 14.03
CA SER A 573 -30.84 36.54 13.76
C SER A 573 -30.31 35.28 13.06
N LEU A 574 -29.00 35.08 13.08
CA LEU A 574 -28.43 33.87 12.42
C LEU A 574 -29.02 32.62 13.08
N PRO A 575 -29.35 31.54 12.33
CA PRO A 575 -30.00 30.39 12.93
C PRO A 575 -29.02 29.49 13.69
N PHE A 576 -27.84 30.02 14.03
CA PHE A 576 -26.81 29.17 14.68
C PHE A 576 -26.00 29.97 15.69
N THR A 577 -25.36 29.27 16.64
CA THR A 577 -24.48 29.94 17.63
C THR A 577 -23.09 30.05 17.00
N GLU A 578 -22.36 31.13 17.29
CA GLU A 578 -21.04 31.36 16.66
C GLU A 578 -20.12 30.15 16.89
N ASN A 579 -20.22 29.52 18.04
CA ASN A 579 -19.44 28.29 18.33
C ASN A 579 -20.28 27.07 17.95
N ASP A 580 -20.52 26.85 16.65
CA ASP A 580 -21.41 25.73 16.23
C ASP A 580 -20.59 24.68 15.47
N GLU A 581 -19.32 24.95 15.17
CA GLU A 581 -18.44 23.94 14.51
C GLU A 581 -18.93 23.66 13.09
N ASN A 582 -20.18 23.25 12.93
CA ASN A 582 -20.72 22.88 11.59
C ASN A 582 -20.76 24.13 10.71
N ILE A 583 -20.70 25.31 11.31
CA ILE A 583 -20.80 26.59 10.54
C ILE A 583 -19.42 27.21 10.41
N VAL A 584 -19.02 27.58 9.20
CA VAL A 584 -17.70 28.24 8.97
C VAL A 584 -17.92 29.76 8.95
N VAL A 585 -17.11 30.51 9.69
CA VAL A 585 -17.27 31.99 9.76
C VAL A 585 -16.12 32.65 9.00
N LEU A 586 -16.41 33.27 7.86
CA LEU A 586 -15.36 33.95 7.06
C LEU A 586 -15.22 35.39 7.56
N ILE A 587 -14.05 35.72 8.13
CA ILE A 587 -13.86 37.08 8.72
C ILE A 587 -12.62 37.74 8.10
N HIS A 588 -12.32 38.97 8.50
CA HIS A 588 -11.15 39.70 7.94
C HIS A 588 -10.25 40.18 9.08
N PRO A 589 -8.96 40.47 8.83
CA PRO A 589 -8.01 40.84 9.89
C PRO A 589 -8.46 41.83 10.99
N LYS A 590 -9.27 42.82 10.65
CA LYS A 590 -9.65 43.85 11.66
C LYS A 590 -10.19 43.17 12.92
N SER A 591 -10.70 41.95 12.80
CA SER A 591 -11.21 41.20 13.97
C SER A 591 -10.24 40.08 14.32
N ASP A 592 -10.15 39.74 15.61
CA ASP A 592 -9.25 38.64 16.06
C ASP A 592 -9.99 37.30 15.95
N LYS A 593 -9.30 36.25 15.49
CA LYS A 593 -9.93 34.90 15.44
C LYS A 593 -10.20 34.44 16.87
N VAL A 594 -11.47 34.31 17.23
CA VAL A 594 -11.84 33.89 18.62
C VAL A 594 -12.18 32.39 18.60
N ASN A 595 -12.88 31.93 17.57
CA ASN A 595 -13.28 30.50 17.47
C ASN A 595 -12.57 29.84 16.29
N ALA A 596 -12.54 28.51 16.26
CA ALA A 596 -11.91 27.78 15.14
C ALA A 596 -12.77 27.95 13.88
N ASN A 597 -14.07 28.15 14.08
CA ASN A 597 -14.98 28.39 12.93
C ASN A 597 -14.52 29.64 12.20
N GLU A 598 -14.03 30.63 12.95
CA GLU A 598 -13.63 31.92 12.34
C GLU A 598 -12.35 31.73 11.52
N TYR A 599 -12.48 31.66 10.19
CA TYR A 599 -11.29 31.55 9.30
C TYR A 599 -11.26 32.76 8.37
N TYR A 600 -10.10 33.39 8.21
CA TYR A 600 -10.00 34.63 7.40
C TYR A 600 -10.23 34.33 5.92
N TYR A 601 -10.57 35.36 5.15
CA TYR A 601 -10.77 35.19 3.69
C TYR A 601 -9.45 34.81 3.03
N GLY A 602 -9.51 34.11 1.90
CA GLY A 602 -8.28 33.66 1.21
C GLY A 602 -7.69 32.44 1.88
N GLU A 603 -7.60 32.46 3.21
CA GLU A 603 -7.07 31.29 3.97
C GLU A 603 -7.87 30.05 3.57
N GLU A 604 -7.20 28.91 3.47
CA GLU A 604 -7.92 27.69 2.98
C GLU A 604 -8.60 26.96 4.14
N ILE A 605 -9.87 27.22 4.37
CA ILE A 605 -10.63 26.43 5.38
C ILE A 605 -10.67 25.00 4.83
N LYS A 606 -10.38 24.00 5.66
CA LYS A 606 -10.49 22.61 5.16
C LYS A 606 -11.56 21.85 5.95
N GLN A 607 -12.32 22.53 6.80
CA GLN A 607 -13.45 21.83 7.48
C GLN A 607 -14.60 21.75 6.49
N GLN A 608 -15.39 20.68 6.52
CA GLN A 608 -16.57 20.61 5.63
C GLN A 608 -17.31 21.95 5.71
N THR A 609 -17.57 22.58 4.58
CA THR A 609 -18.19 23.93 4.61
C THR A 609 -19.57 23.88 3.97
N ASP A 610 -20.51 23.15 4.57
CA ASP A 610 -21.90 23.06 4.05
C ASP A 610 -22.65 24.35 4.40
N LYS A 611 -22.38 24.90 5.59
CA LYS A 611 -23.07 26.14 6.03
C LYS A 611 -22.02 27.23 6.26
N VAL A 612 -21.98 28.22 5.38
CA VAL A 612 -20.93 29.28 5.48
C VAL A 612 -21.57 30.64 5.77
N VAL A 613 -21.06 31.35 6.77
CA VAL A 613 -21.57 32.71 7.08
C VAL A 613 -20.49 33.74 6.71
N LEU A 614 -20.81 34.68 5.81
CA LEU A 614 -19.84 35.76 5.47
C LEU A 614 -20.03 36.85 6.53
N ARG A 615 -19.30 36.73 7.65
CA ARG A 615 -19.51 37.68 8.78
C ARG A 615 -18.93 39.05 8.47
N ASP A 616 -17.72 39.11 7.92
CA ASP A 616 -17.07 40.45 7.74
C ASP A 616 -16.98 40.80 6.26
N LEU A 617 -16.97 42.10 5.96
CA LEU A 617 -16.89 42.57 4.56
C LEU A 617 -15.54 42.15 4.00
N PRO A 618 -15.48 41.47 2.84
CA PRO A 618 -14.21 41.01 2.30
C PRO A 618 -13.28 42.18 2.01
N THR A 619 -11.99 42.03 2.30
CA THR A 619 -11.01 43.09 1.99
C THR A 619 -10.98 43.28 0.47
N SER A 620 -11.12 42.18 -0.27
CA SER A 620 -11.14 42.25 -1.75
C SER A 620 -12.16 41.25 -2.29
N MET A 621 -12.66 41.50 -3.50
CA MET A 621 -13.62 40.56 -4.14
C MET A 621 -12.90 39.25 -4.43
N GLU A 622 -11.64 39.32 -4.86
CA GLU A 622 -10.86 38.10 -5.21
C GLU A 622 -10.57 37.30 -3.93
N ASP A 623 -10.32 37.98 -2.81
CA ASP A 623 -10.11 37.27 -1.53
C ASP A 623 -11.37 36.44 -1.25
N LEU A 624 -12.54 37.03 -1.47
CA LEU A 624 -13.80 36.26 -1.31
C LEU A 624 -13.81 35.15 -2.35
N SER A 625 -13.48 35.47 -3.60
CA SER A 625 -13.42 34.44 -4.67
C SER A 625 -12.59 33.25 -4.16
N ASN A 626 -11.39 33.53 -3.64
CA ASN A 626 -10.50 32.43 -3.18
C ASN A 626 -11.22 31.66 -2.08
N SER A 627 -11.80 32.38 -1.12
CA SER A 627 -12.47 31.70 0.02
C SER A 627 -13.82 31.15 -0.46
N LEU A 628 -14.26 31.57 -1.65
CA LEU A 628 -15.51 30.99 -2.18
C LEU A 628 -15.16 29.86 -3.12
N GLN A 629 -14.15 30.03 -3.98
CA GLN A 629 -13.81 29.00 -5.00
C GLN A 629 -13.46 27.68 -4.31
N GLN A 630 -13.42 27.67 -2.98
CA GLN A 630 -13.13 26.42 -2.24
C GLN A 630 -14.34 26.11 -1.39
N LEU A 631 -15.54 26.35 -1.92
CA LEU A 631 -16.72 26.19 -1.06
C LEU A 631 -17.65 25.09 -1.57
N GLN A 632 -18.01 24.17 -0.68
CA GLN A 632 -18.99 23.11 -1.03
C GLN A 632 -20.12 23.28 -0.03
N PHE A 633 -21.09 24.15 -0.32
CA PHE A 633 -22.12 24.45 0.71
C PHE A 633 -23.53 24.16 0.25
N SER A 634 -24.48 24.25 1.18
CA SER A 634 -25.91 24.07 0.86
C SER A 634 -26.63 25.37 1.21
N GLN A 635 -26.02 26.16 2.09
CA GLN A 635 -26.68 27.39 2.56
C GLN A 635 -25.62 28.46 2.89
N LEU A 636 -25.63 29.58 2.16
CA LEU A 636 -24.67 30.69 2.42
C LEU A 636 -25.38 31.83 3.14
N TYR A 637 -24.84 32.24 4.29
CA TYR A 637 -25.44 33.34 5.08
C TYR A 637 -24.58 34.59 4.94
N ILE A 638 -25.11 35.64 4.33
CA ILE A 638 -24.40 36.89 4.07
C ILE A 638 -24.79 37.94 5.11
N VAL A 639 -23.90 38.16 6.08
CA VAL A 639 -24.11 39.10 7.18
C VAL A 639 -23.35 40.38 6.88
N LEU A 640 -22.06 40.25 6.62
CA LEU A 640 -21.20 41.33 6.16
C LEU A 640 -21.20 42.49 7.16
N GLN A 641 -20.67 42.21 8.35
CA GLN A 641 -20.55 43.27 9.38
C GLN A 641 -19.52 44.29 8.94
N HIS A 642 -19.87 45.57 9.02
CA HIS A 642 -18.95 46.68 8.65
C HIS A 642 -19.23 47.81 9.63
N ASN A 643 -18.23 48.64 9.92
CA ASN A 643 -18.46 49.68 10.96
C ASN A 643 -18.60 51.05 10.31
N HIS A 644 -17.90 51.29 9.21
CA HIS A 644 -17.99 52.61 8.52
C HIS A 644 -18.10 52.38 7.00
N SER A 645 -18.30 53.46 6.24
CA SER A 645 -18.46 53.34 4.77
C SER A 645 -17.61 54.36 4.02
N ILE A 646 -17.26 54.07 2.77
CA ILE A 646 -16.41 54.97 1.95
C ILE A 646 -17.13 55.22 0.62
N TYR A 647 -18.27 54.58 0.41
CA TYR A 647 -18.97 54.68 -0.90
C TYR A 647 -19.11 56.13 -1.36
N PHE A 648 -19.49 57.04 -0.46
CA PHE A 648 -19.75 58.45 -0.88
C PHE A 648 -18.54 59.35 -0.61
N ASP A 649 -17.73 58.99 0.37
CA ASP A 649 -16.53 59.79 0.71
C ASP A 649 -15.66 59.85 -0.53
N GLY A 650 -15.53 58.73 -1.24
CA GLY A 650 -14.79 58.72 -2.50
C GLY A 650 -13.28 58.71 -2.32
N ILE A 651 -12.55 58.47 -3.40
CA ILE A 651 -11.06 58.48 -3.37
C ILE A 651 -10.64 59.75 -4.10
N PRO A 652 -9.82 60.63 -3.51
CA PRO A 652 -9.48 61.88 -4.15
C PRO A 652 -8.94 61.58 -5.56
N ASN A 653 -9.21 62.48 -6.52
CA ASN A 653 -8.62 62.27 -7.87
C ASN A 653 -7.10 62.37 -7.75
N MET A 654 -6.38 62.14 -8.83
CA MET A 654 -4.90 62.06 -8.77
C MET A 654 -4.44 63.50 -9.00
N ASP A 655 -5.33 64.37 -9.49
CA ASP A 655 -4.98 65.81 -9.64
C ASP A 655 -4.81 66.42 -8.25
N ILE A 656 -5.65 66.04 -7.28
CA ILE A 656 -5.56 66.58 -5.89
C ILE A 656 -4.33 66.15 -5.10
N PHE A 657 -3.89 64.91 -5.34
CA PHE A 657 -2.70 64.39 -4.63
C PHE A 657 -1.51 65.28 -4.96
N LYS A 658 -1.34 65.60 -6.25
CA LYS A 658 -0.24 66.51 -6.65
C LYS A 658 -0.50 67.89 -6.05
N LYS A 659 -1.78 68.26 -5.93
CA LYS A 659 -2.12 69.56 -5.29
C LYS A 659 -1.94 69.43 -3.77
N CYS A 660 -1.65 68.26 -3.25
CA CYS A 660 -1.34 68.23 -1.81
C CYS A 660 0.18 68.40 -1.78
N TYR A 661 0.86 67.61 -2.59
CA TYR A 661 2.34 67.58 -2.65
C TYR A 661 2.77 69.04 -2.86
N LYS A 662 1.96 69.81 -3.59
CA LYS A 662 2.27 71.25 -3.82
C LYS A 662 2.42 71.94 -2.47
N ALA A 663 1.46 71.76 -1.57
CA ALA A 663 1.54 72.37 -0.23
C ALA A 663 2.74 71.85 0.55
N LEU A 664 2.99 70.54 0.46
CA LEU A 664 4.11 69.94 1.23
C LEU A 664 5.43 70.53 0.75
N ILE A 665 5.63 70.64 -0.57
CA ILE A 665 6.95 71.13 -1.09
C ILE A 665 7.14 72.59 -0.69
N THR A 666 6.05 73.35 -0.55
CA THR A 666 6.16 74.80 -0.23
C THR A 666 6.77 75.07 1.15
N LYS A 667 6.52 74.20 2.13
CA LYS A 667 7.00 74.50 3.50
C LYS A 667 8.02 73.45 3.97
N GLN A 668 8.05 72.27 3.34
CA GLN A 668 8.96 71.17 3.77
C GLN A 668 8.48 70.51 5.06
N GLU A 669 8.39 71.26 6.16
CA GLU A 669 7.83 70.69 7.42
C GLU A 669 6.50 71.40 7.75
N THR A 670 5.43 70.63 7.94
CA THR A 670 4.09 71.24 8.21
C THR A 670 3.39 70.52 9.37
N ASN A 671 2.62 71.24 10.20
CA ASN A 671 1.82 70.59 11.27
C ASN A 671 0.36 70.57 10.81
N ILE A 672 -0.26 69.40 10.74
CA ILE A 672 -1.65 69.33 10.19
C ILE A 672 -2.69 69.98 11.10
N GLN A 673 -2.44 69.98 12.41
CA GLN A 673 -3.43 70.55 13.37
C GLN A 673 -3.66 72.03 13.04
N LYS A 674 -2.61 72.76 12.68
CA LYS A 674 -2.75 74.21 12.44
C LYS A 674 -2.93 74.44 10.93
N GLU A 675 -2.36 73.58 10.08
CA GLU A 675 -2.40 73.85 8.62
C GLU A 675 -3.41 72.94 7.91
N GLY A 676 -3.95 71.94 8.60
CA GLY A 676 -4.84 70.97 7.93
C GLY A 676 -6.08 71.61 7.33
N MET A 677 -6.75 72.48 8.08
CA MET A 677 -8.02 73.07 7.59
C MET A 677 -7.75 73.90 6.34
N LEU A 678 -6.70 74.72 6.37
CA LEU A 678 -6.33 75.54 5.18
C LEU A 678 -5.91 74.56 4.09
N LEU A 679 -5.18 73.52 4.46
CA LEU A 679 -4.75 72.49 3.47
C LEU A 679 -6.00 71.90 2.82
N CYS A 680 -6.93 71.41 3.64
CA CYS A 680 -8.15 70.79 3.10
C CYS A 680 -8.91 71.80 2.23
N GLN A 681 -8.77 73.09 2.53
CA GLN A 681 -9.54 74.12 1.80
C GLN A 681 -9.07 74.21 0.34
N HIS A 682 -7.78 74.44 0.08
CA HIS A 682 -7.32 74.63 -1.31
C HIS A 682 -7.43 73.31 -2.08
N LEU A 683 -7.37 72.18 -1.36
CA LEU A 683 -7.54 70.86 -2.02
C LEU A 683 -9.03 70.60 -2.18
N SER A 684 -9.86 71.44 -1.55
CA SER A 684 -11.33 71.23 -1.59
C SER A 684 -11.61 69.78 -1.17
N VAL A 685 -10.99 69.35 -0.08
CA VAL A 685 -11.13 67.93 0.38
C VAL A 685 -11.54 67.95 1.85
N LYS A 686 -11.73 66.78 2.46
CA LYS A 686 -12.23 66.72 3.85
C LYS A 686 -11.11 66.21 4.76
N PRO A 687 -11.22 66.37 6.09
CA PRO A 687 -10.16 65.97 6.98
C PRO A 687 -9.77 64.50 6.83
N ASP A 688 -10.75 63.61 6.76
CA ASP A 688 -10.46 62.16 6.72
C ASP A 688 -9.69 61.79 5.45
N THR A 689 -10.02 62.42 4.33
CA THR A 689 -9.36 62.04 3.06
C THR A 689 -7.93 62.57 3.02
N LEU A 690 -7.64 63.65 3.73
CA LEU A 690 -6.25 64.18 3.79
C LEU A 690 -5.37 63.14 4.48
N LYS A 691 -5.87 62.55 5.56
CA LYS A 691 -5.10 61.49 6.24
C LYS A 691 -4.79 60.40 5.23
N PHE A 692 -5.79 59.93 4.50
CA PHE A 692 -5.57 58.92 3.45
C PHE A 692 -4.42 59.38 2.56
N MET A 693 -4.48 60.61 2.07
CA MET A 693 -3.44 61.06 1.11
C MET A 693 -2.08 61.05 1.80
N LEU A 694 -2.01 61.60 3.01
CA LEU A 694 -0.72 61.64 3.74
C LEU A 694 -0.32 60.20 4.06
N LYS A 695 -1.30 59.31 4.23
CA LYS A 695 -0.99 57.91 4.61
C LYS A 695 -0.47 57.14 3.39
N VAL A 696 -0.80 57.58 2.17
CA VAL A 696 -0.24 56.93 0.97
C VAL A 696 1.14 57.54 0.71
N PHE A 697 1.31 58.82 1.06
CA PHE A 697 2.61 59.51 0.85
C PHE A 697 3.61 58.90 1.82
N LEU A 698 3.13 58.59 3.02
CA LEU A 698 4.00 57.96 4.05
C LEU A 698 4.25 56.50 3.67
N ASP A 699 3.30 55.89 2.96
CA ASP A 699 3.46 54.48 2.49
C ASP A 699 4.48 54.49 1.36
N LEU A 700 4.37 55.48 0.48
CA LEU A 700 5.30 55.59 -0.68
C LEU A 700 6.61 56.21 -0.18
N LYS A 701 6.67 56.56 1.10
CA LYS A 701 7.91 57.10 1.70
C LYS A 701 8.30 58.41 1.02
N PHE A 702 7.37 59.04 0.32
CA PHE A 702 7.65 60.35 -0.30
C PHE A 702 7.80 61.37 0.83
N VAL A 703 7.20 61.08 1.98
CA VAL A 703 7.24 62.03 3.12
C VAL A 703 7.53 61.26 4.42
N THR A 704 7.83 61.99 5.50
CA THR A 704 8.01 61.35 6.83
C THR A 704 7.18 62.14 7.85
N GLN A 705 6.87 61.54 9.00
CA GLN A 705 6.00 62.24 9.98
C GLN A 705 6.45 61.98 11.41
N GLU A 706 6.20 62.92 12.32
CA GLU A 706 6.52 62.73 13.75
C GLU A 706 5.64 63.64 14.59
N ASP A 707 4.64 63.09 15.29
CA ASP A 707 3.75 63.87 16.17
C ASP A 707 3.03 65.00 15.41
N GLY A 708 2.48 64.70 14.23
CA GLY A 708 1.70 65.71 13.48
C GLY A 708 2.56 66.46 12.48
N LEU A 709 3.86 66.54 12.75
CA LEU A 709 4.78 67.31 11.87
C LEU A 709 5.16 66.44 10.68
N ILE A 710 4.81 66.86 9.47
CA ILE A 710 5.09 66.03 8.27
C ILE A 710 6.34 66.60 7.58
N ARG A 711 7.22 65.72 7.12
CA ARG A 711 8.51 66.17 6.53
C ARG A 711 8.73 65.47 5.19
N ILE A 712 9.44 66.10 4.27
CA ILE A 712 9.62 65.54 2.89
C ILE A 712 10.93 64.74 2.87
N ASN A 713 10.92 63.59 2.18
CA ASN A 713 12.16 62.80 2.04
C ASN A 713 12.81 63.22 0.70
N GLN A 714 12.55 64.46 0.27
CA GLN A 714 13.18 64.99 -0.96
C GLN A 714 13.01 63.98 -2.09
N GLN A 715 14.11 63.59 -2.72
CA GLN A 715 14.04 62.59 -3.82
C GLN A 715 13.70 61.24 -3.19
N PRO A 716 12.50 60.67 -3.42
CA PRO A 716 12.18 59.36 -2.91
C PRO A 716 12.26 58.31 -4.03
N ASP A 717 12.20 57.04 -3.66
CA ASP A 717 12.15 56.00 -4.72
C ASP A 717 10.87 56.22 -5.53
N LYS A 718 10.96 56.16 -6.86
CA LYS A 718 9.75 56.30 -7.70
C LYS A 718 9.01 54.96 -7.68
N ARG A 719 8.36 54.63 -6.56
CA ARG A 719 7.69 53.32 -6.42
C ARG A 719 6.51 53.22 -7.40
N SER A 720 5.68 54.27 -7.48
CA SER A 720 4.47 54.18 -8.35
C SER A 720 3.81 55.55 -8.47
N ILE A 721 2.72 55.62 -9.23
CA ILE A 721 1.96 56.90 -9.35
C ILE A 721 0.85 56.88 -8.30
N ASP A 722 1.23 56.94 -7.02
CA ASP A 722 0.24 56.90 -5.92
C ASP A 722 -0.44 55.53 -5.92
N SER A 723 0.10 54.60 -6.72
CA SER A 723 -0.45 53.22 -6.74
C SER A 723 0.14 52.43 -5.58
N SER A 724 -0.14 52.87 -4.35
CA SER A 724 0.41 52.21 -3.13
C SER A 724 -0.54 51.12 -2.63
N LYS A 725 -0.06 50.26 -1.74
CA LYS A 725 -0.92 49.20 -1.14
C LYS A 725 -2.10 49.86 -0.43
N VAL A 726 -1.85 50.99 0.23
CA VAL A 726 -2.93 51.70 0.99
C VAL A 726 -3.92 52.30 -0.02
N TYR A 727 -3.44 52.86 -1.12
CA TYR A 727 -4.35 53.39 -2.16
C TYR A 727 -5.18 52.23 -2.70
N GLN A 728 -4.54 51.09 -2.95
CA GLN A 728 -5.25 49.92 -3.52
C GLN A 728 -6.32 49.46 -2.54
N LEU A 729 -5.97 49.35 -1.26
CA LEU A 729 -6.94 48.89 -0.25
C LEU A 729 -8.24 49.67 -0.42
N ARG A 730 -8.14 50.98 -0.56
CA ARG A 730 -9.36 51.83 -0.71
C ARG A 730 -10.10 51.43 -1.98
N GLN A 731 -9.37 51.30 -3.09
CA GLN A 731 -10.01 50.93 -4.38
C GLN A 731 -10.84 49.66 -4.16
N GLN A 732 -10.23 48.64 -3.56
CA GLN A 732 -10.92 47.34 -3.35
C GLN A 732 -12.11 47.55 -2.39
N ARG A 733 -11.91 48.34 -1.34
CA ARG A 733 -12.99 48.52 -0.33
C ARG A 733 -14.19 49.17 -1.01
N MET A 734 -13.98 50.20 -1.83
CA MET A 734 -15.10 50.84 -2.55
C MET A 734 -15.69 49.78 -3.48
N ASP A 735 -14.85 48.90 -4.01
CA ASP A 735 -15.33 47.84 -4.94
C ASP A 735 -16.32 46.93 -4.19
N VAL A 736 -15.97 46.50 -2.98
CA VAL A 736 -16.86 45.55 -2.23
C VAL A 736 -18.13 46.26 -1.76
N GLU A 737 -18.04 47.57 -1.46
CA GLU A 737 -19.22 48.33 -1.00
C GLU A 737 -20.22 48.45 -2.14
N LYS A 738 -19.73 48.65 -3.37
CA LYS A 738 -20.63 48.86 -4.53
C LYS A 738 -21.35 47.58 -4.92
N GLN A 739 -20.69 46.43 -4.76
CA GLN A 739 -21.29 45.19 -5.25
C GLN A 739 -22.01 44.44 -4.15
N LEU A 740 -21.59 44.60 -2.89
CA LEU A 740 -22.14 43.82 -1.79
C LEU A 740 -23.00 44.63 -0.83
N LEU A 741 -22.51 45.79 -0.38
CA LEU A 741 -23.21 46.44 0.74
C LEU A 741 -24.31 47.35 0.24
N TYR A 742 -24.01 48.06 -0.85
CA TYR A 742 -24.95 49.03 -1.46
C TYR A 742 -25.48 48.56 -2.83
N GLN A 743 -25.61 47.26 -3.06
CA GLN A 743 -26.23 46.77 -4.32
C GLN A 743 -27.43 45.88 -3.99
N ASP A 744 -28.11 45.37 -5.02
CA ASP A 744 -29.31 44.54 -4.81
C ASP A 744 -28.90 43.09 -4.65
N PHE A 745 -29.55 42.36 -3.75
CA PHE A 745 -29.12 40.96 -3.46
C PHE A 745 -29.19 40.12 -4.74
N SER A 746 -30.16 40.40 -5.59
CA SER A 746 -30.34 39.58 -6.83
C SER A 746 -29.03 39.54 -7.62
N GLU A 747 -28.41 40.69 -7.83
CA GLU A 747 -27.18 40.74 -8.66
C GLU A 747 -26.02 40.12 -7.89
N ILE A 748 -26.02 40.26 -6.56
CA ILE A 748 -24.95 39.62 -5.73
C ILE A 748 -25.07 38.11 -5.93
N LYS A 749 -26.28 37.59 -5.94
CA LYS A 749 -26.49 36.14 -6.12
C LYS A 749 -26.01 35.73 -7.51
N ASN A 750 -26.20 36.60 -8.50
CA ASN A 750 -25.82 36.28 -9.90
C ASN A 750 -24.30 36.39 -10.07
N TRP A 751 -23.59 36.84 -9.02
CA TRP A 751 -22.11 36.89 -9.08
C TRP A 751 -21.58 35.70 -8.27
N ILE A 752 -22.18 35.47 -7.12
CA ILE A 752 -21.77 34.29 -6.30
C ILE A 752 -22.08 33.05 -7.13
N LYS A 753 -23.00 33.16 -8.07
CA LYS A 753 -23.34 32.01 -8.95
C LYS A 753 -22.39 32.03 -10.15
N SER A 754 -21.54 33.04 -10.23
CA SER A 754 -20.54 33.06 -11.31
C SER A 754 -19.28 32.36 -10.80
N GLN A 755 -18.85 32.68 -9.59
CA GLN A 755 -17.67 32.02 -9.00
C GLN A 755 -18.00 30.55 -8.78
N LEU A 756 -18.93 30.25 -7.87
CA LEU A 756 -19.32 28.86 -7.57
C LEU A 756 -20.79 28.83 -7.13
N MET B 1 67.66 -7.99 11.37
CA MET B 1 66.76 -7.99 12.56
C MET B 1 65.87 -6.74 12.52
N ILE B 2 66.32 -5.64 13.08
CA ILE B 2 65.51 -4.38 12.97
C ILE B 2 65.69 -3.82 11.56
N LYS B 3 64.61 -3.71 10.79
CA LYS B 3 64.68 -3.10 9.44
C LYS B 3 63.73 -1.91 9.38
N PRO B 4 64.12 -0.79 8.73
CA PRO B 4 63.29 0.40 8.69
C PRO B 4 61.90 0.08 8.14
N LYS B 5 60.86 0.55 8.83
CA LYS B 5 59.48 0.35 8.33
C LYS B 5 59.27 1.27 7.13
N TYR B 6 59.94 2.43 7.14
CA TYR B 6 59.73 3.39 6.03
C TYR B 6 61.07 3.81 5.44
N LYS B 7 61.39 3.36 4.23
CA LYS B 7 62.63 3.85 3.57
C LYS B 7 62.58 5.38 3.63
N TRP B 8 63.70 6.05 3.93
CA TRP B 8 63.64 7.51 4.12
C TRP B 8 64.62 8.27 3.23
N LYS B 9 64.42 9.58 3.09
CA LYS B 9 65.29 10.42 2.23
C LYS B 9 65.78 11.63 3.02
N LEU B 10 67.06 11.99 2.86
CA LEU B 10 67.63 13.14 3.60
C LEU B 10 67.98 14.26 2.60
N THR B 11 67.73 15.51 3.00
CA THR B 11 67.97 16.65 2.08
C THR B 11 69.46 16.78 1.79
N LYS B 12 70.31 16.72 2.81
CA LYS B 12 71.78 16.91 2.61
C LYS B 12 72.02 18.06 1.62
N PRO B 13 71.56 19.31 1.87
CA PRO B 13 71.72 20.36 0.88
C PRO B 13 73.12 20.99 0.96
N ALA B 14 73.44 21.91 0.05
CA ALA B 14 74.80 22.51 0.03
C ALA B 14 74.69 24.03 0.04
N GLU B 15 74.31 24.62 1.18
CA GLU B 15 74.20 26.08 1.32
C GLU B 15 74.62 26.48 2.74
N TYR B 16 75.06 27.73 2.93
CA TYR B 16 75.55 28.16 4.26
C TYR B 16 74.94 29.50 4.65
N ILE B 17 74.98 29.84 5.94
CA ILE B 17 74.35 31.11 6.43
C ILE B 17 75.44 32.14 6.72
N SER B 18 75.27 33.37 6.22
CA SER B 18 76.30 34.43 6.42
C SER B 18 76.66 34.56 7.90
N ASP B 19 77.87 34.15 8.26
CA ASP B 19 78.33 34.24 9.67
C ASP B 19 78.18 35.70 10.12
N GLU B 20 78.34 36.64 9.18
CA GLU B 20 78.11 38.06 9.50
C GLU B 20 76.72 38.17 10.13
N LEU B 21 75.75 37.43 9.59
CA LEU B 21 74.36 37.46 10.13
C LEU B 21 74.17 36.30 11.12
N THR B 22 74.80 35.15 10.88
CA THR B 22 74.55 33.99 11.77
C THR B 22 74.72 34.47 13.23
N SER B 23 75.63 35.41 13.45
CA SER B 23 75.82 35.99 14.81
C SER B 23 74.81 37.11 15.04
N LYS B 24 74.57 37.94 14.03
CA LYS B 24 73.53 39.01 14.16
C LYS B 24 72.18 38.34 14.43
N LEU B 25 71.86 37.29 13.66
CA LEU B 25 70.59 36.56 13.85
C LEU B 25 70.78 35.60 15.02
N LYS B 26 71.91 35.71 15.71
CA LYS B 26 72.15 34.86 16.90
C LYS B 26 71.58 33.47 16.64
N LEU B 27 71.92 32.88 15.49
CA LEU B 27 71.39 31.53 15.13
C LEU B 27 72.06 30.46 15.98
N THR B 28 71.29 29.64 16.69
CA THR B 28 71.89 28.52 17.47
C THR B 28 71.86 27.28 16.58
N PRO B 29 72.59 26.19 16.90
CA PRO B 29 72.50 24.95 16.12
C PRO B 29 71.04 24.45 16.02
N ILE B 30 70.76 23.55 15.08
CA ILE B 30 69.39 23.01 14.87
C ILE B 30 68.55 24.10 14.18
N VAL B 31 68.41 25.27 14.81
CA VAL B 31 67.64 26.39 14.19
C VAL B 31 68.25 26.67 12.82
N LYS B 32 69.56 26.88 12.76
CA LYS B 32 70.22 27.21 11.47
C LYS B 32 70.03 26.06 10.49
N LYS B 33 70.20 24.82 10.94
CA LYS B 33 70.10 23.65 10.03
C LYS B 33 68.68 23.55 9.49
N ILE B 34 67.68 23.87 10.33
CA ILE B 34 66.25 23.84 9.89
C ILE B 34 66.06 24.87 8.77
N LEU B 35 66.51 26.10 8.99
CA LEU B 35 66.35 27.16 7.96
C LEU B 35 67.13 26.74 6.72
N GLU B 36 68.36 26.26 6.91
CA GLU B 36 69.21 25.84 5.78
C GLU B 36 68.47 24.74 5.01
N SER B 37 67.65 23.96 5.71
CA SER B 37 66.93 22.84 5.06
C SER B 37 65.79 23.40 4.20
N LYS B 38 65.25 24.55 4.57
CA LYS B 38 64.17 25.19 3.79
C LYS B 38 64.79 26.20 2.84
N SER B 39 66.06 25.98 2.48
CA SER B 39 66.76 26.87 1.53
C SER B 39 66.64 28.34 1.99
N ILE B 40 66.19 28.56 3.23
CA ILE B 40 66.16 29.95 3.76
C ILE B 40 67.57 30.26 4.26
N ILE B 41 68.41 30.86 3.41
CA ILE B 41 69.82 31.14 3.79
C ILE B 41 70.16 32.62 3.54
N ASP B 42 69.23 33.39 2.98
CA ASP B 42 69.54 34.80 2.61
C ASP B 42 68.80 35.78 3.52
N GLU B 43 69.40 36.92 3.81
CA GLU B 43 68.79 37.93 4.71
C GLU B 43 67.45 38.42 4.15
N GLN B 44 66.68 39.17 4.94
CA GLN B 44 65.35 39.69 4.52
C GLN B 44 64.36 38.52 4.50
N ALA B 45 64.59 37.53 3.63
CA ALA B 45 63.73 36.33 3.63
C ALA B 45 63.80 35.61 4.98
N ILE B 46 65.00 35.46 5.54
CA ILE B 46 65.15 34.84 6.89
C ILE B 46 64.40 35.70 7.90
N GLU B 47 64.45 37.02 7.73
CA GLU B 47 63.77 37.94 8.68
C GLU B 47 62.28 37.59 8.68
N SER B 48 61.69 37.46 7.50
CA SER B 48 60.23 37.20 7.41
C SER B 48 59.86 36.05 8.34
N ILE B 49 60.78 35.10 8.55
CA ILE B 49 60.47 33.91 9.39
C ILE B 49 60.46 34.26 10.88
N ILE B 50 61.32 35.19 11.33
CA ILE B 50 61.43 35.44 12.79
C ILE B 50 60.90 36.83 13.20
N SER B 51 60.90 37.80 12.30
CA SER B 51 60.48 39.18 12.71
C SER B 51 59.06 39.14 13.28
N ASP B 52 58.77 40.00 14.26
CA ASP B 52 57.39 40.11 14.82
C ASP B 52 56.66 41.32 14.25
N THR B 53 57.20 41.90 13.16
CA THR B 53 56.59 43.11 12.55
C THR B 53 55.23 42.75 11.94
N ASP B 54 54.28 43.67 12.00
CA ASP B 54 52.91 43.40 11.48
C ASP B 54 52.93 43.54 9.96
N ILE B 55 52.62 42.47 9.24
CA ILE B 55 52.55 42.54 7.74
C ILE B 55 51.09 42.78 7.36
N ASN B 56 50.75 44.00 6.94
CA ASN B 56 49.36 44.35 6.59
C ASN B 56 49.33 45.01 5.21
N HIS B 57 48.99 44.24 4.19
CA HIS B 57 48.86 44.83 2.83
C HIS B 57 47.55 45.62 2.79
N ASP B 58 47.37 46.46 1.78
CA ASP B 58 46.15 47.31 1.69
C ASP B 58 44.99 46.48 1.15
N ALA B 59 43.81 46.64 1.74
CA ALA B 59 42.64 45.85 1.31
C ALA B 59 42.11 46.35 -0.03
N LEU B 60 42.27 47.64 -0.33
CA LEU B 60 41.69 48.19 -1.57
C LEU B 60 42.47 47.71 -2.78
N GLN B 61 43.62 47.05 -2.55
CA GLN B 61 44.41 46.47 -3.67
C GLN B 61 43.79 45.13 -4.04
N LEU B 62 42.71 44.75 -3.36
CA LEU B 62 42.03 43.46 -3.63
C LEU B 62 41.03 43.64 -4.77
N SER B 63 40.50 42.53 -5.27
CA SER B 63 39.58 42.59 -6.44
C SER B 63 38.23 43.20 -6.04
N ASP B 64 37.80 44.24 -6.76
CA ASP B 64 36.45 44.82 -6.54
C ASP B 64 36.24 45.16 -5.06
N MET B 65 37.28 45.62 -4.36
CA MET B 65 37.11 46.05 -2.95
C MET B 65 36.32 47.37 -2.94
N THR B 66 36.70 48.30 -3.82
CA THR B 66 36.02 49.62 -3.85
C THR B 66 34.55 49.40 -4.16
N LYS B 67 34.27 48.63 -5.21
CA LYS B 67 32.87 48.36 -5.62
C LYS B 67 32.13 47.74 -4.45
N THR B 68 32.80 46.86 -3.69
CA THR B 68 32.14 46.14 -2.57
C THR B 68 31.72 47.14 -1.48
N ILE B 69 32.65 48.00 -1.04
CA ILE B 69 32.35 48.97 0.05
C ILE B 69 31.10 49.77 -0.32
N GLU B 70 31.03 50.23 -1.56
CA GLU B 70 29.89 51.07 -1.99
C GLU B 70 28.59 50.30 -1.86
N ARG B 71 28.55 49.08 -2.41
CA ARG B 71 27.29 48.29 -2.40
C ARG B 71 26.86 48.06 -0.95
N ILE B 72 27.82 47.73 -0.09
CA ILE B 72 27.49 47.43 1.34
C ILE B 72 26.96 48.70 1.99
N LYS B 73 27.67 49.81 1.85
CA LYS B 73 27.24 51.08 2.50
C LYS B 73 25.91 51.53 1.89
N ARG B 74 25.77 51.37 0.58
CA ARG B 74 24.51 51.75 -0.09
C ARG B 74 23.38 50.95 0.53
N ALA B 75 23.60 49.66 0.77
CA ALA B 75 22.54 48.80 1.33
C ALA B 75 22.18 49.26 2.74
N ILE B 76 23.16 49.67 3.52
CA ILE B 76 22.91 50.09 4.93
C ILE B 76 22.06 51.37 4.92
N ALA B 77 22.42 52.34 4.07
CA ALA B 77 21.67 53.62 4.01
C ALA B 77 20.27 53.41 3.44
N ASN B 78 20.15 52.56 2.41
CA ASN B 78 18.83 52.27 1.78
C ASN B 78 18.07 51.29 2.67
N ASP B 79 18.71 50.81 3.74
CA ASP B 79 18.08 49.82 4.65
C ASP B 79 17.75 48.56 3.85
N GLU B 80 18.78 47.89 3.33
CA GLU B 80 18.57 46.62 2.59
C GLU B 80 18.80 45.39 3.46
N LYS B 81 18.17 44.26 3.10
CA LYS B 81 18.40 43.01 3.85
C LYS B 81 19.66 42.35 3.30
N ILE B 82 20.64 42.09 4.15
CA ILE B 82 21.94 41.51 3.70
C ILE B 82 22.05 40.10 4.30
N LEU B 83 22.62 39.16 3.55
CA LEU B 83 22.79 37.77 4.05
C LEU B 83 24.24 37.33 3.83
N VAL B 84 24.85 36.75 4.86
CA VAL B 84 26.23 36.20 4.70
C VAL B 84 26.11 34.70 4.47
N TYR B 85 26.41 34.25 3.26
CA TYR B 85 26.34 32.80 2.92
C TYR B 85 27.75 32.22 3.06
N GLY B 86 27.90 31.19 3.89
CA GLY B 86 29.26 30.69 4.15
C GLY B 86 29.47 29.20 3.95
N ASP B 87 30.47 28.64 4.63
CA ASP B 87 30.81 27.21 4.48
C ASP B 87 30.76 26.54 5.86
N TYR B 88 30.76 25.21 5.89
CA TYR B 88 30.63 24.46 7.16
C TYR B 88 32.01 24.12 7.72
N ASP B 89 33.05 24.74 7.16
CA ASP B 89 34.44 24.49 7.61
C ASP B 89 34.84 25.57 8.61
N ALA B 90 35.93 25.35 9.33
CA ALA B 90 36.41 26.34 10.33
C ALA B 90 36.68 27.68 9.65
N ASP B 91 37.27 27.67 8.45
CA ASP B 91 37.49 28.95 7.72
C ASP B 91 36.13 29.60 7.45
N GLY B 92 35.12 28.80 7.11
CA GLY B 92 33.79 29.35 6.79
C GLY B 92 33.11 29.92 8.02
N VAL B 93 33.19 29.22 9.14
CA VAL B 93 32.46 29.69 10.36
C VAL B 93 33.15 30.96 10.86
N THR B 94 34.48 30.99 10.83
CA THR B 94 35.23 32.18 11.29
C THR B 94 34.89 33.34 10.34
N ALA B 95 34.85 33.07 9.04
CA ALA B 95 34.55 34.12 8.03
C ALA B 95 33.16 34.68 8.27
N THR B 96 32.16 33.80 8.42
CA THR B 96 30.76 34.26 8.60
C THR B 96 30.72 35.16 9.83
N THR B 97 31.38 34.74 10.90
CA THR B 97 31.34 35.51 12.18
C THR B 97 31.96 36.89 11.94
N ILE B 98 33.15 36.95 11.34
CA ILE B 98 33.85 38.25 11.15
C ILE B 98 32.93 39.21 10.39
N LEU B 99 32.42 38.79 9.23
CA LEU B 99 31.59 39.70 8.39
C LEU B 99 30.30 40.08 9.12
N VAL B 100 29.62 39.12 9.73
CA VAL B 100 28.31 39.43 10.36
C VAL B 100 28.53 40.52 11.42
N ILE B 101 29.53 40.35 12.28
CA ILE B 101 29.77 41.34 13.37
C ILE B 101 30.13 42.68 12.74
N THR B 102 31.00 42.68 11.73
CA THR B 102 31.43 43.94 11.06
C THR B 102 30.20 44.69 10.55
N LEU B 103 29.28 43.97 9.90
CA LEU B 103 28.05 44.61 9.34
C LEU B 103 27.16 45.09 10.49
N GLN B 104 27.09 44.32 11.58
CA GLN B 104 26.28 44.74 12.75
C GLN B 104 26.85 46.05 13.31
N LEU B 105 28.17 46.17 13.37
CA LEU B 105 28.83 47.39 13.92
C LEU B 105 28.48 48.58 13.02
N LEU B 106 28.41 48.37 11.71
CA LEU B 106 28.06 49.45 10.77
C LEU B 106 26.55 49.74 10.87
N GLY B 107 25.83 48.90 11.60
CA GLY B 107 24.37 49.10 11.79
C GLY B 107 23.61 48.63 10.58
N ALA B 108 23.52 47.31 10.37
CA ALA B 108 22.88 46.80 9.14
C ALA B 108 21.91 45.66 9.46
N GLN B 109 20.94 45.42 8.57
CA GLN B 109 20.04 44.25 8.74
C GLN B 109 20.81 43.04 8.18
N VAL B 110 21.63 42.40 9.00
CA VAL B 110 22.49 41.29 8.50
C VAL B 110 21.96 39.94 8.98
N GLY B 111 22.03 38.93 8.13
CA GLY B 111 21.62 37.57 8.51
C GLY B 111 22.63 36.59 7.95
N TRP B 112 22.64 35.36 8.44
CA TRP B 112 23.70 34.41 7.99
C TRP B 112 23.12 33.02 7.72
N HIS B 113 23.62 32.34 6.69
CA HIS B 113 23.18 30.95 6.41
C HIS B 113 24.40 30.09 6.10
N ILE B 114 24.55 28.98 6.84
CA ILE B 114 25.65 28.03 6.54
C ILE B 114 24.99 26.78 5.99
N PRO B 115 25.27 26.36 4.74
CA PRO B 115 24.58 25.22 4.13
C PRO B 115 24.86 23.88 4.83
N ASN B 116 23.94 22.92 4.69
CA ASN B 116 24.14 21.57 5.28
C ASN B 116 25.06 20.76 4.36
N ARG B 117 26.03 20.07 4.92
CA ARG B 117 26.99 19.29 4.11
C ARG B 117 26.27 18.17 3.35
N PHE B 118 25.12 17.72 3.86
CA PHE B 118 24.45 16.54 3.25
C PHE B 118 23.17 16.93 2.49
N THR B 119 22.33 17.80 3.06
CA THR B 119 21.03 18.11 2.41
C THR B 119 21.18 19.27 1.41
N GLU B 120 22.33 19.95 1.40
CA GLU B 120 22.50 21.13 0.51
C GLU B 120 23.81 21.01 -0.26
N GLY B 121 24.93 20.88 0.44
CA GLY B 121 26.26 20.77 -0.22
C GLY B 121 27.10 22.01 -0.02
N TYR B 122 28.14 22.18 -0.84
CA TYR B 122 29.05 23.35 -0.72
C TYR B 122 28.76 24.36 -1.81
N GLY B 123 28.69 25.65 -1.45
CA GLY B 123 28.51 26.70 -2.47
C GLY B 123 27.07 27.13 -2.61
N PRO B 124 26.77 28.12 -3.48
CA PRO B 124 25.42 28.62 -3.62
C PRO B 124 24.41 27.52 -3.98
N ASN B 125 23.22 27.56 -3.38
CA ASN B 125 22.15 26.58 -3.73
C ASN B 125 20.93 27.37 -4.18
N GLU B 126 20.20 26.86 -5.17
CA GLU B 126 19.04 27.61 -5.73
C GLU B 126 17.97 27.83 -4.67
N LEU B 127 17.64 26.80 -3.90
CA LEU B 127 16.52 26.94 -2.92
C LEU B 127 16.75 28.12 -2.00
N ALA B 128 17.89 28.15 -1.31
CA ALA B 128 18.15 29.23 -0.33
C ALA B 128 18.20 30.57 -1.04
N PHE B 129 18.82 30.63 -2.21
CA PHE B 129 18.95 31.91 -2.95
C PHE B 129 17.54 32.38 -3.32
N ARG B 130 16.67 31.47 -3.78
CA ARG B 130 15.27 31.86 -4.08
C ARG B 130 14.58 32.24 -2.78
N ASN B 131 14.76 31.43 -1.74
CA ASN B 131 14.14 31.72 -0.43
C ASN B 131 14.67 33.08 0.04
N ALA B 132 15.90 33.43 -0.33
CA ALA B 132 16.46 34.75 0.03
C ALA B 132 15.64 35.83 -0.67
N HIS B 133 15.39 35.68 -1.96
CA HIS B 133 14.55 36.67 -2.69
C HIS B 133 13.14 36.63 -2.12
N ASP B 134 12.62 35.45 -1.84
CA ASP B 134 11.27 35.33 -1.23
C ASP B 134 11.34 36.00 0.15
N GLU B 135 12.46 35.86 0.84
CA GLU B 135 12.65 36.56 2.13
C GLU B 135 13.26 37.93 1.78
N GLY B 136 13.25 38.33 0.51
CA GLY B 136 13.68 39.67 0.05
C GLY B 136 15.13 40.08 0.28
N ILE B 137 16.00 39.19 0.74
CA ILE B 137 17.43 39.60 0.85
C ILE B 137 17.81 40.25 -0.49
N THR B 138 18.29 41.49 -0.46
CA THR B 138 18.64 42.22 -1.71
C THR B 138 20.15 42.20 -1.93
N LEU B 139 20.93 41.90 -0.89
CA LEU B 139 22.40 41.77 -1.06
C LEU B 139 22.88 40.49 -0.39
N ILE B 140 23.58 39.63 -1.13
CA ILE B 140 24.12 38.37 -0.56
C ILE B 140 25.65 38.45 -0.60
N ILE B 141 26.31 38.32 0.55
CA ILE B 141 27.81 38.33 0.58
C ILE B 141 28.27 36.91 0.90
N THR B 142 28.99 36.29 -0.02
CA THR B 142 29.43 34.88 0.16
C THR B 142 30.77 34.84 0.89
N VAL B 143 31.03 33.79 1.67
CA VAL B 143 32.33 33.65 2.38
C VAL B 143 32.85 32.22 2.22
N ASP B 144 34.06 32.06 1.64
CA ASP B 144 34.68 30.73 1.45
C ASP B 144 33.85 29.94 0.43
N ASN B 145 32.91 30.61 -0.24
CA ASN B 145 32.08 29.96 -1.28
C ASN B 145 31.68 30.98 -2.35
N GLY B 146 31.33 30.52 -3.56
CA GLY B 146 30.82 31.46 -4.58
C GLY B 146 31.58 31.44 -5.90
N ILE B 147 32.87 31.11 -5.89
CA ILE B 147 33.68 31.21 -7.14
C ILE B 147 33.18 30.19 -8.17
N GLN B 148 32.32 29.27 -7.76
CA GLN B 148 31.80 28.22 -8.68
C GLN B 148 30.28 28.18 -8.62
N GLY B 149 29.64 29.33 -8.38
CA GLY B 149 28.17 29.40 -8.32
C GLY B 149 27.61 30.17 -9.49
N HIS B 150 28.25 30.08 -10.65
CA HIS B 150 27.83 30.87 -11.84
C HIS B 150 26.32 30.73 -12.05
N ASN B 151 25.82 29.49 -12.08
CA ASN B 151 24.39 29.27 -12.37
C ASN B 151 23.50 29.90 -11.29
N GLU B 152 23.77 29.60 -10.02
CA GLU B 152 22.91 30.09 -8.92
C GLU B 152 22.98 31.62 -8.86
N ILE B 153 24.18 32.18 -8.99
CA ILE B 153 24.34 33.65 -8.85
C ILE B 153 23.48 34.34 -9.91
N LYS B 154 23.53 33.85 -11.14
CA LYS B 154 22.77 34.50 -12.25
C LYS B 154 21.28 34.51 -11.91
N MET B 155 20.74 33.38 -11.45
CA MET B 155 19.28 33.32 -11.20
C MET B 155 18.90 34.39 -10.17
N VAL B 156 19.65 34.48 -9.07
CA VAL B 156 19.28 35.45 -7.99
C VAL B 156 19.56 36.87 -8.48
N GLN B 157 20.57 37.05 -9.35
CA GLN B 157 20.85 38.39 -9.92
C GLN B 157 19.69 38.78 -10.84
N ASP B 158 19.08 37.80 -11.50
CA ASP B 158 17.93 38.07 -12.40
C ASP B 158 16.68 38.38 -11.58
N LEU B 159 16.64 37.94 -10.33
CA LEU B 159 15.48 38.23 -9.45
C LEU B 159 15.65 39.61 -8.81
N GLY B 160 16.84 40.22 -8.95
CA GLY B 160 17.07 41.57 -8.40
C GLY B 160 17.95 41.55 -7.15
N VAL B 161 18.63 40.43 -6.90
CA VAL B 161 19.47 40.28 -5.68
C VAL B 161 20.94 40.41 -6.08
N ASP B 162 21.64 41.41 -5.56
CA ASP B 162 23.09 41.59 -5.86
C ASP B 162 23.89 40.58 -5.05
N VAL B 163 24.97 40.04 -5.63
CA VAL B 163 25.78 39.00 -4.94
C VAL B 163 27.25 39.44 -4.94
N ILE B 164 27.87 39.47 -3.76
CA ILE B 164 29.32 39.79 -3.68
C ILE B 164 30.04 38.49 -3.31
N VAL B 165 30.94 38.03 -4.16
CA VAL B 165 31.60 36.71 -3.91
C VAL B 165 32.92 36.94 -3.18
N THR B 166 33.09 36.33 -2.00
CA THR B 166 34.39 36.41 -1.29
C THR B 166 34.90 34.99 -1.13
N ASP B 167 35.99 34.64 -1.81
CA ASP B 167 36.50 33.24 -1.76
C ASP B 167 38.02 33.24 -1.91
N HIS B 168 38.64 32.07 -1.79
CA HIS B 168 40.11 31.93 -1.97
C HIS B 168 40.37 30.57 -2.62
N HIS B 169 39.30 29.91 -3.08
CA HIS B 169 39.46 28.54 -3.62
C HIS B 169 39.78 28.60 -5.12
N GLU B 170 40.15 27.47 -5.71
CA GLU B 170 40.58 27.44 -7.12
C GLU B 170 39.59 28.18 -8.02
N ILE B 171 40.09 29.08 -8.86
CA ILE B 171 39.20 29.77 -9.83
C ILE B 171 39.15 28.89 -11.09
N GLY B 172 38.03 28.87 -11.79
CA GLY B 172 37.88 27.98 -12.96
C GLY B 172 38.07 28.71 -14.27
N SER B 173 37.48 28.18 -15.34
CA SER B 173 37.64 28.79 -16.69
C SER B 173 37.15 30.23 -16.67
N THR B 174 35.95 30.48 -16.16
CA THR B 174 35.37 31.84 -16.19
C THR B 174 34.98 32.26 -14.77
N LEU B 175 34.72 33.56 -14.59
CA LEU B 175 34.32 34.07 -13.25
C LEU B 175 32.79 34.21 -13.23
N PRO B 176 32.11 33.82 -12.15
CA PRO B 176 30.67 34.01 -12.06
C PRO B 176 30.33 35.48 -12.30
N GLU B 177 29.21 35.74 -13.00
CA GLU B 177 28.82 37.13 -13.31
C GLU B 177 28.13 37.73 -12.09
N ALA B 178 28.90 38.13 -11.09
CA ALA B 178 28.34 38.72 -9.85
C ALA B 178 28.70 40.19 -9.78
N TYR B 179 27.96 40.97 -8.99
CA TYR B 179 28.21 42.42 -8.90
C TYR B 179 29.69 42.62 -8.58
N ALA B 180 30.23 41.83 -7.65
CA ALA B 180 31.65 41.97 -7.25
C ALA B 180 32.26 40.61 -6.88
N ILE B 181 33.55 40.44 -7.11
CA ILE B 181 34.26 39.18 -6.71
C ILE B 181 35.53 39.57 -5.95
N VAL B 182 35.53 39.38 -4.62
CA VAL B 182 36.75 39.66 -3.81
C VAL B 182 37.54 38.37 -3.68
N HIS B 183 38.53 38.18 -4.56
CA HIS B 183 39.35 36.94 -4.54
C HIS B 183 40.82 37.35 -4.56
N PRO B 184 41.64 36.85 -3.60
CA PRO B 184 43.04 37.26 -3.52
C PRO B 184 43.82 36.85 -4.78
N MET B 185 43.27 35.93 -5.57
CA MET B 185 44.01 35.40 -6.75
C MET B 185 43.36 35.86 -8.05
N HIS B 186 42.52 36.89 -8.01
CA HIS B 186 41.96 37.43 -9.28
C HIS B 186 43.13 37.74 -10.20
N PRO B 187 43.17 37.18 -11.43
CA PRO B 187 44.30 37.38 -12.33
C PRO B 187 44.46 38.85 -12.74
N SER B 188 43.36 39.54 -13.03
CA SER B 188 43.43 40.94 -13.49
C SER B 188 44.02 41.84 -12.40
N PHE B 189 43.60 41.67 -11.16
CA PHE B 189 44.07 42.57 -10.07
C PHE B 189 45.41 42.08 -9.52
N ASN B 190 46.08 42.92 -8.74
CA ASN B 190 47.41 42.55 -8.18
C ASN B 190 47.40 42.77 -6.67
N TYR B 191 47.31 41.68 -5.90
CA TYR B 191 47.38 41.78 -4.42
C TYR B 191 48.63 41.01 -3.96
N PRO B 192 49.50 41.61 -3.13
CA PRO B 192 50.76 40.97 -2.75
C PRO B 192 50.66 39.50 -2.33
N PHE B 193 49.80 39.17 -1.37
CA PHE B 193 49.70 37.79 -0.85
C PHE B 193 48.44 37.12 -1.39
N GLN B 194 48.58 36.02 -2.11
CA GLN B 194 47.39 35.39 -2.75
C GLN B 194 47.00 34.10 -2.02
N GLN B 195 47.62 33.82 -0.87
CA GLN B 195 47.33 32.58 -0.13
C GLN B 195 46.45 32.89 1.08
N LEU B 196 45.68 33.99 1.01
CA LEU B 196 44.78 34.38 2.12
C LEU B 196 43.65 33.36 2.22
N CYS B 197 43.11 33.16 3.43
CA CYS B 197 41.97 32.24 3.62
C CYS B 197 40.67 33.05 3.53
N GLY B 198 39.51 32.39 3.63
CA GLY B 198 38.23 33.11 3.61
C GLY B 198 38.13 34.08 4.77
N ALA B 199 38.64 33.69 5.93
CA ALA B 199 38.65 34.60 7.10
C ALA B 199 39.59 35.78 6.80
N GLY B 200 40.74 35.50 6.18
CA GLY B 200 41.65 36.58 5.79
C GLY B 200 40.98 37.54 4.82
N VAL B 201 40.29 37.01 3.82
CA VAL B 201 39.60 37.85 2.80
C VAL B 201 38.55 38.70 3.52
N ALA B 202 37.81 38.10 4.44
CA ALA B 202 36.75 38.83 5.20
C ALA B 202 37.40 39.83 6.17
N TYR B 203 38.54 39.45 6.76
CA TYR B 203 39.25 40.36 7.70
C TYR B 203 39.65 41.62 6.95
N LYS B 204 40.14 41.48 5.72
CA LYS B 204 40.54 42.64 4.91
C LYS B 204 39.30 43.48 4.59
N LEU B 205 38.19 42.83 4.28
CA LEU B 205 36.92 43.55 3.99
C LEU B 205 36.54 44.33 5.24
N ALA B 206 36.74 43.74 6.42
CA ALA B 206 36.43 44.43 7.69
C ALA B 206 37.31 45.67 7.82
N GLN B 207 38.62 45.51 7.61
CA GLN B 207 39.56 46.65 7.75
C GLN B 207 39.11 47.78 6.83
N ALA B 208 38.58 47.44 5.65
CA ALA B 208 38.11 48.46 4.69
C ALA B 208 36.84 49.13 5.22
N LEU B 209 35.89 48.33 5.70
CA LEU B 209 34.61 48.88 6.21
C LEU B 209 34.86 49.57 7.55
N ILE B 210 35.53 48.90 8.48
CA ILE B 210 35.86 49.50 9.82
C ILE B 210 37.38 49.49 9.96
N GLU B 211 38.00 50.65 10.14
CA GLU B 211 39.48 50.71 10.18
C GLU B 211 40.01 49.92 11.38
N ASN B 212 39.48 50.21 12.57
CA ASN B 212 39.95 49.50 13.79
C ASN B 212 39.07 48.27 14.00
N VAL B 213 39.62 47.09 13.72
CA VAL B 213 38.83 45.83 13.81
C VAL B 213 39.01 45.24 15.21
N PRO B 214 37.93 44.71 15.84
CA PRO B 214 38.07 44.05 17.13
C PRO B 214 39.20 43.02 17.06
N ASP B 215 39.96 42.85 18.13
CA ASP B 215 41.15 41.96 18.09
C ASP B 215 40.76 40.49 17.90
N TYR B 216 39.58 40.07 18.37
CA TYR B 216 39.26 38.63 18.27
C TYR B 216 39.11 38.25 16.80
N PHE B 217 38.93 39.23 15.93
CA PHE B 217 38.86 38.93 14.48
C PHE B 217 40.17 38.26 14.06
N LYS B 218 41.28 38.71 14.63
CA LYS B 218 42.61 38.13 14.30
C LYS B 218 42.66 36.67 14.76
N ALA B 219 42.16 36.38 15.96
CA ALA B 219 42.14 35.00 16.47
C ALA B 219 41.33 34.11 15.52
N LEU B 220 40.19 34.59 15.06
CA LEU B 220 39.34 33.83 14.12
C LEU B 220 40.14 33.56 12.83
N VAL B 221 40.84 34.58 12.34
CA VAL B 221 41.64 34.42 11.08
C VAL B 221 42.70 33.34 11.32
N ALA B 222 43.37 33.38 12.48
CA ALA B 222 44.40 32.38 12.81
C ALA B 222 43.79 30.98 12.78
N ILE B 223 42.61 30.83 13.38
CA ILE B 223 41.94 29.50 13.42
C ILE B 223 41.73 29.04 11.97
N GLY B 224 41.13 29.87 11.14
CA GLY B 224 40.85 29.47 9.75
C GLY B 224 42.12 29.21 8.97
N THR B 225 43.16 30.01 9.21
CA THR B 225 44.42 29.87 8.43
C THR B 225 45.05 28.51 8.74
N ILE B 226 45.06 28.12 10.02
CA ILE B 226 45.70 26.84 10.42
C ILE B 226 44.76 25.68 10.04
N ALA B 227 43.48 25.99 9.82
CA ALA B 227 42.50 24.95 9.49
C ALA B 227 42.55 24.63 7.99
N ASP B 228 42.58 25.65 7.13
CA ASP B 228 42.62 25.42 5.66
C ASP B 228 44.06 25.13 5.26
N LEU B 229 44.97 25.03 6.22
CA LEU B 229 46.38 24.66 5.92
C LEU B 229 46.89 25.51 4.77
N VAL B 230 46.62 26.82 4.82
CA VAL B 230 47.11 27.75 3.77
C VAL B 230 48.55 28.13 4.09
N SER B 231 49.27 28.73 3.12
CA SER B 231 50.71 29.06 3.33
C SER B 231 50.89 29.83 4.65
N LEU B 232 51.69 29.27 5.56
CA LEU B 232 51.97 29.96 6.85
C LEU B 232 53.17 30.89 6.64
N THR B 233 52.98 31.92 5.81
CA THR B 233 54.08 32.87 5.51
C THR B 233 53.50 34.26 5.31
N ASP B 234 54.36 35.28 5.20
CA ASP B 234 53.90 36.66 4.92
C ASP B 234 52.73 37.05 5.84
N GLU B 235 51.66 37.59 5.28
CA GLU B 235 50.52 38.09 6.11
C GLU B 235 49.96 36.95 6.96
N ASN B 236 49.78 35.78 6.37
CA ASN B 236 49.17 34.65 7.11
C ASN B 236 49.98 34.45 8.39
N ARG B 237 51.30 34.42 8.27
CA ARG B 237 52.18 34.19 9.45
C ARG B 237 51.93 35.29 10.49
N SER B 238 51.98 36.55 10.07
CA SER B 238 51.81 37.67 11.03
C SER B 238 50.45 37.56 11.70
N LEU B 239 49.39 37.42 10.90
CA LEU B 239 48.01 37.40 11.48
C LEU B 239 47.89 36.22 12.45
N VAL B 240 48.50 35.08 12.12
CA VAL B 240 48.44 33.89 13.01
C VAL B 240 49.16 34.23 14.31
N LYS B 241 50.35 34.81 14.22
CA LYS B 241 51.13 35.14 15.44
C LYS B 241 50.33 36.16 16.26
N GLN B 242 49.81 37.20 15.61
CA GLN B 242 49.00 38.22 16.33
C GLN B 242 47.79 37.53 16.96
N GLY B 243 47.15 36.63 16.22
CA GLY B 243 45.96 35.92 16.74
C GLY B 243 46.32 35.06 17.92
N LEU B 244 47.46 34.37 17.86
CA LEU B 244 47.89 33.48 18.97
C LEU B 244 48.08 34.34 20.22
N LYS B 245 48.60 35.56 20.05
CA LYS B 245 48.77 36.48 21.20
C LYS B 245 47.41 36.72 21.84
N VAL B 246 46.42 37.14 21.05
CA VAL B 246 45.05 37.38 21.58
C VAL B 246 44.57 36.10 22.25
N LEU B 247 44.67 34.96 21.57
CA LEU B 247 44.13 33.69 22.12
C LEU B 247 44.77 33.42 23.48
N ASN B 248 46.02 33.84 23.68
CA ASN B 248 46.73 33.57 24.95
C ASN B 248 46.56 34.74 25.92
N ASP B 249 46.87 35.96 25.47
CA ASP B 249 46.82 37.16 26.37
C ASP B 249 45.36 37.53 26.68
N GLN B 250 44.46 37.45 25.70
CA GLN B 250 43.05 37.88 25.91
C GLN B 250 42.12 36.85 25.28
N CYS B 251 42.10 35.62 25.80
CA CYS B 251 41.29 34.55 25.15
C CYS B 251 39.85 35.00 24.97
N PRO B 252 39.28 34.91 23.75
CA PRO B 252 37.88 35.23 23.54
C PRO B 252 37.02 34.25 24.36
N THR B 253 35.88 34.71 24.86
CA THR B 253 35.03 33.85 25.73
C THR B 253 34.69 32.55 25.00
N SER B 254 34.31 32.63 23.73
CA SER B 254 33.88 31.42 22.98
C SER B 254 34.97 30.36 23.01
N VAL B 255 36.19 30.72 22.60
CA VAL B 255 37.31 29.74 22.54
C VAL B 255 37.65 29.29 23.97
N LYS B 256 37.59 30.22 24.92
CA LYS B 256 37.85 29.87 26.34
C LYS B 256 36.93 28.74 26.75
N ALA B 257 35.63 28.87 26.48
CA ALA B 257 34.65 27.84 26.87
C ALA B 257 34.99 26.52 26.17
N LEU B 258 35.34 26.60 24.89
CA LEU B 258 35.64 25.36 24.10
C LEU B 258 36.79 24.62 24.76
N LEU B 259 37.90 25.32 25.05
CA LEU B 259 39.09 24.65 25.63
C LEU B 259 38.77 24.17 27.05
N LYS B 260 37.91 24.91 27.75
CA LYS B 260 37.53 24.53 29.14
C LYS B 260 36.81 23.18 29.09
N GLU B 261 35.91 22.99 28.13
CA GLU B 261 35.20 21.70 27.98
C GLU B 261 36.18 20.64 27.47
N ALA B 262 37.16 21.05 26.65
CA ALA B 262 38.15 20.11 26.10
C ALA B 262 39.08 19.62 27.22
N GLY B 263 39.48 20.53 28.11
CA GLY B 263 40.41 20.16 29.19
C GLY B 263 41.79 20.75 28.94
N TYR B 264 41.86 21.89 28.25
CA TYR B 264 43.17 22.50 27.92
C TYR B 264 43.35 23.79 28.70
N ASN B 265 44.49 23.93 29.40
CA ASN B 265 44.78 25.17 30.17
C ASN B 265 46.21 25.62 29.86
N ASP B 266 46.87 24.93 28.93
CA ASP B 266 48.28 25.26 28.60
C ASP B 266 48.31 26.34 27.52
N ASN B 267 49.50 26.65 27.00
CA ASN B 267 49.64 27.73 25.99
C ASN B 267 48.96 27.30 24.69
N ILE B 268 48.29 28.23 24.01
CA ILE B 268 47.63 27.91 22.71
C ILE B 268 48.65 28.10 21.58
N ASP B 269 48.71 27.14 20.66
CA ASP B 269 49.66 27.21 19.54
C ASP B 269 48.97 26.73 18.25
N GLU B 270 49.71 26.64 17.16
CA GLU B 270 49.13 26.16 15.88
C GLU B 270 48.60 24.74 16.11
N GLU B 271 49.30 23.95 16.92
CA GLU B 271 48.88 22.55 17.20
C GLU B 271 47.55 22.57 17.95
N THR B 272 47.42 23.44 18.95
CA THR B 272 46.15 23.56 19.70
C THR B 272 45.03 23.89 18.72
N ILE B 273 45.27 24.84 17.81
CA ILE B 273 44.20 25.28 16.88
C ILE B 273 43.89 24.13 15.91
N GLY B 274 44.92 23.50 15.35
CA GLY B 274 44.67 22.46 14.31
C GLY B 274 44.28 21.12 14.89
N PHE B 275 44.60 20.84 16.15
CA PHE B 275 44.34 19.49 16.69
C PHE B 275 43.19 19.54 17.71
N ILE B 276 42.98 20.69 18.33
CA ILE B 276 41.94 20.78 19.41
C ILE B 276 40.81 21.71 18.97
N ILE B 277 41.10 22.98 18.68
CA ILE B 277 40.02 23.96 18.36
C ILE B 277 39.39 23.65 17.00
N GLY B 278 40.22 23.51 15.97
CA GLY B 278 39.68 23.31 14.61
C GLY B 278 38.77 22.09 14.49
N PRO B 279 39.21 20.87 14.83
CA PRO B 279 38.38 19.69 14.64
C PRO B 279 37.02 19.88 15.32
N ARG B 280 36.98 20.57 16.46
CA ARG B 280 35.71 20.76 17.20
C ARG B 280 34.76 21.64 16.39
N LEU B 281 35.27 22.73 15.83
CA LEU B 281 34.41 23.66 15.05
C LEU B 281 34.01 23.00 13.73
N ASN B 282 34.76 21.99 13.30
CA ASN B 282 34.48 21.30 12.01
C ASN B 282 33.55 20.11 12.26
N ALA B 283 33.60 19.50 13.45
CA ALA B 283 32.79 18.30 13.74
C ALA B 283 31.29 18.60 13.58
N VAL B 284 30.85 19.75 14.07
CA VAL B 284 29.40 20.10 14.00
C VAL B 284 28.98 20.09 12.53
N GLY B 285 29.83 20.60 11.64
CA GLY B 285 29.52 20.64 10.20
C GLY B 285 29.60 19.26 9.58
N ARG B 286 30.44 18.39 10.14
CA ARG B 286 30.56 17.00 9.63
C ARG B 286 29.31 16.22 10.05
N LEU B 287 28.49 16.76 10.94
CA LEU B 287 27.22 16.09 11.34
C LEU B 287 26.00 16.92 10.90
N ASP B 288 25.71 18.05 11.56
CA ASP B 288 24.59 18.92 11.10
C ASP B 288 24.60 20.27 11.82
N ASP B 289 24.02 21.30 11.19
CA ASP B 289 23.88 22.64 11.85
C ASP B 289 25.24 23.21 12.28
N ALA B 290 26.19 23.39 11.36
CA ALA B 290 27.45 24.06 11.74
C ALA B 290 27.08 25.41 12.37
N SER B 291 25.86 25.89 12.11
CA SER B 291 25.36 27.14 12.71
C SER B 291 25.73 27.17 14.20
N LEU B 292 25.71 26.01 14.86
CA LEU B 292 26.06 25.93 16.29
C LEU B 292 27.43 26.57 16.51
N ALA B 293 28.40 26.25 15.64
CA ALA B 293 29.76 26.78 15.80
C ALA B 293 29.75 28.30 15.60
N CYS B 294 29.02 28.77 14.58
CA CYS B 294 28.92 30.22 14.32
C CYS B 294 28.26 30.90 15.52
N GLU B 295 27.22 30.27 16.07
CA GLU B 295 26.50 30.84 17.24
C GLU B 295 27.43 30.83 18.46
N LEU B 296 28.32 29.85 18.56
CA LEU B 296 29.31 29.85 19.66
C LEU B 296 30.28 31.01 19.48
N LEU B 297 30.77 31.24 18.27
CA LEU B 297 31.80 32.29 18.05
C LEU B 297 31.17 33.68 18.06
N MET B 298 29.85 33.77 18.03
CA MET B 298 29.19 35.09 17.94
C MET B 298 28.75 35.57 19.32
N THR B 299 28.79 34.71 20.34
CA THR B 299 28.32 35.11 21.70
C THR B 299 29.51 35.44 22.59
N ASP B 300 29.35 36.42 23.47
CA ASP B 300 30.43 36.82 24.43
C ASP B 300 29.86 36.70 25.84
N VAL B 301 28.68 36.08 25.96
CA VAL B 301 28.04 35.87 27.29
C VAL B 301 28.54 34.55 27.85
N GLU B 302 29.35 34.58 28.90
CA GLU B 302 29.99 33.34 29.42
C GLU B 302 28.99 32.19 29.54
N GLU B 303 27.74 32.48 29.89
CA GLU B 303 26.75 31.40 30.12
C GLU B 303 26.33 30.87 28.74
N GLU B 304 26.07 31.76 27.80
CA GLU B 304 25.60 31.32 26.46
C GLU B 304 26.67 30.44 25.84
N ALA B 305 27.93 30.82 26.00
CA ALA B 305 29.04 30.05 25.41
C ALA B 305 29.14 28.65 26.00
N ALA B 306 28.78 28.50 27.27
CA ALA B 306 28.88 27.17 27.93
C ALA B 306 27.87 26.21 27.32
N PHE B 307 26.61 26.64 27.15
CA PHE B 307 25.58 25.73 26.61
C PHE B 307 26.03 25.38 25.20
N LEU B 308 26.55 26.37 24.47
CA LEU B 308 26.97 26.14 23.07
C LEU B 308 28.19 25.20 23.05
N ALA B 309 29.14 25.41 23.94
CA ALA B 309 30.36 24.57 23.97
C ALA B 309 30.07 23.14 24.41
N GLU B 310 29.02 22.93 25.21
CA GLU B 310 28.63 21.57 25.62
C GLU B 310 28.17 20.78 24.40
N GLN B 311 27.33 21.39 23.57
CA GLN B 311 26.82 20.72 22.35
C GLN B 311 27.98 20.45 21.39
N VAL B 312 28.92 21.41 21.27
CA VAL B 312 30.08 21.24 20.35
C VAL B 312 30.92 20.06 20.85
N GLU B 313 31.13 19.97 22.15
CA GLU B 313 31.97 18.88 22.72
C GLU B 313 31.27 17.54 22.49
N HIS B 314 29.95 17.53 22.53
CA HIS B 314 29.19 16.28 22.27
C HIS B 314 29.51 15.79 20.86
N PHE B 315 29.51 16.70 19.89
CA PHE B 315 29.74 16.31 18.47
C PHE B 315 31.20 15.88 18.28
N ASN B 316 32.15 16.59 18.87
CA ASN B 316 33.58 16.19 18.76
C ASN B 316 33.74 14.74 19.21
N ARG B 317 33.23 14.42 20.40
CA ARG B 317 33.31 13.04 20.93
C ARG B 317 32.60 12.10 19.96
N GLU B 318 31.40 12.48 19.52
CA GLU B 318 30.63 11.59 18.63
C GLU B 318 31.52 11.28 17.42
N ARG B 319 32.19 12.29 16.87
CA ARG B 319 33.02 12.07 15.66
C ARG B 319 34.13 11.07 15.98
N LYS B 320 34.78 11.23 17.14
CA LYS B 320 35.91 10.33 17.49
C LYS B 320 35.43 8.88 17.44
N ASP B 321 34.24 8.61 17.97
CA ASP B 321 33.75 7.20 18.03
C ASP B 321 33.17 6.75 16.69
N ILE B 322 32.52 7.65 15.96
CA ILE B 322 32.02 7.28 14.60
C ILE B 322 33.22 6.92 13.73
N VAL B 323 34.32 7.67 13.86
CA VAL B 323 35.55 7.34 13.09
C VAL B 323 35.98 5.91 13.45
N ALA B 324 36.03 5.61 14.76
CA ALA B 324 36.54 4.29 15.18
C ALA B 324 35.75 3.15 14.55
N THR B 325 34.43 3.15 14.67
CA THR B 325 33.64 1.99 14.17
C THR B 325 33.92 1.79 12.68
N ILE B 326 33.77 2.85 11.87
CA ILE B 326 33.97 2.75 10.40
C ILE B 326 35.41 2.33 10.13
N THR B 327 36.37 2.91 10.85
CA THR B 327 37.80 2.60 10.62
C THR B 327 38.06 1.10 10.83
N GLU B 328 37.48 0.51 11.88
CA GLU B 328 37.70 -0.93 12.16
C GLU B 328 37.07 -1.71 11.02
N GLU B 329 35.82 -1.40 10.71
CA GLU B 329 35.11 -2.14 9.65
C GLU B 329 35.94 -2.05 8.36
N ALA B 330 36.63 -0.94 8.18
CA ALA B 330 37.41 -0.73 6.93
C ALA B 330 38.81 -1.30 7.08
N MET B 331 39.42 -1.15 8.26
CA MET B 331 40.83 -1.61 8.42
C MET B 331 40.89 -3.08 7.98
N ALA B 332 39.88 -3.87 8.34
CA ALA B 332 39.83 -5.28 7.94
C ALA B 332 39.61 -5.36 6.43
N MET B 333 38.67 -4.59 5.91
CA MET B 333 38.35 -4.66 4.47
C MET B 333 39.65 -4.40 3.69
N ALA B 334 40.62 -3.73 4.30
CA ALA B 334 41.87 -3.41 3.59
C ALA B 334 42.77 -4.65 3.76
N GLU B 335 42.65 -5.36 4.87
CA GLU B 335 43.56 -6.51 5.13
C GLU B 335 43.40 -7.64 4.10
N THR B 336 42.20 -7.82 3.55
CA THR B 336 42.01 -8.82 2.46
C THR B 336 42.35 -8.24 1.09
N LYS B 337 42.74 -6.96 1.05
CA LYS B 337 43.12 -6.31 -0.23
C LYS B 337 44.64 -6.29 -0.26
N VAL B 338 45.26 -5.66 0.73
CA VAL B 338 46.74 -5.49 0.70
C VAL B 338 47.42 -6.86 0.62
N LYS B 339 47.05 -7.80 1.49
CA LYS B 339 47.73 -9.12 1.52
C LYS B 339 47.35 -10.03 0.34
N LYS B 340 46.27 -9.71 -0.37
CA LYS B 340 45.92 -10.49 -1.58
C LYS B 340 46.53 -9.76 -2.78
N GLY B 341 47.42 -8.80 -2.51
CA GLY B 341 48.12 -8.10 -3.60
C GLY B 341 47.39 -6.95 -4.26
N ASP B 342 46.47 -6.30 -3.55
CA ASP B 342 45.80 -5.09 -4.10
C ASP B 342 46.74 -3.89 -3.98
N LEU B 343 46.63 -2.93 -4.91
CA LEU B 343 47.55 -1.76 -4.91
C LEU B 343 46.76 -0.48 -4.64
N PHE B 344 45.51 -0.42 -5.08
CA PHE B 344 44.65 0.75 -4.77
C PHE B 344 43.55 0.26 -3.82
N LEU B 345 43.45 0.86 -2.63
CA LEU B 345 42.48 0.36 -1.63
C LEU B 345 41.14 1.08 -1.82
N LEU B 346 40.24 0.49 -2.62
CA LEU B 346 38.89 1.08 -2.78
C LEU B 346 37.96 0.34 -1.80
N LEU B 347 37.69 0.96 -0.66
CA LEU B 347 36.82 0.32 0.36
C LEU B 347 35.45 1.00 0.29
N ALA B 348 34.40 0.23 0.03
CA ALA B 348 33.04 0.81 -0.11
C ALA B 348 32.03 -0.05 0.64
N LYS B 349 31.23 0.56 1.52
CA LYS B 349 30.18 -0.19 2.24
C LYS B 349 29.02 0.75 2.57
N GLU B 350 27.92 0.20 3.07
CA GLU B 350 26.71 1.02 3.35
C GLU B 350 26.64 1.51 4.80
N ASN B 351 25.77 2.49 5.08
CA ASN B 351 25.56 3.01 6.46
C ASN B 351 26.76 3.87 6.88
N TRP B 352 27.82 3.89 6.09
CA TRP B 352 29.04 4.63 6.49
C TRP B 352 28.71 6.13 6.43
N HIS B 353 29.02 6.88 7.48
CA HIS B 353 28.76 8.35 7.51
C HIS B 353 29.81 9.03 6.62
N GLU B 354 29.39 9.99 5.80
CA GLU B 354 30.31 10.62 4.81
C GLU B 354 31.04 11.84 5.40
N GLY B 355 30.62 12.32 6.56
CA GLY B 355 31.25 13.50 7.17
C GLY B 355 32.58 13.16 7.80
N VAL B 356 32.89 11.87 7.93
CA VAL B 356 34.15 11.42 8.59
C VAL B 356 35.00 10.58 7.64
N LEU B 357 34.48 10.26 6.45
CA LEU B 357 35.20 9.35 5.53
C LEU B 357 36.59 9.88 5.17
N GLY B 358 36.73 11.19 5.01
CA GLY B 358 38.05 11.76 4.70
C GLY B 358 39.09 11.37 5.75
N ILE B 359 38.74 11.50 7.02
CA ILE B 359 39.67 11.12 8.12
C ILE B 359 39.96 9.61 8.03
N VAL B 360 38.92 8.82 7.81
CA VAL B 360 39.09 7.33 7.71
C VAL B 360 40.11 7.06 6.61
N ALA B 361 39.94 7.72 5.46
CA ALA B 361 40.86 7.51 4.32
C ALA B 361 42.28 7.84 4.73
N SER B 362 42.46 8.93 5.49
CA SER B 362 43.82 9.35 5.91
C SER B 362 44.44 8.27 6.80
N LYS B 363 43.65 7.68 7.69
CA LYS B 363 44.16 6.59 8.58
C LYS B 363 44.69 5.44 7.72
N ILE B 364 43.91 5.01 6.73
CA ILE B 364 44.33 3.85 5.90
C ILE B 364 45.69 4.13 5.29
N VAL B 365 45.85 5.30 4.66
CA VAL B 365 47.14 5.66 4.01
C VAL B 365 48.23 5.72 5.08
N GLU B 366 47.92 6.31 6.23
CA GLU B 366 48.91 6.40 7.34
C GLU B 366 49.27 4.98 7.80
N THR B 367 48.32 4.05 7.70
CA THR B 367 48.55 2.68 8.24
C THR B 367 48.95 1.71 7.12
N PHE B 368 48.28 1.78 5.96
CA PHE B 368 48.52 0.76 4.89
C PHE B 368 49.35 1.35 3.74
N ALA B 369 49.67 2.65 3.79
CA ALA B 369 50.50 3.30 2.75
C ALA B 369 50.15 2.76 1.36
N LEU B 370 48.89 2.91 0.94
CA LEU B 370 48.45 2.75 -0.47
C LEU B 370 47.36 3.78 -0.77
N PRO B 371 47.14 4.18 -2.04
CA PRO B 371 46.07 5.11 -2.38
C PRO B 371 44.74 4.52 -1.90
N THR B 372 43.87 5.35 -1.32
CA THR B 372 42.61 4.80 -0.73
C THR B 372 41.41 5.63 -1.18
N LEU B 373 40.29 4.98 -1.49
CA LEU B 373 39.05 5.70 -1.86
C LEU B 373 37.91 5.14 -1.01
N ILE B 374 37.74 5.64 0.22
CA ILE B 374 36.67 5.16 1.13
C ILE B 374 35.34 5.74 0.67
N LEU B 375 34.39 4.89 0.26
CA LEU B 375 33.11 5.40 -0.28
C LEU B 375 31.93 4.84 0.52
N ASN B 376 30.83 5.59 0.58
CA ASN B 376 29.60 5.08 1.24
C ASN B 376 28.63 4.64 0.14
N ILE B 377 28.09 3.43 0.24
CA ILE B 377 27.07 2.97 -0.74
C ILE B 377 25.70 3.42 -0.24
N ASP B 378 25.01 4.26 -1.00
CA ASP B 378 23.64 4.68 -0.62
C ASP B 378 22.65 3.91 -1.50
N ARG B 379 22.10 2.81 -0.96
CA ARG B 379 21.32 1.85 -1.76
C ARG B 379 19.93 2.45 -2.00
N GLU B 380 19.69 3.66 -1.49
CA GLU B 380 18.41 4.36 -1.74
C GLU B 380 18.57 5.27 -2.96
N GLN B 381 19.45 6.27 -2.85
CA GLN B 381 19.63 7.25 -3.96
C GLN B 381 20.49 6.63 -5.06
N ASN B 382 20.76 5.33 -4.99
CA ASN B 382 21.52 4.64 -6.08
C ASN B 382 22.78 5.43 -6.40
N HIS B 383 23.64 5.66 -5.39
CA HIS B 383 24.95 6.29 -5.69
C HIS B 383 25.96 5.97 -4.58
N ALA B 384 27.23 5.94 -4.92
CA ALA B 384 28.29 5.75 -3.90
C ALA B 384 29.09 7.05 -3.81
N LYS B 385 29.04 7.72 -2.67
CA LYS B 385 29.73 9.03 -2.52
C LYS B 385 30.69 8.91 -1.34
N GLY B 386 31.88 9.50 -1.47
CA GLY B 386 32.89 9.38 -0.41
C GLY B 386 34.11 10.25 -0.67
N SER B 387 35.17 10.04 0.12
CA SER B 387 36.37 10.88 -0.01
C SER B 387 37.58 10.00 -0.36
N ALA B 388 38.66 10.61 -0.83
CA ALA B 388 39.87 9.85 -1.21
C ALA B 388 41.13 10.57 -0.73
N ARG B 389 42.14 9.81 -0.29
CA ARG B 389 43.45 10.39 0.12
C ARG B 389 44.54 9.60 -0.60
N SER B 390 45.59 10.27 -1.09
CA SER B 390 46.62 9.57 -1.91
C SER B 390 47.95 9.42 -1.16
N ILE B 391 49.01 9.05 -1.88
CA ILE B 391 50.32 8.78 -1.22
C ILE B 391 51.44 9.66 -1.79
N ASP B 392 51.13 10.86 -2.29
CA ASP B 392 52.18 11.83 -2.74
C ASP B 392 53.05 11.23 -3.85
N GLN B 393 52.68 10.06 -4.38
CA GLN B 393 53.41 9.48 -5.54
C GLN B 393 52.35 9.24 -6.61
N VAL B 394 51.08 9.32 -6.21
CA VAL B 394 49.95 9.14 -7.16
C VAL B 394 49.04 10.36 -7.09
N SER B 395 48.80 11.01 -8.24
CA SER B 395 47.88 12.18 -8.27
C SER B 395 46.43 11.68 -8.35
N MET B 396 45.72 11.76 -7.24
CA MET B 396 44.32 11.28 -7.21
C MET B 396 43.61 11.81 -8.45
N PHE B 397 43.77 13.10 -8.74
CA PHE B 397 42.98 13.67 -9.86
C PHE B 397 43.40 12.96 -11.14
N GLU B 398 44.71 12.74 -11.31
CA GLU B 398 45.22 12.12 -12.55
C GLU B 398 44.62 10.72 -12.70
N ILE B 399 44.53 9.94 -11.63
CA ILE B 399 44.03 8.53 -11.75
C ILE B 399 42.51 8.54 -11.88
N LEU B 400 41.83 9.49 -11.25
CA LEU B 400 40.35 9.60 -11.36
C LEU B 400 40.03 10.26 -12.71
N SER B 401 40.90 11.17 -13.16
CA SER B 401 40.72 11.82 -14.49
C SER B 401 40.99 10.78 -15.58
N ALA B 402 41.54 9.63 -15.22
CA ALA B 402 41.78 8.55 -16.21
C ALA B 402 40.63 7.55 -16.24
N HIS B 403 39.82 7.53 -15.17
CA HIS B 403 38.71 6.55 -15.09
C HIS B 403 37.39 7.31 -15.04
N GLN B 404 37.34 8.50 -15.63
CA GLN B 404 36.13 9.36 -15.56
C GLN B 404 34.95 8.69 -16.27
N GLU B 405 35.19 7.55 -16.93
CA GLU B 405 34.11 6.83 -17.66
C GLU B 405 33.26 6.06 -16.65
N LEU B 406 33.77 5.85 -15.44
CA LEU B 406 33.03 5.09 -14.40
C LEU B 406 32.62 6.06 -13.29
N ILE B 407 33.23 7.24 -13.27
CA ILE B 407 32.95 8.22 -12.17
C ILE B 407 31.95 9.26 -12.68
N ALA B 408 30.83 9.41 -11.99
CA ALA B 408 29.80 10.41 -12.38
C ALA B 408 30.29 11.83 -12.11
N LYS B 409 30.83 12.06 -10.91
CA LYS B 409 31.30 13.42 -10.54
C LYS B 409 32.58 13.32 -9.70
N PHE B 410 33.49 14.28 -9.90
CA PHE B 410 34.77 14.28 -9.14
C PHE B 410 35.27 15.72 -8.96
N GLY B 411 36.10 15.94 -7.95
CA GLY B 411 36.69 17.27 -7.71
C GLY B 411 37.80 17.13 -6.69
N GLY B 412 38.88 17.91 -6.82
CA GLY B 412 39.96 17.86 -5.81
C GLY B 412 41.34 18.07 -6.39
N HIS B 413 42.35 17.37 -5.85
CA HIS B 413 43.75 17.61 -6.28
C HIS B 413 44.56 16.31 -6.26
N HIS B 414 45.89 16.41 -6.15
CA HIS B 414 46.80 15.24 -6.23
C HIS B 414 46.70 14.35 -4.99
N MET B 415 46.81 14.91 -3.78
CA MET B 415 46.85 14.06 -2.57
C MET B 415 45.46 13.92 -1.94
N ALA B 416 44.50 14.75 -2.35
CA ALA B 416 43.15 14.70 -1.73
C ALA B 416 42.06 14.89 -2.80
N ALA B 417 40.94 14.19 -2.67
CA ALA B 417 39.80 14.36 -3.61
C ALA B 417 38.53 13.76 -3.03
N GLY B 418 37.36 14.16 -3.56
CA GLY B 418 36.08 13.59 -3.13
C GLY B 418 35.23 13.28 -4.34
N MET B 419 34.39 12.24 -4.31
CA MET B 419 33.66 11.88 -5.55
C MET B 419 32.31 11.19 -5.29
N THR B 420 31.47 11.11 -6.33
CA THR B 420 30.17 10.40 -6.24
C THR B 420 30.08 9.53 -7.50
N MET B 421 29.71 8.26 -7.38
CA MET B 421 29.72 7.37 -8.58
C MET B 421 28.53 6.41 -8.55
N ASP B 422 28.39 5.61 -9.60
CA ASP B 422 27.31 4.58 -9.64
C ASP B 422 27.82 3.36 -8.87
N ILE B 423 26.95 2.71 -8.09
CA ILE B 423 27.39 1.57 -7.25
C ILE B 423 27.84 0.43 -8.16
N GLU B 424 27.26 0.33 -9.34
CA GLU B 424 27.54 -0.80 -10.27
C GLU B 424 28.95 -0.68 -10.88
N ASN B 425 29.55 0.51 -10.88
CA ASN B 425 30.86 0.69 -11.56
C ASN B 425 32.00 0.59 -10.54
N ILE B 426 31.68 0.35 -9.26
CA ILE B 426 32.75 0.34 -8.21
C ILE B 426 33.75 -0.78 -8.53
N GLU B 427 33.25 -1.96 -8.87
CA GLU B 427 34.14 -3.12 -9.14
C GLU B 427 35.12 -2.77 -10.26
N SER B 428 34.58 -2.26 -11.37
CA SER B 428 35.45 -1.94 -12.54
C SER B 428 36.50 -0.91 -12.11
N LEU B 429 36.10 0.07 -11.31
CA LEU B 429 37.06 1.12 -10.88
C LEU B 429 38.16 0.45 -10.07
N ALA B 430 37.81 -0.45 -9.17
CA ALA B 430 38.84 -1.07 -8.31
C ALA B 430 39.88 -1.74 -9.21
N GLU B 431 39.43 -2.52 -10.18
CA GLU B 431 40.36 -3.24 -11.10
C GLU B 431 41.24 -2.22 -11.84
N GLY B 432 40.61 -1.24 -12.47
CA GLY B 432 41.38 -0.26 -13.27
C GLY B 432 42.38 0.49 -12.41
N LEU B 433 41.94 0.94 -11.24
CA LEU B 433 42.84 1.73 -10.35
C LEU B 433 43.93 0.79 -9.85
N ASN B 434 43.58 -0.46 -9.58
CA ASN B 434 44.59 -1.45 -9.14
C ASN B 434 45.53 -1.62 -10.34
N LYS B 435 45.00 -1.47 -11.55
CA LYS B 435 45.83 -1.65 -12.77
C LYS B 435 46.77 -0.45 -12.96
N TRP B 436 46.25 0.78 -12.88
CA TRP B 436 47.09 1.98 -13.05
C TRP B 436 48.26 1.93 -12.07
N MET B 437 48.00 1.41 -10.87
CA MET B 437 49.08 1.25 -9.85
C MET B 437 50.10 0.25 -10.36
N LYS B 438 49.64 -0.80 -11.04
CA LYS B 438 50.56 -1.88 -11.48
C LYS B 438 51.62 -1.38 -12.47
N GLU B 439 51.22 -0.58 -13.47
CA GLU B 439 52.19 -0.12 -14.48
C GLU B 439 53.09 0.96 -13.86
N LEU B 440 52.60 1.62 -12.80
CA LEU B 440 53.42 2.64 -12.10
C LEU B 440 54.35 1.87 -11.18
N SER B 441 54.06 0.59 -10.96
CA SER B 441 54.88 -0.21 -10.00
C SER B 441 56.34 -0.23 -10.45
N LYS B 442 56.59 -0.09 -11.76
CA LYS B 442 57.97 -0.13 -12.28
C LYS B 442 58.38 1.33 -12.56
N THR B 443 57.48 2.09 -13.17
CA THR B 443 57.81 3.50 -13.55
C THR B 443 58.18 4.29 -12.30
N THR B 444 57.54 3.99 -11.16
CA THR B 444 57.79 4.80 -9.94
C THR B 444 57.89 3.89 -8.72
N SER B 445 58.66 4.29 -7.70
CA SER B 445 58.72 3.51 -6.44
C SER B 445 57.40 3.68 -5.71
N LEU B 446 57.04 2.74 -4.84
CA LEU B 446 55.73 2.82 -4.13
C LEU B 446 55.96 2.67 -2.63
N ASP B 447 57.09 2.07 -2.24
CA ASP B 447 57.39 1.85 -0.80
C ASP B 447 57.32 3.19 -0.07
N PRO B 448 56.78 3.23 1.16
CA PRO B 448 56.62 4.49 1.89
C PRO B 448 57.89 5.36 1.91
N VAL B 449 57.72 6.67 1.76
CA VAL B 449 58.88 7.60 1.72
C VAL B 449 58.81 8.54 2.93
N LYS B 450 59.95 8.77 3.60
CA LYS B 450 59.99 9.72 4.74
C LYS B 450 60.92 10.88 4.40
N GLN B 451 60.41 12.12 4.43
CA GLN B 451 61.28 13.30 4.20
C GLN B 451 62.06 13.60 5.47
N VAL B 452 63.34 13.94 5.35
CA VAL B 452 64.19 14.31 6.52
C VAL B 452 64.86 15.65 6.24
N ASP B 453 64.52 16.68 7.02
CA ASP B 453 65.06 18.03 6.77
C ASP B 453 66.50 18.11 7.28
N VAL B 454 66.73 17.65 8.51
CA VAL B 454 68.05 17.73 9.14
C VAL B 454 68.51 16.39 9.69
N LEU B 455 69.81 16.15 9.56
CA LEU B 455 70.52 15.08 10.26
C LEU B 455 71.09 15.63 11.56
N LEU B 456 70.82 14.96 12.68
CA LEU B 456 71.25 15.43 13.99
C LEU B 456 72.45 14.63 14.50
N THR B 457 73.44 15.36 15.05
CA THR B 457 74.60 14.82 15.73
C THR B 457 74.44 14.97 17.24
N GLU B 458 75.18 14.16 18.02
CA GLU B 458 75.20 14.25 19.48
C GLU B 458 76.09 15.36 20.04
N ASN B 459 75.90 16.59 19.56
CA ASN B 459 76.65 17.74 20.11
C ASN B 459 75.72 18.95 19.88
N ASP B 460 74.53 18.69 19.37
CA ASP B 460 73.54 19.77 19.11
C ASP B 460 72.31 19.62 20.01
N ILE B 461 72.06 18.40 20.50
CA ILE B 461 70.84 18.13 21.33
C ILE B 461 71.07 18.68 22.74
N THR B 462 70.93 20.00 22.91
CA THR B 462 71.12 20.64 24.22
C THR B 462 69.78 21.29 24.57
N ILE B 463 69.40 21.26 25.85
CA ILE B 463 68.14 21.92 26.29
C ILE B 463 68.01 23.26 25.55
N LYS B 464 69.06 24.07 25.55
CA LYS B 464 68.98 25.43 24.95
C LYS B 464 68.65 25.34 23.45
N ASN B 465 69.38 24.52 22.69
CA ASN B 465 69.17 24.48 21.22
C ASN B 465 67.75 24.00 20.91
N ILE B 466 67.20 23.13 21.75
CA ILE B 466 65.83 22.57 21.51
C ILE B 466 64.79 23.66 21.74
N ARG B 467 65.19 24.78 22.35
CA ARG B 467 64.24 25.89 22.62
C ARG B 467 64.29 26.91 21.47
N ASP B 468 65.48 27.27 21.00
CA ASP B 468 65.60 28.28 19.96
C ASP B 468 64.82 27.87 18.71
N MET B 469 64.41 26.59 18.64
CA MET B 469 63.46 26.18 17.61
C MET B 469 62.20 27.04 17.68
N ASN B 470 62.02 27.76 18.78
CA ASN B 470 60.93 28.69 19.04
C ASN B 470 61.20 30.13 18.58
N ARG B 471 62.28 30.40 17.87
CA ARG B 471 62.27 31.59 17.03
C ARG B 471 61.61 31.31 15.70
N LEU B 472 61.29 30.05 15.42
CA LEU B 472 60.66 29.67 14.16
C LEU B 472 59.15 29.51 14.22
N ARG B 473 58.61 29.18 15.39
CA ARG B 473 57.20 28.83 15.45
C ARG B 473 56.31 30.01 15.09
N PRO B 474 55.23 29.79 14.32
CA PRO B 474 54.63 28.49 13.98
C PRO B 474 55.23 27.79 12.76
N PHE B 475 55.02 26.47 12.76
CA PHE B 475 55.30 25.57 11.67
C PHE B 475 53.97 25.22 11.02
N GLY B 476 53.91 25.30 9.70
CA GLY B 476 52.70 24.92 9.01
C GLY B 476 52.93 24.49 7.59
N THR B 477 52.07 24.97 6.71
CA THR B 477 52.31 24.88 5.28
C THR B 477 53.38 25.90 4.90
N ASP B 478 54.24 25.52 3.96
CA ASP B 478 55.39 26.30 3.49
C ASP B 478 56.48 26.50 4.56
N PHE B 479 56.24 26.08 5.79
CA PHE B 479 57.30 26.05 6.80
C PHE B 479 57.08 24.85 7.73
N SER B 480 57.14 23.66 7.13
CA SER B 480 56.82 22.40 7.84
C SER B 480 57.66 22.09 9.07
N ARG B 481 57.09 21.34 10.01
CA ARG B 481 57.82 20.95 11.25
C ARG B 481 58.94 19.97 10.86
N PRO B 482 60.14 20.09 11.44
CA PRO B 482 61.26 19.25 11.01
C PRO B 482 61.30 17.82 11.56
N ILE B 483 61.57 16.85 10.70
CA ILE B 483 61.75 15.45 11.17
C ILE B 483 63.26 15.24 11.26
N PHE B 484 63.74 14.57 12.30
CA PHE B 484 65.22 14.49 12.49
C PHE B 484 65.75 13.06 12.40
N GLU B 485 66.96 12.92 11.90
CA GLU B 485 67.68 11.62 11.78
C GLU B 485 69.00 11.67 12.55
N MET B 486 69.30 10.63 13.33
CA MET B 486 70.63 10.53 13.99
C MET B 486 71.19 9.15 13.64
N ASP B 487 72.47 9.07 13.34
CA ASP B 487 73.06 7.78 12.88
C ASP B 487 74.06 7.29 13.92
N ASP B 488 74.80 8.21 14.53
CA ASP B 488 75.85 7.82 15.53
C ASP B 488 75.18 7.52 16.87
N LEU B 489 74.87 6.26 17.15
CA LEU B 489 74.11 5.97 18.39
C LEU B 489 74.50 4.66 19.06
N SER B 490 74.52 4.64 20.40
CA SER B 490 74.82 3.41 21.16
C SER B 490 73.68 3.17 22.15
N VAL B 491 73.09 1.98 22.12
CA VAL B 491 71.90 1.71 22.99
C VAL B 491 72.33 1.51 24.44
N SER B 492 72.19 2.56 25.27
CA SER B 492 72.60 2.49 26.69
C SER B 492 71.64 1.58 27.47
N SER B 493 70.33 1.76 27.28
CA SER B 493 69.33 0.92 27.99
C SER B 493 68.09 0.71 27.10
N VAL B 494 67.25 -0.27 27.45
CA VAL B 494 66.02 -0.55 26.66
C VAL B 494 64.98 -1.20 27.57
N LYS B 495 63.73 -0.70 27.58
CA LYS B 495 62.63 -1.31 28.36
C LYS B 495 61.34 -1.11 27.56
N ALA B 496 60.22 -1.68 28.04
CA ALA B 496 58.93 -1.47 27.35
C ALA B 496 57.79 -1.37 28.36
N ILE B 497 57.58 -0.18 28.93
CA ILE B 497 56.48 0.01 29.93
C ILE B 497 55.58 1.16 29.44
N GLY B 498 54.28 1.07 29.73
CA GLY B 498 53.34 2.14 29.33
C GLY B 498 52.51 1.72 28.12
N GLN B 499 51.34 2.36 27.96
CA GLN B 499 50.17 2.12 28.84
C GLN B 499 49.89 0.61 28.90
N GLN B 500 50.16 -0.10 27.79
CA GLN B 500 49.89 -1.56 27.73
C GLN B 500 51.19 -2.31 27.44
N LYS B 501 52.30 -1.81 27.96
CA LYS B 501 53.63 -2.47 27.77
C LYS B 501 53.95 -2.54 26.28
N ASN B 502 53.24 -1.76 25.47
CA ASN B 502 53.48 -1.76 23.99
C ASN B 502 54.37 -0.57 23.61
N HIS B 503 54.82 0.20 24.62
CA HIS B 503 55.66 1.39 24.35
C HIS B 503 57.11 1.07 24.71
N LEU B 504 58.04 1.27 23.76
CA LEU B 504 59.46 0.93 23.99
C LEU B 504 60.18 2.08 24.69
N LYS B 505 60.96 1.77 25.74
CA LYS B 505 61.74 2.79 26.47
C LYS B 505 63.18 2.73 25.97
N LEU B 506 63.75 3.86 25.54
CA LEU B 506 65.10 3.78 24.94
C LEU B 506 66.04 4.81 25.57
N THR B 507 67.20 4.37 26.03
CA THR B 507 68.23 5.32 26.52
C THR B 507 69.33 5.27 25.47
N LEU B 508 69.37 6.24 24.55
CA LEU B 508 70.33 6.14 23.41
C LEU B 508 71.37 7.26 23.48
N GLY B 509 72.62 6.97 23.13
CA GLY B 509 73.62 8.04 23.05
C GLY B 509 74.85 7.95 23.92
N GLU B 510 75.94 8.61 23.49
CA GLU B 510 77.17 8.66 24.34
C GLU B 510 76.78 9.37 25.63
N SER B 511 75.89 10.35 25.54
CA SER B 511 75.41 11.08 26.74
C SER B 511 74.06 10.51 27.19
N ASN B 512 73.76 9.26 26.81
CA ASN B 512 72.52 8.59 27.28
C ASN B 512 71.29 9.49 27.10
N ILE B 513 71.03 9.95 25.88
CA ILE B 513 69.80 10.74 25.62
C ILE B 513 68.60 9.80 25.76
N ALA B 514 67.41 10.33 26.03
CA ALA B 514 66.23 9.46 26.27
C ALA B 514 65.35 9.41 25.03
N ALA B 515 64.71 8.26 24.78
CA ALA B 515 63.88 8.09 23.57
C ALA B 515 62.67 7.22 23.90
N LEU B 516 61.53 7.48 23.23
CA LEU B 516 60.29 6.71 23.51
C LEU B 516 59.68 6.21 22.19
N PHE B 517 59.71 4.91 21.95
CA PHE B 517 59.09 4.33 20.72
C PHE B 517 57.72 3.75 21.09
N TRP B 518 56.66 4.54 20.90
CA TRP B 518 55.31 4.10 21.30
C TRP B 518 54.78 3.05 20.31
N GLN B 519 54.03 2.07 20.79
CA GLN B 519 53.43 1.02 19.91
C GLN B 519 54.53 0.33 19.10
N ASN B 520 55.73 0.21 19.68
CA ASN B 520 56.86 -0.42 18.95
C ASN B 520 57.79 -1.09 19.96
N GLY B 521 57.31 -1.32 21.18
CA GLY B 521 58.11 -2.01 22.20
C GLY B 521 58.26 -3.48 21.86
N HIS B 522 57.79 -3.87 20.69
CA HIS B 522 57.87 -5.29 20.27
C HIS B 522 59.31 -5.62 19.86
N LEU B 523 60.21 -4.63 19.93
CA LEU B 523 61.63 -4.85 19.54
C LEU B 523 62.49 -4.85 20.80
N GLU B 524 61.86 -4.79 21.97
CA GLU B 524 62.63 -4.76 23.25
C GLU B 524 63.71 -5.84 23.24
N PRO B 525 63.39 -7.13 22.98
CA PRO B 525 64.43 -8.17 22.88
C PRO B 525 65.40 -7.99 21.69
N GLU B 526 64.88 -7.56 20.54
CA GLU B 526 65.72 -7.47 19.32
C GLU B 526 66.86 -6.47 19.52
N LEU B 527 66.75 -5.58 20.51
CA LEU B 527 67.79 -4.53 20.68
C LEU B 527 68.73 -4.91 21.83
N GLN B 528 69.91 -5.43 21.50
CA GLN B 528 70.92 -5.73 22.55
C GLN B 528 71.66 -4.44 22.89
N ASP B 529 71.88 -4.16 24.17
CA ASP B 529 72.57 -2.92 24.58
C ASP B 529 73.95 -2.85 23.90
N GLU B 530 74.50 -1.64 23.76
CA GLU B 530 75.83 -1.43 23.13
C GLU B 530 75.94 -2.05 21.73
N GLN B 531 75.11 -1.59 20.78
CA GLN B 531 75.17 -2.07 19.38
C GLN B 531 74.67 -0.94 18.48
N PRO B 532 75.54 -0.20 17.78
CA PRO B 532 75.11 0.98 17.01
C PRO B 532 73.82 0.87 16.19
N ILE B 533 72.98 1.90 16.23
CA ILE B 533 71.69 1.91 15.48
C ILE B 533 71.44 3.32 14.92
N ASN B 534 70.49 3.46 13.97
CA ASN B 534 70.16 4.77 13.36
C ASN B 534 68.70 5.09 13.64
N ILE B 535 68.39 6.30 14.12
CA ILE B 535 66.98 6.60 14.52
C ILE B 535 66.45 7.80 13.72
N LEU B 536 65.14 7.82 13.48
CA LEU B 536 64.51 8.95 12.76
C LEU B 536 63.36 9.47 13.61
N GLY B 537 63.53 10.64 14.25
CA GLY B 537 62.47 11.16 15.14
C GLY B 537 62.63 12.61 15.51
N SER B 538 61.60 13.21 16.10
CA SER B 538 61.64 14.63 16.54
C SER B 538 62.18 14.72 17.97
N VAL B 539 62.53 15.93 18.42
CA VAL B 539 63.15 16.11 19.77
C VAL B 539 62.17 16.84 20.69
N GLN B 540 62.53 17.00 21.97
CA GLN B 540 61.68 17.73 22.94
C GLN B 540 62.36 17.77 24.30
N ILE B 541 61.74 18.46 25.27
CA ILE B 541 62.30 18.51 26.66
C ILE B 541 61.27 17.88 27.60
N ASN B 542 61.73 17.05 28.54
CA ASN B 542 60.83 16.37 29.50
C ASN B 542 61.11 16.92 30.91
N GLU B 543 60.09 17.51 31.56
CA GLU B 543 60.28 18.16 32.88
C GLU B 543 60.07 17.12 33.98
N TRP B 544 59.84 15.86 33.58
CA TRP B 544 59.55 14.80 34.58
C TRP B 544 60.45 14.97 35.80
N ASN B 545 59.85 15.01 37.00
CA ASN B 545 60.62 15.15 38.27
C ASN B 545 61.16 16.57 38.41
N GLY B 546 60.46 17.57 37.86
CA GLY B 546 60.88 18.97 38.06
C GLY B 546 62.15 19.31 37.29
N ASN B 547 63.22 18.54 37.49
CA ASN B 547 64.45 18.75 36.69
C ASN B 547 64.13 18.36 35.24
N GLN B 548 64.53 19.19 34.27
CA GLN B 548 64.17 18.91 32.86
C GLN B 548 65.33 18.17 32.18
N SER B 549 65.05 17.50 31.06
CA SER B 549 66.09 16.77 30.31
C SER B 549 65.74 16.77 28.82
N PRO B 550 66.71 16.76 27.89
CA PRO B 550 66.42 16.67 26.46
C PRO B 550 65.96 15.27 26.08
N GLN B 551 64.92 15.16 25.25
CA GLN B 551 64.37 13.82 24.89
C GLN B 551 64.05 13.79 23.38
N ILE B 552 63.93 12.60 22.80
CA ILE B 552 63.65 12.48 21.34
C ILE B 552 62.49 11.50 21.11
N ILE B 553 61.64 11.72 20.11
CA ILE B 553 60.57 10.70 19.87
C ILE B 553 60.82 10.01 18.53
N ILE B 554 61.03 8.70 18.53
CA ILE B 554 61.41 7.96 17.28
C ILE B 554 60.20 7.65 16.39
N GLN B 555 60.32 7.88 15.09
CA GLN B 555 59.25 7.53 14.12
C GLN B 555 59.64 6.20 13.46
N ASP B 556 60.92 6.00 13.14
CA ASP B 556 61.40 4.73 12.53
C ASP B 556 62.84 4.49 13.01
N ILE B 557 63.24 3.23 13.15
CA ILE B 557 64.61 2.90 13.66
C ILE B 557 65.31 1.97 12.66
N ALA B 558 66.64 2.00 12.63
CA ALA B 558 67.44 1.13 11.75
C ALA B 558 68.78 0.86 12.41
N MET B 559 69.51 -0.15 11.96
CA MET B 559 70.83 -0.47 12.56
C MET B 559 71.94 0.15 11.71
N ASN B 560 72.87 0.89 12.35
CA ASN B 560 73.94 1.56 11.59
C ASN B 560 74.78 0.53 10.84
N GLU B 561 74.89 0.68 9.52
CA GLU B 561 75.66 -0.28 8.70
C GLU B 561 76.59 0.52 7.79
N GLN B 562 77.89 0.54 8.07
CA GLN B 562 78.83 1.23 7.15
C GLN B 562 79.99 0.27 6.85
N GLN B 563 80.02 -0.28 5.64
CA GLN B 563 81.08 -1.26 5.30
C GLN B 563 81.79 -0.85 4.01
N ILE B 564 83.09 -0.62 4.07
CA ILE B 564 83.89 -0.34 2.84
C ILE B 564 84.51 -1.68 2.46
N LEU B 565 84.19 -2.19 1.28
CA LEU B 565 84.62 -3.53 0.88
C LEU B 565 85.69 -3.51 -0.20
N ASP B 566 86.63 -4.44 -0.10
CA ASP B 566 87.79 -4.51 -1.02
C ASP B 566 87.50 -5.47 -2.16
N TYR B 567 87.28 -4.91 -3.36
CA TYR B 567 86.98 -5.77 -4.55
C TYR B 567 87.86 -5.36 -5.73
N ARG B 568 89.06 -4.82 -5.46
CA ARG B 568 89.98 -4.42 -6.55
C ARG B 568 90.32 -5.65 -7.40
N SER B 569 90.05 -6.85 -6.87
CA SER B 569 90.35 -8.11 -7.60
C SER B 569 89.84 -8.11 -9.04
N LYS B 570 90.63 -8.67 -9.97
CA LYS B 570 90.23 -8.72 -11.41
C LYS B 570 89.11 -9.75 -11.59
N ARG B 571 88.91 -10.62 -10.60
CA ARG B 571 87.86 -11.66 -10.67
C ARG B 571 86.81 -11.41 -9.59
N LYS B 572 86.74 -10.17 -9.07
CA LYS B 572 85.73 -9.83 -8.04
C LYS B 572 84.35 -10.29 -8.53
N SER B 573 83.52 -10.81 -7.64
CA SER B 573 82.14 -11.20 -8.04
C SER B 573 81.13 -10.49 -7.12
N LEU B 574 80.83 -9.23 -7.42
CA LEU B 574 79.88 -8.45 -6.58
C LEU B 574 78.62 -9.29 -6.35
N PRO B 575 78.07 -9.31 -5.11
CA PRO B 575 76.92 -10.17 -4.81
C PRO B 575 75.74 -9.94 -5.78
N PHE B 576 75.23 -8.71 -5.84
CA PHE B 576 74.12 -8.38 -6.76
C PHE B 576 74.58 -8.51 -8.20
N THR B 577 73.65 -8.47 -9.16
CA THR B 577 74.10 -8.47 -10.54
C THR B 577 74.19 -7.02 -10.96
N GLU B 578 75.13 -6.75 -11.86
CA GLU B 578 75.35 -5.41 -12.40
C GLU B 578 74.06 -4.70 -12.79
N ASN B 579 73.08 -5.47 -13.28
CA ASN B 579 71.73 -5.02 -13.59
C ASN B 579 71.02 -4.92 -12.24
N ASP B 580 70.90 -3.71 -11.72
CA ASP B 580 70.10 -3.40 -10.53
C ASP B 580 69.58 -1.98 -10.64
N GLU B 581 68.42 -1.73 -10.02
CA GLU B 581 67.71 -0.46 -10.15
C GLU B 581 68.18 0.48 -9.04
N ASN B 582 68.44 -0.08 -7.86
CA ASN B 582 68.84 0.74 -6.69
C ASN B 582 70.35 0.99 -6.71
N ILE B 583 71.16 0.02 -7.17
CA ILE B 583 72.64 0.15 -7.10
C ILE B 583 73.09 1.46 -7.76
N VAL B 584 74.10 2.10 -7.19
CA VAL B 584 74.67 3.33 -7.82
C VAL B 584 76.08 2.99 -8.31
N VAL B 585 76.27 2.92 -9.63
CA VAL B 585 77.62 2.65 -10.20
C VAL B 585 78.28 3.99 -10.51
N LEU B 586 79.50 4.21 -10.01
CA LEU B 586 80.15 5.53 -10.20
C LEU B 586 81.22 5.32 -11.27
N ILE B 587 81.05 5.93 -12.44
CA ILE B 587 81.97 5.63 -13.58
C ILE B 587 82.88 6.80 -13.93
N HIS B 588 83.75 6.59 -14.92
CA HIS B 588 84.75 7.61 -15.33
C HIS B 588 84.28 8.27 -16.62
N PRO B 589 84.55 9.58 -16.85
CA PRO B 589 84.19 10.23 -18.11
C PRO B 589 84.50 9.42 -19.37
N LYS B 590 85.48 8.53 -19.31
CA LYS B 590 85.89 7.78 -20.54
C LYS B 590 84.84 6.75 -20.89
N SER B 591 83.95 6.40 -19.95
CA SER B 591 82.98 5.31 -20.24
C SER B 591 81.62 5.90 -20.63
N ASP B 592 80.81 5.11 -21.34
CA ASP B 592 79.45 5.56 -21.76
C ASP B 592 78.43 5.06 -20.75
N LYS B 593 77.53 5.93 -20.31
CA LYS B 593 76.44 5.50 -19.39
C LYS B 593 75.44 4.65 -20.17
N VAL B 594 75.33 3.37 -19.80
CA VAL B 594 74.40 2.44 -20.50
C VAL B 594 73.17 2.24 -19.60
N ASN B 595 73.32 2.42 -18.29
CA ASN B 595 72.18 2.29 -17.36
C ASN B 595 72.10 3.57 -16.54
N ALA B 596 70.89 3.99 -16.14
CA ALA B 596 70.72 5.23 -15.36
C ALA B 596 71.29 5.01 -13.96
N ASN B 597 71.59 3.76 -13.60
CA ASN B 597 72.19 3.43 -12.28
C ASN B 597 73.65 3.87 -12.29
N GLU B 598 74.17 4.24 -13.46
CA GLU B 598 75.59 4.66 -13.59
C GLU B 598 75.67 6.18 -13.57
N TYR B 599 76.56 6.74 -12.74
CA TYR B 599 76.76 8.20 -12.70
C TYR B 599 78.26 8.47 -12.78
N TYR B 600 78.66 9.63 -13.32
CA TYR B 600 80.10 9.98 -13.41
C TYR B 600 80.57 10.53 -12.06
N TYR B 601 81.89 10.59 -11.87
CA TYR B 601 82.44 11.15 -10.62
C TYR B 601 82.27 12.67 -10.65
N GLY B 602 81.66 13.23 -9.60
CA GLY B 602 81.47 14.70 -9.52
C GLY B 602 80.05 15.12 -9.87
N GLU B 603 79.21 14.17 -10.28
CA GLU B 603 77.81 14.48 -10.65
C GLU B 603 76.95 14.50 -9.39
N GLU B 604 75.63 14.63 -9.56
CA GLU B 604 74.71 14.63 -8.41
C GLU B 604 73.85 13.37 -8.50
N ILE B 605 73.97 12.48 -7.52
CA ILE B 605 73.24 11.18 -7.61
C ILE B 605 71.77 11.39 -7.23
N LYS B 606 70.89 11.40 -8.22
CA LYS B 606 69.44 11.57 -7.98
C LYS B 606 68.92 10.36 -7.20
N GLN B 607 69.41 9.17 -7.53
CA GLN B 607 68.94 7.93 -6.87
C GLN B 607 69.96 7.52 -5.80
N GLN B 608 69.91 8.21 -4.67
CA GLN B 608 70.80 7.85 -3.55
C GLN B 608 70.40 6.47 -3.08
N THR B 609 71.37 5.61 -2.86
CA THR B 609 71.06 4.24 -2.37
C THR B 609 72.10 3.86 -1.32
N ASP B 610 71.83 2.79 -0.57
CA ASP B 610 72.76 2.33 0.47
C ASP B 610 73.92 1.59 -0.21
N LYS B 611 73.76 1.26 -1.49
CA LYS B 611 74.79 0.45 -2.17
C LYS B 611 75.40 1.23 -3.34
N VAL B 612 76.67 1.61 -3.20
CA VAL B 612 77.39 2.38 -4.27
C VAL B 612 78.60 1.57 -4.72
N VAL B 613 78.81 1.49 -6.03
CA VAL B 613 79.96 0.72 -6.59
C VAL B 613 80.93 1.67 -7.28
N LEU B 614 82.21 1.59 -6.94
CA LEU B 614 83.25 2.41 -7.61
C LEU B 614 83.83 1.54 -8.73
N ARG B 615 83.23 1.59 -9.91
CA ARG B 615 83.66 0.67 -11.01
C ARG B 615 84.93 1.15 -11.69
N ASP B 616 85.06 2.45 -11.92
CA ASP B 616 86.23 2.94 -12.69
C ASP B 616 87.12 3.79 -11.81
N LEU B 617 88.38 3.98 -12.22
CA LEU B 617 89.29 4.87 -11.46
C LEU B 617 88.86 6.31 -11.72
N PRO B 618 88.75 7.16 -10.68
CA PRO B 618 88.40 8.57 -10.88
C PRO B 618 89.53 9.33 -11.59
N THR B 619 89.17 10.41 -12.28
CA THR B 619 90.20 11.24 -12.96
C THR B 619 91.08 11.88 -11.90
N SER B 620 90.48 12.29 -10.79
CA SER B 620 91.24 12.98 -9.74
C SER B 620 90.61 12.55 -8.42
N MET B 621 91.39 12.55 -7.34
CA MET B 621 90.84 12.23 -6.00
C MET B 621 89.74 13.25 -5.67
N GLU B 622 89.92 14.51 -6.09
CA GLU B 622 88.96 15.59 -5.75
C GLU B 622 87.57 15.11 -6.22
N ASP B 623 87.48 14.61 -7.44
CA ASP B 623 86.17 14.12 -7.96
C ASP B 623 85.68 12.98 -7.06
N LEU B 624 86.56 12.06 -6.69
CA LEU B 624 86.17 10.93 -5.81
C LEU B 624 85.66 11.52 -4.49
N SER B 625 86.39 12.49 -3.94
CA SER B 625 86.00 13.08 -2.63
C SER B 625 84.62 13.72 -2.76
N ASN B 626 84.42 14.54 -3.79
CA ASN B 626 83.11 15.21 -3.98
C ASN B 626 82.03 14.14 -4.11
N SER B 627 82.29 13.09 -4.88
CA SER B 627 81.28 12.03 -5.13
C SER B 627 80.92 11.31 -3.82
N LEU B 628 81.87 11.19 -2.90
CA LEU B 628 81.62 10.43 -1.65
C LEU B 628 81.03 11.42 -0.65
N GLN B 629 81.49 12.68 -0.68
CA GLN B 629 81.03 13.70 0.28
C GLN B 629 79.50 13.84 0.20
N GLN B 630 78.90 13.45 -0.93
CA GLN B 630 77.45 13.65 -1.13
C GLN B 630 76.75 12.28 -1.13
N LEU B 631 77.25 11.34 -0.33
CA LEU B 631 76.66 9.98 -0.41
C LEU B 631 76.47 9.38 0.99
N GLN B 632 75.27 8.91 1.29
CA GLN B 632 75.03 8.18 2.56
C GLN B 632 74.85 6.72 2.12
N PHE B 633 75.80 5.85 2.43
CA PHE B 633 75.72 4.47 1.91
C PHE B 633 75.72 3.45 3.04
N SER B 634 75.39 2.20 2.70
CA SER B 634 75.46 1.12 3.70
C SER B 634 76.65 0.23 3.37
N GLN B 635 76.89 0.00 2.08
CA GLN B 635 78.01 -0.87 1.65
C GLN B 635 78.70 -0.23 0.43
N LEU B 636 79.92 0.27 0.60
CA LEU B 636 80.68 0.82 -0.55
C LEU B 636 81.48 -0.31 -1.19
N TYR B 637 81.25 -0.57 -2.47
CA TYR B 637 82.01 -1.63 -3.18
C TYR B 637 83.13 -0.98 -4.00
N ILE B 638 84.38 -1.32 -3.69
CA ILE B 638 85.53 -0.71 -4.39
C ILE B 638 86.08 -1.71 -5.41
N VAL B 639 85.75 -1.52 -6.69
CA VAL B 639 86.27 -2.41 -7.77
C VAL B 639 87.39 -1.67 -8.51
N LEU B 640 87.20 -0.37 -8.76
CA LEU B 640 88.23 0.45 -9.44
C LEU B 640 88.80 -0.31 -10.64
N GLN B 641 87.95 -0.64 -11.60
CA GLN B 641 88.40 -1.34 -12.84
C GLN B 641 89.34 -0.42 -13.61
N HIS B 642 90.40 -0.99 -14.20
CA HIS B 642 91.36 -0.19 -14.99
C HIS B 642 92.00 -1.14 -16.01
N ASN B 643 92.48 -0.60 -17.13
CA ASN B 643 93.08 -1.46 -18.19
C ASN B 643 94.59 -1.22 -18.26
N HIS B 644 95.07 -0.09 -17.73
CA HIS B 644 96.52 0.26 -17.82
C HIS B 644 96.99 0.94 -16.53
N SER B 645 98.31 1.06 -16.35
CA SER B 645 98.89 1.71 -15.14
C SER B 645 100.13 2.51 -15.51
N ILE B 646 100.19 3.79 -15.13
CA ILE B 646 101.34 4.67 -15.48
C ILE B 646 102.17 4.95 -14.24
N TYR B 647 101.96 4.19 -13.16
CA TYR B 647 102.65 4.42 -11.86
C TYR B 647 104.16 4.40 -12.05
N PHE B 648 104.66 3.46 -12.85
CA PHE B 648 106.13 3.31 -12.99
C PHE B 648 106.63 4.06 -14.23
N ASP B 649 105.72 4.46 -15.12
CA ASP B 649 106.13 5.27 -16.28
C ASP B 649 106.50 6.66 -15.77
N GLY B 650 105.63 7.27 -14.97
CA GLY B 650 105.97 8.55 -14.34
C GLY B 650 105.75 9.75 -15.23
N ILE B 651 106.08 10.94 -14.73
CA ILE B 651 105.94 12.19 -15.52
C ILE B 651 107.35 12.78 -15.69
N PRO B 652 107.85 12.98 -16.92
CA PRO B 652 109.20 13.48 -17.11
C PRO B 652 109.36 14.83 -16.40
N ASN B 653 110.58 15.13 -15.94
CA ASN B 653 110.82 16.39 -15.18
C ASN B 653 110.81 17.58 -16.15
N MET B 654 110.67 18.79 -15.61
CA MET B 654 110.58 20.00 -16.47
C MET B 654 111.87 20.17 -17.25
N ASP B 655 112.98 19.64 -16.74
CA ASP B 655 114.28 19.69 -17.48
C ASP B 655 114.13 18.88 -18.77
N ILE B 656 113.45 17.74 -18.70
CA ILE B 656 113.28 16.86 -19.89
C ILE B 656 112.38 17.58 -20.90
N PHE B 657 111.25 18.11 -20.44
CA PHE B 657 110.38 18.88 -21.37
C PHE B 657 111.22 19.99 -22.00
N LYS B 658 112.02 20.68 -21.18
CA LYS B 658 112.84 21.81 -21.68
C LYS B 658 113.74 21.34 -22.81
N LYS B 659 114.44 20.24 -22.60
CA LYS B 659 115.38 19.71 -23.62
C LYS B 659 114.60 19.35 -24.88
N CYS B 660 113.39 18.82 -24.71
CA CYS B 660 112.54 18.47 -25.88
C CYS B 660 112.23 19.75 -26.66
N TYR B 661 111.80 20.79 -25.95
CA TYR B 661 111.41 22.03 -26.67
C TYR B 661 112.63 22.52 -27.42
N LYS B 662 113.80 22.46 -26.78
CA LYS B 662 115.05 22.95 -27.42
C LYS B 662 115.28 22.17 -28.73
N ALA B 663 115.11 20.86 -28.71
CA ALA B 663 115.26 20.06 -29.94
C ALA B 663 114.19 20.49 -30.94
N LEU B 664 112.96 20.64 -30.47
CA LEU B 664 111.84 21.00 -31.38
C LEU B 664 112.11 22.39 -31.99
N ILE B 665 112.79 23.27 -31.26
CA ILE B 665 113.01 24.67 -31.77
C ILE B 665 114.32 24.70 -32.58
N THR B 666 115.27 23.81 -32.30
CA THR B 666 116.50 23.75 -33.14
C THR B 666 116.05 23.51 -34.57
N LYS B 667 115.46 22.35 -34.84
CA LYS B 667 114.87 22.14 -36.19
C LYS B 667 113.59 22.96 -36.18
N GLN B 668 113.06 23.35 -37.33
CA GLN B 668 111.76 24.07 -37.25
C GLN B 668 110.66 23.00 -37.34
N GLU B 669 110.61 22.27 -38.46
CA GLU B 669 109.62 21.17 -38.60
C GLU B 669 110.31 19.85 -38.24
N THR B 670 109.72 19.08 -37.32
CA THR B 670 110.33 17.80 -36.88
C THR B 670 109.38 16.65 -37.20
N ASN B 671 109.79 15.72 -38.07
CA ASN B 671 108.95 14.53 -38.36
C ASN B 671 109.16 13.53 -37.22
N ILE B 672 108.15 13.39 -36.36
CA ILE B 672 108.29 12.50 -35.18
C ILE B 672 108.53 11.06 -35.64
N GLN B 673 107.88 10.64 -36.72
CA GLN B 673 108.01 9.21 -37.14
C GLN B 673 109.49 8.89 -37.42
N LYS B 674 110.28 9.88 -37.87
CA LYS B 674 111.68 9.57 -38.27
C LYS B 674 112.68 10.01 -37.20
N GLU B 675 112.42 11.11 -36.49
CA GLU B 675 113.42 11.64 -35.54
C GLU B 675 113.04 11.27 -34.10
N GLY B 676 111.82 10.79 -33.87
CA GLY B 676 111.35 10.52 -32.51
C GLY B 676 112.17 9.45 -31.79
N MET B 677 112.68 8.47 -32.51
CA MET B 677 113.39 7.34 -31.84
C MET B 677 114.73 7.84 -31.28
N LEU B 678 115.41 8.73 -32.00
CA LEU B 678 116.66 9.33 -31.47
C LEU B 678 116.31 10.32 -30.36
N LEU B 679 115.24 11.10 -30.54
CA LEU B 679 114.82 12.09 -29.52
C LEU B 679 114.53 11.34 -28.23
N CYS B 680 113.91 10.16 -28.33
CA CYS B 680 113.59 9.34 -27.13
C CYS B 680 114.90 8.98 -26.42
N GLN B 681 115.91 8.52 -27.16
CA GLN B 681 117.20 8.14 -26.54
C GLN B 681 117.90 9.38 -26.00
N HIS B 682 117.69 10.54 -26.63
CA HIS B 682 118.33 11.81 -26.20
C HIS B 682 117.69 12.28 -24.90
N LEU B 683 116.38 12.11 -24.77
CA LEU B 683 115.66 12.61 -23.56
C LEU B 683 115.43 11.45 -22.60
N SER B 684 116.07 10.30 -22.84
CA SER B 684 115.89 9.11 -21.98
C SER B 684 114.40 8.92 -21.73
N VAL B 685 113.61 8.95 -22.81
CA VAL B 685 112.14 8.85 -22.67
C VAL B 685 111.64 7.76 -23.62
N LYS B 686 110.60 7.03 -23.22
CA LYS B 686 110.02 5.97 -24.10
C LYS B 686 108.98 6.61 -25.01
N PRO B 687 108.64 6.01 -26.17
CA PRO B 687 107.71 6.64 -27.11
C PRO B 687 106.47 7.26 -26.44
N ASP B 688 105.78 6.51 -25.58
CA ASP B 688 104.53 7.02 -24.98
C ASP B 688 104.82 8.30 -24.19
N THR B 689 105.98 8.35 -23.53
CA THR B 689 106.34 9.55 -22.71
C THR B 689 106.58 10.74 -23.62
N LEU B 690 107.16 10.50 -24.80
CA LEU B 690 107.35 11.59 -25.78
C LEU B 690 105.98 12.11 -26.19
N LYS B 691 105.04 11.21 -26.48
CA LYS B 691 103.70 11.66 -26.93
C LYS B 691 103.13 12.60 -25.88
N PHE B 692 103.23 12.21 -24.61
CA PHE B 692 102.65 13.04 -23.52
C PHE B 692 103.25 14.44 -23.61
N MET B 693 104.58 14.54 -23.69
CA MET B 693 105.25 15.86 -23.72
C MET B 693 104.77 16.64 -24.95
N LEU B 694 104.75 15.99 -26.11
CA LEU B 694 104.34 16.68 -27.36
C LEU B 694 102.89 17.15 -27.18
N LYS B 695 102.07 16.31 -26.57
CA LYS B 695 100.64 16.67 -26.35
C LYS B 695 100.56 17.86 -25.39
N VAL B 696 101.43 17.91 -24.39
CA VAL B 696 101.46 19.06 -23.43
C VAL B 696 101.78 20.34 -24.21
N PHE B 697 102.81 20.29 -25.05
CA PHE B 697 103.23 21.49 -25.80
C PHE B 697 102.11 21.91 -26.76
N LEU B 698 101.43 20.93 -27.36
CA LEU B 698 100.28 21.23 -28.26
C LEU B 698 99.15 21.88 -27.45
N ASP B 699 98.90 21.39 -26.24
CA ASP B 699 97.86 22.01 -25.38
C ASP B 699 98.29 23.43 -25.04
N LEU B 700 99.55 23.61 -24.65
CA LEU B 700 100.05 24.95 -24.30
C LEU B 700 100.07 25.80 -25.57
N LYS B 701 99.90 25.16 -26.73
CA LYS B 701 99.91 25.88 -28.04
C LYS B 701 101.30 26.45 -28.29
N PHE B 702 102.33 25.81 -27.75
CA PHE B 702 103.73 26.24 -27.98
C PHE B 702 104.21 25.61 -29.28
N VAL B 703 103.46 24.62 -29.78
CA VAL B 703 103.81 23.96 -31.07
C VAL B 703 102.50 23.60 -31.78
N THR B 704 102.55 23.39 -33.09
CA THR B 704 101.36 22.97 -33.85
C THR B 704 101.71 21.69 -34.62
N GLN B 705 100.76 20.76 -34.73
CA GLN B 705 101.05 19.47 -35.41
C GLN B 705 100.16 19.32 -36.64
N GLU B 706 100.69 18.69 -37.70
CA GLU B 706 99.87 18.41 -38.89
C GLU B 706 100.37 17.09 -39.50
N ASP B 707 99.56 16.04 -39.41
CA ASP B 707 99.94 14.72 -39.97
C ASP B 707 101.28 14.25 -39.39
N GLY B 708 101.50 14.45 -38.09
CA GLY B 708 102.72 13.93 -37.44
C GLY B 708 103.93 14.82 -37.56
N LEU B 709 103.77 16.03 -38.10
CA LEU B 709 104.92 16.97 -38.16
C LEU B 709 104.68 18.13 -37.18
N ILE B 710 105.59 18.32 -36.23
CA ILE B 710 105.43 19.37 -35.19
C ILE B 710 106.05 20.68 -35.68
N ARG B 711 105.30 21.78 -35.58
CA ARG B 711 105.82 23.11 -36.00
C ARG B 711 105.75 24.04 -34.79
N ILE B 712 106.68 24.98 -34.65
CA ILE B 712 106.74 25.84 -33.44
C ILE B 712 105.94 27.13 -33.65
N ASN B 713 105.23 27.58 -32.61
CA ASN B 713 104.54 28.91 -32.68
C ASN B 713 105.61 29.97 -32.47
N GLN B 714 105.54 31.08 -33.20
CA GLN B 714 106.62 32.09 -33.10
C GLN B 714 106.31 33.08 -31.97
N GLN B 715 105.10 32.98 -31.39
CA GLN B 715 104.72 33.87 -30.26
C GLN B 715 104.18 33.00 -29.12
N PRO B 716 104.99 32.12 -28.50
CA PRO B 716 104.50 31.24 -27.46
C PRO B 716 103.92 32.08 -26.31
N ASP B 717 102.60 31.94 -26.07
CA ASP B 717 101.95 32.72 -24.98
C ASP B 717 102.62 32.33 -23.65
N LYS B 718 103.11 33.31 -22.91
CA LYS B 718 103.85 33.00 -21.65
C LYS B 718 102.98 32.08 -20.78
N ARG B 719 103.47 30.88 -20.49
CA ARG B 719 102.68 29.90 -19.69
C ARG B 719 103.64 28.87 -19.09
N SER B 720 103.22 28.22 -18.01
CA SER B 720 104.05 27.17 -17.37
C SER B 720 103.63 25.81 -17.94
N ILE B 721 104.59 24.91 -18.16
CA ILE B 721 104.22 23.54 -18.63
C ILE B 721 103.21 22.97 -17.63
N ASP B 722 103.41 23.24 -16.34
CA ASP B 722 102.51 22.70 -15.29
C ASP B 722 101.13 23.35 -15.40
N SER B 723 100.97 24.38 -16.23
CA SER B 723 99.63 24.97 -16.43
C SER B 723 98.82 24.09 -17.39
N SER B 724 99.51 23.19 -18.09
CA SER B 724 98.82 22.33 -19.07
C SER B 724 97.78 21.47 -18.36
N LYS B 725 96.54 21.51 -18.85
CA LYS B 725 95.48 20.65 -18.26
C LYS B 725 95.86 19.19 -18.55
N VAL B 726 96.42 18.91 -19.72
CA VAL B 726 96.76 17.51 -20.09
C VAL B 726 97.86 17.03 -19.16
N TYR B 727 98.78 17.92 -18.77
CA TYR B 727 99.85 17.56 -17.82
C TYR B 727 99.20 17.33 -16.46
N GLN B 728 98.29 18.22 -16.09
CA GLN B 728 97.64 18.14 -14.75
C GLN B 728 96.86 16.82 -14.65
N LEU B 729 96.28 16.35 -15.76
CA LEU B 729 95.48 15.10 -15.74
C LEU B 729 96.41 13.91 -15.44
N ARG B 730 97.61 13.91 -15.99
CA ARG B 730 98.59 12.82 -15.72
C ARG B 730 98.99 12.86 -14.25
N GLN B 731 99.18 14.07 -13.71
CA GLN B 731 99.55 14.22 -12.28
C GLN B 731 98.45 13.63 -11.40
N GLN B 732 97.20 13.98 -11.69
CA GLN B 732 96.05 13.50 -10.88
C GLN B 732 95.94 11.98 -11.03
N ARG B 733 96.22 11.46 -12.22
CA ARG B 733 96.15 10.00 -12.46
C ARG B 733 97.19 9.30 -11.60
N MET B 734 98.38 9.88 -11.52
CA MET B 734 99.47 9.27 -10.72
C MET B 734 99.07 9.23 -9.25
N ASP B 735 98.48 10.32 -8.74
CA ASP B 735 98.00 10.34 -7.33
C ASP B 735 96.97 9.24 -7.14
N VAL B 736 95.98 9.18 -8.04
CA VAL B 736 94.92 8.13 -7.93
C VAL B 736 95.60 6.77 -7.88
N GLU B 737 96.39 6.43 -8.90
CA GLU B 737 97.04 5.10 -8.93
C GLU B 737 97.82 4.91 -7.64
N LYS B 738 98.58 5.93 -7.21
CA LYS B 738 99.37 5.75 -6.03
C LYS B 738 98.50 5.48 -4.82
N GLN B 739 97.39 6.20 -4.68
CA GLN B 739 96.60 6.03 -3.45
C GLN B 739 95.60 4.88 -3.54
N LEU B 740 95.16 4.51 -4.74
CA LEU B 740 94.08 3.54 -4.88
C LEU B 740 94.55 2.15 -5.32
N LEU B 741 95.61 2.06 -6.12
CA LEU B 741 96.05 0.77 -6.61
C LEU B 741 97.27 0.21 -5.89
N TYR B 742 98.19 1.07 -5.47
CA TYR B 742 99.45 0.55 -4.88
C TYR B 742 99.56 0.92 -3.40
N GLN B 743 98.42 0.98 -2.70
CA GLN B 743 98.43 1.24 -1.23
C GLN B 743 97.58 0.14 -0.57
N ASP B 744 97.67 0.01 0.75
CA ASP B 744 96.86 -1.01 1.47
C ASP B 744 95.41 -0.53 1.53
N PHE B 745 94.46 -1.46 1.43
CA PHE B 745 93.03 -1.10 1.54
C PHE B 745 92.83 -0.45 2.91
N SER B 746 93.48 -1.00 3.94
CA SER B 746 93.41 -0.39 5.28
C SER B 746 93.56 1.13 5.15
N GLU B 747 94.57 1.60 4.42
CA GLU B 747 94.78 3.07 4.39
C GLU B 747 93.77 3.71 3.44
N ILE B 748 93.30 2.98 2.45
CA ILE B 748 92.25 3.53 1.56
C ILE B 748 91.02 3.80 2.42
N LYS B 749 90.55 2.78 3.13
CA LYS B 749 89.38 2.94 4.05
C LYS B 749 89.53 4.24 4.84
N ASN B 750 90.72 4.47 5.42
CA ASN B 750 90.93 5.67 6.26
C ASN B 750 90.66 6.93 5.45
N TRP B 751 91.20 7.01 4.23
CA TRP B 751 91.03 8.25 3.43
C TRP B 751 89.54 8.42 3.11
N ILE B 752 88.89 7.33 2.70
CA ILE B 752 87.44 7.41 2.32
C ILE B 752 86.67 7.94 3.52
N LYS B 753 86.94 7.40 4.70
CA LYS B 753 86.19 7.81 5.92
C LYS B 753 86.40 9.31 6.15
N SER B 754 87.65 9.76 6.13
CA SER B 754 87.93 11.21 6.29
C SER B 754 87.05 12.02 5.34
N GLN B 755 86.94 11.59 4.09
CA GLN B 755 86.11 12.32 3.09
C GLN B 755 84.64 12.28 3.51
N LEU B 756 84.04 11.09 3.58
CA LEU B 756 82.65 10.98 4.07
C LEU B 756 82.37 12.09 5.07
N MET C 1 -46.91 -51.88 -2.68
CA MET C 1 -46.38 -50.76 -1.94
C MET C 1 -47.50 -49.76 -1.57
N ILE C 2 -47.15 -48.57 -1.10
CA ILE C 2 -48.16 -47.55 -0.89
C ILE C 2 -47.79 -46.36 -1.77
N LYS C 3 -48.80 -45.66 -2.27
CA LYS C 3 -48.52 -44.63 -3.24
C LYS C 3 -48.93 -43.27 -2.69
N PRO C 4 -48.06 -42.27 -2.77
CA PRO C 4 -48.45 -40.96 -2.25
C PRO C 4 -49.53 -40.35 -3.12
N LYS C 5 -50.36 -39.52 -2.52
CA LYS C 5 -51.36 -38.81 -3.30
C LYS C 5 -50.70 -37.72 -4.11
N TYR C 6 -49.84 -36.94 -3.46
CA TYR C 6 -49.05 -35.89 -4.08
C TYR C 6 -47.64 -36.39 -4.33
N LYS C 7 -46.85 -35.56 -5.02
CA LYS C 7 -45.42 -35.77 -5.18
C LYS C 7 -44.71 -34.66 -4.42
N TRP C 8 -43.79 -35.03 -3.57
CA TRP C 8 -43.28 -34.14 -2.53
C TRP C 8 -42.11 -33.36 -3.11
N LYS C 9 -42.25 -32.06 -3.24
CA LYS C 9 -41.14 -31.22 -3.64
C LYS C 9 -40.59 -30.63 -2.34
N LEU C 10 -39.40 -31.12 -1.95
CA LEU C 10 -38.76 -30.70 -0.69
C LEU C 10 -37.89 -29.46 -0.95
N THR C 11 -37.77 -28.59 0.05
CA THR C 11 -36.98 -27.35 -0.10
C THR C 11 -35.50 -27.66 0.17
N LYS C 12 -34.62 -27.33 -0.78
CA LYS C 12 -33.17 -27.51 -0.57
C LYS C 12 -32.60 -26.17 -0.12
N PRO C 13 -32.14 -26.01 1.14
CA PRO C 13 -31.70 -24.69 1.59
C PRO C 13 -30.39 -24.30 0.91
N ALA C 14 -30.27 -23.02 0.55
CA ALA C 14 -29.01 -22.54 -0.05
C ALA C 14 -28.12 -21.96 1.05
N GLU C 15 -28.72 -21.22 1.98
CA GLU C 15 -27.93 -20.59 3.07
C GLU C 15 -28.34 -21.21 4.41
N TYR C 16 -27.44 -21.16 5.38
CA TYR C 16 -27.71 -21.75 6.72
C TYR C 16 -27.43 -20.69 7.78
N ILE C 17 -28.10 -20.78 8.94
CA ILE C 17 -27.82 -19.85 10.06
C ILE C 17 -26.50 -20.31 10.68
N SER C 18 -25.81 -19.42 11.39
CA SER C 18 -24.47 -19.80 11.92
C SER C 18 -24.56 -20.20 13.39
N ASP C 19 -23.51 -20.85 13.87
CA ASP C 19 -23.48 -21.32 15.28
C ASP C 19 -23.58 -20.10 16.21
N GLU C 20 -22.95 -18.99 15.83
CA GLU C 20 -22.97 -17.76 16.66
C GLU C 20 -24.41 -17.31 16.92
N LEU C 21 -25.19 -17.17 15.87
CA LEU C 21 -26.61 -16.71 16.02
C LEU C 21 -27.42 -17.84 16.65
N THR C 22 -27.05 -19.09 16.38
CA THR C 22 -27.75 -20.24 17.02
C THR C 22 -27.54 -20.15 18.53
N SER C 23 -26.30 -19.94 18.97
CA SER C 23 -26.00 -19.87 20.41
C SER C 23 -26.63 -18.61 21.02
N LYS C 24 -26.54 -17.49 20.30
CA LYS C 24 -27.07 -16.20 20.82
C LYS C 24 -28.57 -16.32 21.02
N LEU C 25 -29.29 -16.80 20.00
CA LEU C 25 -30.77 -16.84 20.10
C LEU C 25 -31.21 -18.22 20.57
N LYS C 26 -30.26 -19.06 20.99
CA LYS C 26 -30.61 -20.39 21.57
C LYS C 26 -31.65 -21.09 20.70
N LEU C 27 -31.27 -21.43 19.46
CA LEU C 27 -32.22 -22.06 18.52
C LEU C 27 -31.99 -23.57 18.53
N THR C 28 -32.96 -24.34 19.01
CA THR C 28 -32.85 -25.82 19.06
C THR C 28 -32.77 -26.30 17.62
N PRO C 29 -32.23 -27.50 17.29
CA PRO C 29 -32.01 -27.83 15.87
C PRO C 29 -33.26 -27.78 14.99
N ILE C 30 -34.46 -27.81 15.56
CA ILE C 30 -35.67 -27.86 14.78
C ILE C 30 -36.12 -26.47 14.32
N VAL C 31 -36.19 -25.52 15.26
CA VAL C 31 -36.57 -24.17 14.92
C VAL C 31 -35.59 -23.60 13.92
N LYS C 32 -34.34 -24.07 13.97
CA LYS C 32 -33.34 -23.63 13.02
C LYS C 32 -33.66 -24.09 11.61
N LYS C 33 -34.10 -25.35 11.44
CA LYS C 33 -34.39 -25.84 10.09
C LYS C 33 -35.63 -25.20 9.47
N ILE C 34 -36.58 -24.74 10.28
CA ILE C 34 -37.76 -24.09 9.72
C ILE C 34 -37.41 -22.70 9.19
N LEU C 35 -36.78 -21.87 10.03
CA LEU C 35 -36.32 -20.55 9.63
C LEU C 35 -35.53 -20.58 8.32
N GLU C 36 -34.64 -21.56 8.18
CA GLU C 36 -33.77 -21.58 7.01
C GLU C 36 -34.53 -21.91 5.74
N SER C 37 -35.52 -22.80 5.82
CA SER C 37 -36.29 -23.14 4.62
C SER C 37 -37.25 -22.04 4.22
N LYS C 38 -37.29 -20.96 4.99
CA LYS C 38 -38.06 -19.77 4.66
C LYS C 38 -37.17 -18.60 4.26
N SER C 39 -35.86 -18.82 4.10
CA SER C 39 -34.91 -17.76 3.75
C SER C 39 -34.85 -16.65 4.80
N ILE C 40 -35.00 -17.01 6.07
CA ILE C 40 -34.93 -16.04 7.16
C ILE C 40 -33.74 -16.43 8.03
N ILE C 41 -32.60 -15.78 7.83
CA ILE C 41 -31.36 -16.23 8.46
C ILE C 41 -30.48 -15.13 9.07
N ASP C 42 -31.06 -14.04 9.57
CA ASP C 42 -30.25 -12.96 10.11
C ASP C 42 -30.87 -12.50 11.43
N GLU C 43 -30.02 -11.94 12.29
CA GLU C 43 -30.44 -11.35 13.57
C GLU C 43 -31.78 -10.61 13.51
N GLN C 44 -31.88 -9.61 12.62
CA GLN C 44 -33.09 -8.77 12.58
C GLN C 44 -34.35 -9.55 12.17
N ALA C 45 -34.33 -10.24 11.03
CA ALA C 45 -35.54 -10.93 10.53
C ALA C 45 -35.98 -12.05 11.49
N ILE C 46 -35.01 -12.82 11.97
CA ILE C 46 -35.35 -13.94 12.88
C ILE C 46 -36.04 -13.34 14.11
N GLU C 47 -35.59 -12.18 14.58
CA GLU C 47 -36.18 -11.58 15.81
C GLU C 47 -37.55 -10.97 15.50
N SER C 48 -37.71 -10.39 14.31
CA SER C 48 -39.03 -9.88 13.88
C SER C 48 -40.02 -11.05 13.84
N ILE C 49 -39.50 -12.27 13.64
CA ILE C 49 -40.38 -13.47 13.64
C ILE C 49 -40.58 -14.03 15.06
N ILE C 50 -39.57 -13.98 15.93
CA ILE C 50 -39.65 -14.68 17.25
C ILE C 50 -39.96 -13.76 18.43
N SER C 51 -39.42 -12.55 18.45
CA SER C 51 -39.59 -11.71 19.63
C SER C 51 -41.02 -11.17 19.72
N ASP C 52 -41.63 -11.30 20.92
CA ASP C 52 -42.95 -10.77 21.25
C ASP C 52 -42.93 -9.26 21.45
N THR C 53 -41.81 -8.59 21.21
CA THR C 53 -41.81 -7.14 21.24
C THR C 53 -42.89 -6.58 20.30
N ASP C 54 -43.74 -5.74 20.89
CA ASP C 54 -44.88 -5.13 20.22
C ASP C 54 -44.45 -4.17 19.12
N ILE C 55 -45.11 -4.28 17.97
CA ILE C 55 -44.89 -3.42 16.81
C ILE C 55 -46.16 -2.62 16.51
N ASN C 56 -46.02 -1.28 16.50
CA ASN C 56 -47.12 -0.35 16.34
C ASN C 56 -46.66 0.86 15.56
N HIS C 57 -47.39 1.21 14.50
CA HIS C 57 -47.09 2.36 13.67
C HIS C 57 -48.09 3.49 13.88
N ASP C 58 -47.56 4.72 13.89
CA ASP C 58 -48.32 5.96 13.97
C ASP C 58 -49.57 5.88 13.09
N ALA C 59 -50.74 5.96 13.72
CA ALA C 59 -51.97 5.72 12.99
C ALA C 59 -52.24 6.77 11.92
N LEU C 60 -51.73 7.98 12.07
CA LEU C 60 -52.03 9.00 11.08
C LEU C 60 -51.16 8.89 9.85
N GLN C 61 -50.23 7.93 9.81
CA GLN C 61 -49.48 7.70 8.58
C GLN C 61 -50.30 6.94 7.55
N LEU C 62 -51.49 6.47 7.93
CA LEU C 62 -52.44 5.88 7.01
C LEU C 62 -53.12 6.99 6.19
N SER C 63 -53.63 6.60 5.03
CA SER C 63 -54.26 7.53 4.11
C SER C 63 -55.50 8.17 4.72
N ASP C 64 -55.61 9.50 4.59
CA ASP C 64 -56.81 10.24 4.97
C ASP C 64 -57.28 9.89 6.36
N MET C 65 -56.44 9.18 7.12
CA MET C 65 -56.89 8.70 8.42
C MET C 65 -57.12 9.88 9.34
N THR C 66 -56.21 10.85 9.34
CA THR C 66 -56.46 12.09 10.07
C THR C 66 -57.73 12.76 9.57
N LYS C 67 -57.75 13.15 8.27
CA LYS C 67 -58.92 13.76 7.65
C LYS C 67 -60.18 12.94 7.86
N THR C 68 -60.03 11.64 8.12
CA THR C 68 -61.20 10.81 8.39
C THR C 68 -61.73 11.15 9.76
N ILE C 69 -60.86 11.06 10.77
CA ILE C 69 -61.31 11.27 12.18
C ILE C 69 -61.88 12.68 12.33
N GLU C 70 -61.39 13.63 11.54
CA GLU C 70 -61.85 15.04 11.68
C GLU C 70 -63.33 15.09 11.32
N ARG C 71 -63.69 14.51 10.19
CA ARG C 71 -65.11 14.49 9.75
C ARG C 71 -65.95 13.76 10.81
N ILE C 72 -65.36 12.75 11.47
CA ILE C 72 -66.16 11.93 12.42
C ILE C 72 -66.54 12.76 13.64
N LYS C 73 -65.56 13.34 14.31
CA LYS C 73 -65.86 14.09 15.56
C LYS C 73 -66.66 15.34 15.19
N ARG C 74 -66.39 15.93 14.03
CA ARG C 74 -67.17 17.10 13.57
C ARG C 74 -68.62 16.66 13.38
N ALA C 75 -68.84 15.48 12.79
CA ALA C 75 -70.20 14.96 12.58
C ALA C 75 -70.88 14.71 13.94
N ILE C 76 -70.11 14.22 14.90
CA ILE C 76 -70.66 13.95 16.26
C ILE C 76 -71.17 15.28 16.83
N ALA C 77 -70.47 16.37 16.51
CA ALA C 77 -70.86 17.70 17.04
C ALA C 77 -72.14 18.17 16.35
N ASN C 78 -72.19 18.06 15.02
CA ASN C 78 -73.39 18.45 14.25
C ASN C 78 -74.51 17.47 14.58
N ASP C 79 -74.20 16.46 15.38
CA ASP C 79 -75.20 15.41 15.75
C ASP C 79 -75.66 14.72 14.47
N GLU C 80 -74.75 14.57 13.51
CA GLU C 80 -75.09 13.91 12.24
C GLU C 80 -75.25 12.41 12.55
N LYS C 81 -76.02 11.69 11.73
CA LYS C 81 -76.10 10.22 11.92
C LYS C 81 -75.09 9.59 10.96
N ILE C 82 -74.26 8.68 11.46
CA ILE C 82 -73.17 8.13 10.60
C ILE C 82 -73.49 6.67 10.28
N LEU C 83 -73.24 6.26 9.03
CA LEU C 83 -73.50 4.87 8.63
C LEU C 83 -72.18 4.13 8.45
N VAL C 84 -71.96 3.09 9.24
CA VAL C 84 -70.76 2.24 9.06
C VAL C 84 -71.18 1.04 8.22
N TYR C 85 -70.40 0.70 7.19
CA TYR C 85 -70.83 -0.39 6.27
C TYR C 85 -69.78 -1.51 6.28
N GLY C 86 -70.21 -2.74 6.55
CA GLY C 86 -69.28 -3.87 6.62
C GLY C 86 -69.66 -4.99 5.68
N ASP C 87 -69.06 -6.17 5.85
CA ASP C 87 -69.44 -7.34 5.01
C ASP C 87 -69.73 -8.54 5.92
N TYR C 88 -70.18 -9.66 5.35
CA TYR C 88 -70.60 -10.83 6.15
C TYR C 88 -69.41 -11.72 6.51
N ASP C 89 -68.20 -11.35 6.10
CA ASP C 89 -67.00 -12.14 6.47
C ASP C 89 -66.65 -11.83 7.93
N ALA C 90 -65.96 -12.73 8.61
CA ALA C 90 -65.58 -12.50 10.02
C ALA C 90 -64.88 -11.14 10.13
N ASP C 91 -63.79 -10.95 9.39
CA ASP C 91 -63.09 -9.64 9.41
C ASP C 91 -64.16 -8.55 9.37
N GLY C 92 -65.21 -8.70 8.57
CA GLY C 92 -66.24 -7.67 8.45
C GLY C 92 -66.98 -7.45 9.74
N VAL C 93 -67.42 -8.53 10.39
CA VAL C 93 -68.22 -8.40 11.64
C VAL C 93 -67.30 -7.90 12.76
N THR C 94 -66.08 -8.44 12.82
CA THR C 94 -65.11 -7.98 13.85
C THR C 94 -64.81 -6.50 13.60
N ALA C 95 -64.59 -6.10 12.35
CA ALA C 95 -64.26 -4.70 12.03
C ALA C 95 -65.40 -3.80 12.50
N THR C 96 -66.62 -4.09 12.05
CA THR C 96 -67.79 -3.32 12.50
C THR C 96 -67.77 -3.22 14.02
N THR C 97 -67.60 -4.35 14.70
CA THR C 97 -67.67 -4.34 16.18
C THR C 97 -66.73 -3.26 16.72
N ILE C 98 -65.50 -3.25 16.23
CA ILE C 98 -64.50 -2.27 16.75
C ILE C 98 -65.06 -0.86 16.57
N LEU C 99 -65.52 -0.52 15.37
CA LEU C 99 -66.00 0.87 15.11
C LEU C 99 -67.29 1.15 15.89
N VAL C 100 -68.28 0.27 15.78
CA VAL C 100 -69.59 0.58 16.44
C VAL C 100 -69.29 0.88 17.91
N ILE C 101 -68.54 0.00 18.58
CA ILE C 101 -68.25 0.19 20.03
C ILE C 101 -67.42 1.47 20.21
N THR C 102 -66.35 1.62 19.41
CA THR C 102 -65.48 2.83 19.51
C THR C 102 -66.36 4.08 19.46
N LEU C 103 -67.21 4.16 18.44
CA LEU C 103 -68.08 5.34 18.27
C LEU C 103 -69.11 5.38 19.40
N GLN C 104 -69.68 4.23 19.74
CA GLN C 104 -70.64 4.18 20.88
C GLN C 104 -69.99 4.84 22.11
N LEU C 105 -68.70 4.60 22.33
CA LEU C 105 -68.01 5.15 23.51
C LEU C 105 -67.79 6.64 23.28
N LEU C 106 -68.16 7.13 22.11
CA LEU C 106 -68.06 8.58 21.83
C LEU C 106 -69.44 9.08 21.41
N GLY C 107 -70.52 8.49 21.92
CA GLY C 107 -71.85 8.87 21.43
C GLY C 107 -71.89 8.69 19.92
N ALA C 108 -72.04 9.77 19.15
CA ALA C 108 -71.92 9.72 17.67
C ALA C 108 -73.20 9.29 16.94
N GLN C 109 -74.23 8.76 17.61
CA GLN C 109 -75.41 8.29 16.84
C GLN C 109 -74.93 7.41 15.68
N VAL C 110 -74.11 6.40 15.98
CA VAL C 110 -73.52 5.52 14.92
C VAL C 110 -74.57 4.53 14.41
N GLY C 111 -74.65 4.37 13.09
CA GLY C 111 -75.55 3.36 12.52
C GLY C 111 -74.75 2.25 11.84
N TRP C 112 -75.18 1.00 12.00
CA TRP C 112 -74.45 -0.15 11.41
C TRP C 112 -75.39 -0.98 10.53
N HIS C 113 -74.92 -1.39 9.36
CA HIS C 113 -75.73 -2.26 8.48
C HIS C 113 -74.89 -3.42 7.96
N ILE C 114 -75.52 -4.56 7.71
CA ILE C 114 -74.81 -5.74 7.16
C ILE C 114 -75.60 -6.27 5.96
N PRO C 115 -74.96 -6.51 4.80
CA PRO C 115 -75.65 -7.05 3.62
C PRO C 115 -76.06 -8.53 3.77
N ASN C 116 -76.79 -9.11 2.80
CA ASN C 116 -77.29 -10.50 2.97
C ASN C 116 -76.60 -11.47 1.99
N ARG C 117 -75.59 -11.00 1.25
CA ARG C 117 -74.82 -11.89 0.34
C ARG C 117 -75.72 -12.41 -0.79
N PHE C 118 -76.90 -12.95 -0.46
CA PHE C 118 -77.79 -13.52 -1.50
C PHE C 118 -78.59 -12.43 -2.20
N THR C 119 -79.14 -11.50 -1.43
CA THR C 119 -80.02 -10.45 -2.03
C THR C 119 -79.23 -9.17 -2.36
N GLU C 120 -78.44 -8.67 -1.42
CA GLU C 120 -77.73 -7.38 -1.63
C GLU C 120 -76.34 -7.62 -2.23
N GLY C 121 -75.45 -8.28 -1.48
CA GLY C 121 -74.13 -8.63 -2.04
C GLY C 121 -72.96 -8.13 -1.20
N TYR C 122 -71.77 -8.06 -1.80
CA TYR C 122 -70.56 -7.64 -1.03
C TYR C 122 -70.43 -6.12 -0.99
N GLY C 123 -70.73 -5.53 0.17
CA GLY C 123 -70.53 -4.08 0.34
C GLY C 123 -71.52 -3.18 -0.39
N PRO C 124 -71.05 -2.16 -1.12
CA PRO C 124 -71.93 -1.14 -1.71
C PRO C 124 -73.13 -1.58 -2.55
N ASN C 125 -74.33 -1.14 -2.15
CA ASN C 125 -75.54 -1.42 -2.96
C ASN C 125 -76.32 -0.10 -3.04
N GLU C 126 -76.67 0.35 -4.26
CA GLU C 126 -77.33 1.67 -4.41
C GLU C 126 -78.50 1.80 -3.44
N LEU C 127 -79.36 0.79 -3.35
CA LEU C 127 -80.58 0.88 -2.50
C LEU C 127 -80.17 1.28 -1.08
N ALA C 128 -79.13 0.65 -0.53
CA ALA C 128 -78.74 0.94 0.87
C ALA C 128 -78.34 2.40 1.00
N PHE C 129 -77.58 2.92 0.03
CA PHE C 129 -77.09 4.32 0.10
C PHE C 129 -78.29 5.27 0.02
N ARG C 130 -79.25 4.96 -0.85
CA ARG C 130 -80.46 5.80 -0.98
C ARG C 130 -81.31 5.66 0.28
N ASN C 131 -81.39 4.45 0.82
CA ASN C 131 -82.16 4.22 2.07
C ASN C 131 -81.46 5.01 3.18
N ALA C 132 -80.13 5.11 3.08
CA ALA C 132 -79.37 5.91 4.06
C ALA C 132 -79.80 7.38 3.93
N HIS C 133 -80.05 7.83 2.70
CA HIS C 133 -80.47 9.24 2.45
C HIS C 133 -81.90 9.47 2.97
N ASP C 134 -82.78 8.48 2.78
CA ASP C 134 -84.18 8.58 3.30
C ASP C 134 -84.10 8.74 4.82
N GLU C 135 -83.25 7.95 5.48
CA GLU C 135 -83.03 8.14 6.94
C GLU C 135 -82.02 9.28 7.07
N GLY C 136 -81.79 9.81 8.26
CA GLY C 136 -80.73 10.84 8.35
C GLY C 136 -79.37 10.20 8.24
N ILE C 137 -78.65 10.43 7.14
CA ILE C 137 -77.25 9.91 7.00
C ILE C 137 -76.44 10.90 6.15
N THR C 138 -75.33 11.39 6.68
CA THR C 138 -74.49 12.36 5.94
C THR C 138 -73.09 11.77 5.77
N LEU C 139 -72.72 10.79 6.60
CA LEU C 139 -71.35 10.20 6.52
C LEU C 139 -71.45 8.68 6.45
N ILE C 140 -70.69 8.06 5.55
CA ILE C 140 -70.67 6.57 5.50
C ILE C 140 -69.23 6.11 5.73
N ILE C 141 -69.02 5.21 6.71
CA ILE C 141 -67.68 4.64 6.98
C ILE C 141 -67.70 3.16 6.60
N THR C 142 -67.17 2.84 5.43
CA THR C 142 -67.17 1.45 4.91
C THR C 142 -66.04 0.64 5.54
N VAL C 143 -66.33 -0.55 6.07
CA VAL C 143 -65.27 -1.44 6.62
C VAL C 143 -65.22 -2.71 5.77
N ASP C 144 -64.02 -3.17 5.40
CA ASP C 144 -63.83 -4.38 4.55
C ASP C 144 -64.51 -4.19 3.19
N ASN C 145 -64.77 -2.94 2.78
CA ASN C 145 -65.48 -2.68 1.50
C ASN C 145 -65.33 -1.23 1.06
N GLY C 146 -65.72 -0.89 -0.17
CA GLY C 146 -65.74 0.53 -0.60
C GLY C 146 -64.90 0.82 -1.83
N ILE C 147 -63.69 0.28 -1.91
CA ILE C 147 -62.76 0.66 -3.03
C ILE C 147 -63.40 0.41 -4.41
N GLN C 148 -64.19 -0.66 -4.57
CA GLN C 148 -64.71 -1.00 -5.93
C GLN C 148 -66.16 -0.52 -6.10
N GLY C 149 -66.75 0.10 -5.07
CA GLY C 149 -68.11 0.64 -5.20
C GLY C 149 -68.09 2.06 -5.75
N HIS C 150 -67.37 2.28 -6.85
CA HIS C 150 -67.22 3.64 -7.43
C HIS C 150 -68.58 4.24 -7.76
N ASN C 151 -69.39 3.53 -8.55
CA ASN C 151 -70.69 4.12 -9.01
C ASN C 151 -71.52 4.51 -7.80
N GLU C 152 -71.77 3.57 -6.89
CA GLU C 152 -72.63 3.87 -5.72
C GLU C 152 -72.01 5.04 -4.96
N ILE C 153 -70.69 5.07 -4.82
CA ILE C 153 -70.01 6.13 -4.01
C ILE C 153 -70.20 7.49 -4.69
N LYS C 154 -69.91 7.58 -5.99
CA LYS C 154 -70.13 8.86 -6.71
C LYS C 154 -71.60 9.25 -6.55
N MET C 155 -72.51 8.30 -6.73
CA MET C 155 -73.96 8.62 -6.67
C MET C 155 -74.30 9.14 -5.28
N VAL C 156 -73.97 8.37 -4.25
CA VAL C 156 -74.40 8.77 -2.87
C VAL C 156 -73.77 10.13 -2.56
N GLN C 157 -72.55 10.37 -3.04
CA GLN C 157 -71.86 11.64 -2.74
C GLN C 157 -72.62 12.79 -3.40
N ASP C 158 -73.06 12.61 -4.65
CA ASP C 158 -73.88 13.64 -5.34
C ASP C 158 -75.21 13.78 -4.59
N LEU C 159 -75.81 12.65 -4.20
CA LEU C 159 -77.05 12.69 -3.38
C LEU C 159 -76.78 13.57 -2.16
N GLY C 160 -75.51 13.76 -1.81
CA GLY C 160 -75.19 14.66 -0.69
C GLY C 160 -74.69 13.90 0.53
N VAL C 161 -74.20 12.68 0.33
CA VAL C 161 -73.76 11.85 1.50
C VAL C 161 -72.25 11.64 1.42
N ASP C 162 -71.51 12.19 2.38
CA ASP C 162 -70.03 12.03 2.41
C ASP C 162 -69.72 10.55 2.63
N VAL C 163 -68.74 10.02 1.89
CA VAL C 163 -68.39 8.57 2.03
C VAL C 163 -66.93 8.44 2.45
N ILE C 164 -66.69 7.93 3.65
CA ILE C 164 -65.30 7.65 4.11
C ILE C 164 -65.09 6.15 3.91
N VAL C 165 -64.05 5.76 3.17
CA VAL C 165 -63.90 4.31 2.87
C VAL C 165 -62.71 3.72 3.62
N THR C 166 -62.95 2.67 4.41
CA THR C 166 -61.85 1.97 5.12
C THR C 166 -61.83 0.50 4.69
N ASP C 167 -61.09 0.17 3.63
CA ASP C 167 -61.04 -1.23 3.13
C ASP C 167 -59.58 -1.66 3.02
N HIS C 168 -59.33 -2.97 2.86
CA HIS C 168 -57.95 -3.47 2.66
C HIS C 168 -57.90 -4.29 1.38
N HIS C 169 -59.01 -4.35 0.65
CA HIS C 169 -59.08 -5.22 -0.55
C HIS C 169 -58.37 -4.55 -1.73
N GLU C 170 -58.09 -5.32 -2.78
CA GLU C 170 -57.32 -4.78 -3.94
C GLU C 170 -57.91 -3.48 -4.46
N ILE C 171 -57.06 -2.52 -4.80
CA ILE C 171 -57.52 -1.20 -5.35
C ILE C 171 -57.79 -1.37 -6.84
N GLY C 172 -58.80 -0.66 -7.37
CA GLY C 172 -59.16 -0.76 -8.79
C GLY C 172 -58.27 0.12 -9.66
N SER C 173 -58.55 0.17 -10.97
CA SER C 173 -57.76 1.00 -11.90
C SER C 173 -57.78 2.45 -11.42
N THR C 174 -58.93 2.93 -10.96
CA THR C 174 -59.02 4.31 -10.40
C THR C 174 -59.56 4.22 -8.97
N LEU C 175 -59.52 5.33 -8.23
CA LEU C 175 -60.00 5.33 -6.82
C LEU C 175 -61.36 6.01 -6.76
N PRO C 176 -62.28 5.56 -5.86
CA PRO C 176 -63.60 6.16 -5.76
C PRO C 176 -63.53 7.63 -5.33
N GLU C 177 -64.45 8.45 -5.83
CA GLU C 177 -64.48 9.89 -5.43
C GLU C 177 -65.14 9.98 -4.06
N ALA C 178 -64.41 9.56 -3.03
CA ALA C 178 -65.00 9.54 -1.66
C ALA C 178 -64.47 10.74 -0.87
N TYR C 179 -65.20 11.16 0.17
CA TYR C 179 -64.69 12.25 1.03
C TYR C 179 -63.27 11.88 1.47
N ALA C 180 -63.09 10.65 1.93
CA ALA C 180 -61.76 10.19 2.39
C ALA C 180 -61.59 8.70 2.10
N ILE C 181 -60.38 8.29 1.72
CA ILE C 181 -60.09 6.86 1.45
C ILE C 181 -58.99 6.39 2.41
N VAL C 182 -59.30 5.45 3.29
CA VAL C 182 -58.26 4.88 4.20
C VAL C 182 -57.94 3.46 3.71
N HIS C 183 -56.77 3.27 3.13
CA HIS C 183 -56.36 1.93 2.61
C HIS C 183 -54.86 1.75 2.88
N PRO C 184 -54.44 0.61 3.45
CA PRO C 184 -53.02 0.40 3.78
C PRO C 184 -52.11 0.48 2.55
N MET C 185 -52.67 0.33 1.33
CA MET C 185 -51.83 0.31 0.11
C MET C 185 -52.17 1.52 -0.78
N HIS C 186 -52.76 2.57 -0.20
CA HIS C 186 -53.06 3.80 -0.98
C HIS C 186 -51.79 4.22 -1.72
N PRO C 187 -51.86 4.51 -3.03
CA PRO C 187 -50.66 4.84 -3.81
C PRO C 187 -50.03 6.19 -3.44
N SER C 188 -50.80 7.11 -2.86
CA SER C 188 -50.28 8.47 -2.56
C SER C 188 -49.79 8.56 -1.11
N PHE C 189 -49.84 7.45 -0.36
CA PHE C 189 -49.34 7.45 1.03
C PHE C 189 -48.42 6.24 1.22
N ASN C 190 -47.65 6.21 2.31
CA ASN C 190 -46.69 5.10 2.52
C ASN C 190 -46.77 4.61 3.97
N TYR C 191 -47.82 3.85 4.29
CA TYR C 191 -47.92 3.24 5.64
C TYR C 191 -46.99 2.02 5.65
N PRO C 192 -46.21 1.79 6.73
CA PRO C 192 -45.24 0.69 6.74
C PRO C 192 -45.85 -0.69 6.46
N PHE C 193 -46.92 -1.05 7.19
CA PHE C 193 -47.53 -2.39 6.99
C PHE C 193 -48.73 -2.26 6.05
N GLN C 194 -48.59 -2.77 4.83
CA GLN C 194 -49.66 -2.62 3.80
C GLN C 194 -50.49 -3.89 3.73
N GLN C 195 -50.32 -4.80 4.70
CA GLN C 195 -51.05 -6.09 4.66
C GLN C 195 -52.03 -6.16 5.83
N LEU C 196 -52.51 -5.00 6.29
CA LEU C 196 -53.50 -4.96 7.40
C LEU C 196 -54.86 -5.43 6.87
N CYS C 197 -55.68 -6.01 7.74
CA CYS C 197 -57.04 -6.45 7.35
C CYS C 197 -58.01 -5.30 7.56
N GLY C 198 -59.31 -5.54 7.40
CA GLY C 198 -60.31 -4.49 7.67
C GLY C 198 -60.35 -4.14 9.14
N ALA C 199 -60.31 -5.15 10.01
CA ALA C 199 -60.32 -4.91 11.47
C ALA C 199 -59.01 -4.23 11.89
N GLY C 200 -57.89 -4.55 11.24
CA GLY C 200 -56.63 -3.86 11.53
C GLY C 200 -56.73 -2.38 11.24
N VAL C 201 -57.32 -2.03 10.09
CA VAL C 201 -57.53 -0.61 9.74
C VAL C 201 -58.51 0.00 10.74
N ALA C 202 -59.55 -0.74 11.10
CA ALA C 202 -60.55 -0.25 12.07
C ALA C 202 -59.86 0.01 13.41
N TYR C 203 -58.96 -0.89 13.80
CA TYR C 203 -58.25 -0.73 15.09
C TYR C 203 -57.47 0.59 15.07
N LYS C 204 -56.76 0.85 13.97
CA LYS C 204 -55.92 2.07 13.90
C LYS C 204 -56.84 3.28 13.96
N LEU C 205 -58.01 3.22 13.32
CA LEU C 205 -58.98 4.33 13.39
C LEU C 205 -59.36 4.56 14.85
N ALA C 206 -59.62 3.47 15.58
CA ALA C 206 -59.95 3.59 17.02
C ALA C 206 -58.77 4.22 17.76
N GLN C 207 -57.54 3.77 17.47
CA GLN C 207 -56.34 4.27 18.19
C GLN C 207 -56.29 5.80 18.16
N ALA C 208 -56.72 6.40 17.05
CA ALA C 208 -56.64 7.87 16.94
C ALA C 208 -57.93 8.52 17.45
N LEU C 209 -59.05 7.79 17.37
CA LEU C 209 -60.35 8.34 17.85
C LEU C 209 -60.41 8.22 19.37
N ILE C 210 -60.10 7.05 19.92
CA ILE C 210 -60.09 6.84 21.40
C ILE C 210 -58.68 6.46 21.82
N GLU C 211 -58.20 7.01 22.94
CA GLU C 211 -56.85 6.68 23.44
C GLU C 211 -56.96 5.46 24.35
N ASN C 212 -58.11 5.31 25.01
CA ASN C 212 -58.33 4.12 25.87
C ASN C 212 -58.94 3.01 25.01
N VAL C 213 -58.13 2.35 24.19
CA VAL C 213 -58.64 1.27 23.30
C VAL C 213 -58.76 -0.01 24.12
N PRO C 214 -59.98 -0.61 24.23
CA PRO C 214 -60.17 -1.84 24.99
C PRO C 214 -59.34 -2.98 24.41
N ASP C 215 -58.87 -3.89 25.27
CA ASP C 215 -58.05 -5.03 24.81
C ASP C 215 -58.90 -5.99 23.98
N TYR C 216 -60.22 -5.88 24.09
CA TYR C 216 -61.16 -6.73 23.31
C TYR C 216 -60.92 -6.47 21.82
N PHE C 217 -60.65 -5.22 21.46
CA PHE C 217 -60.48 -4.85 20.03
C PHE C 217 -59.30 -5.64 19.44
N LYS C 218 -58.25 -5.84 20.22
CA LYS C 218 -57.06 -6.60 19.73
C LYS C 218 -57.48 -8.03 19.38
N ALA C 219 -58.34 -8.64 20.19
CA ALA C 219 -58.83 -10.00 19.92
C ALA C 219 -59.64 -10.00 18.63
N LEU C 220 -60.48 -8.99 18.45
CA LEU C 220 -61.29 -8.88 17.21
C LEU C 220 -60.36 -8.76 15.99
N VAL C 221 -59.30 -7.96 16.10
CA VAL C 221 -58.35 -7.78 14.98
C VAL C 221 -57.70 -9.13 14.66
N ALA C 222 -57.34 -9.88 15.69
CA ALA C 222 -56.68 -11.20 15.49
C ALA C 222 -57.63 -12.13 14.75
N ILE C 223 -58.91 -12.11 15.12
CA ILE C 223 -59.90 -12.99 14.47
C ILE C 223 -59.94 -12.66 12.98
N GLY C 224 -60.04 -11.37 12.65
CA GLY C 224 -60.10 -10.96 11.24
C GLY C 224 -58.81 -11.24 10.51
N THR C 225 -57.67 -11.00 11.16
CA THR C 225 -56.35 -11.18 10.49
C THR C 225 -56.18 -12.64 10.09
N ILE C 226 -56.66 -13.57 10.92
CA ILE C 226 -56.49 -15.02 10.63
C ILE C 226 -57.69 -15.49 9.79
N ALA C 227 -58.64 -14.59 9.53
CA ALA C 227 -59.83 -14.94 8.74
C ALA C 227 -59.65 -14.56 7.28
N ASP C 228 -59.11 -13.37 7.01
CA ASP C 228 -58.87 -12.93 5.61
C ASP C 228 -57.48 -13.44 5.18
N LEU C 229 -56.89 -14.35 5.97
CA LEU C 229 -55.59 -14.97 5.61
C LEU C 229 -54.62 -13.91 5.07
N VAL C 230 -54.49 -12.79 5.78
CA VAL C 230 -53.55 -11.71 5.35
C VAL C 230 -52.16 -12.01 5.94
N SER C 231 -51.16 -11.21 5.58
CA SER C 231 -49.77 -11.48 6.02
C SER C 231 -49.67 -11.59 7.54
N LEU C 232 -49.10 -12.68 8.04
CA LEU C 232 -48.88 -12.81 9.50
C LEU C 232 -47.43 -12.39 9.78
N THR C 233 -47.09 -11.16 9.44
CA THR C 233 -45.72 -10.63 9.67
C THR C 233 -45.81 -9.21 10.23
N ASP C 234 -44.74 -8.69 10.80
CA ASP C 234 -44.71 -7.28 11.29
C ASP C 234 -45.93 -6.98 12.17
N GLU C 235 -46.69 -5.92 11.85
CA GLU C 235 -47.81 -5.49 12.73
C GLU C 235 -48.85 -6.59 12.91
N ASN C 236 -49.26 -7.26 11.84
CA ASN C 236 -50.35 -8.27 11.97
C ASN C 236 -49.88 -9.37 12.94
N ARG C 237 -48.60 -9.73 12.85
CA ARG C 237 -48.03 -10.76 13.76
C ARG C 237 -48.16 -10.28 15.21
N SER C 238 -47.79 -9.01 15.47
CA SER C 238 -47.88 -8.46 16.84
C SER C 238 -49.32 -8.47 17.32
N LEU C 239 -50.24 -7.93 16.51
CA LEU C 239 -51.66 -7.82 16.94
C LEU C 239 -52.22 -9.21 17.23
N VAL C 240 -51.88 -10.20 16.40
CA VAL C 240 -52.41 -11.58 16.59
C VAL C 240 -51.85 -12.14 17.89
N LYS C 241 -50.54 -12.02 18.10
CA LYS C 241 -49.91 -12.52 19.36
C LYS C 241 -50.58 -11.82 20.54
N GLN C 242 -50.75 -10.51 20.47
CA GLN C 242 -51.38 -9.73 21.58
C GLN C 242 -52.84 -10.17 21.75
N GLY C 243 -53.61 -10.20 20.67
CA GLY C 243 -55.04 -10.56 20.76
C GLY C 243 -55.24 -11.98 21.24
N LEU C 244 -54.36 -12.90 20.84
CA LEU C 244 -54.45 -14.31 21.30
C LEU C 244 -54.25 -14.34 22.82
N LYS C 245 -53.36 -13.49 23.34
CA LYS C 245 -53.16 -13.42 24.81
C LYS C 245 -54.45 -12.94 25.47
N VAL C 246 -55.07 -11.90 24.94
CA VAL C 246 -56.34 -11.36 25.50
C VAL C 246 -57.38 -12.48 25.53
N LEU C 247 -57.51 -13.24 24.44
CA LEU C 247 -58.51 -14.33 24.35
C LEU C 247 -58.20 -15.44 25.37
N ASN C 248 -56.93 -15.63 25.72
CA ASN C 248 -56.56 -16.74 26.63
C ASN C 248 -56.49 -16.23 28.07
N ASP C 249 -56.06 -14.99 28.27
CA ASP C 249 -55.90 -14.43 29.65
C ASP C 249 -57.25 -13.96 30.18
N GLN C 250 -57.94 -13.11 29.40
CA GLN C 250 -59.27 -12.58 29.81
C GLN C 250 -60.25 -12.84 28.66
N CYS C 251 -60.58 -14.09 28.42
CA CYS C 251 -61.45 -14.40 27.26
C CYS C 251 -62.71 -13.55 27.35
N PRO C 252 -63.12 -12.88 26.26
CA PRO C 252 -64.35 -12.13 26.27
C PRO C 252 -65.55 -13.08 26.42
N THR C 253 -66.66 -12.56 26.94
CA THR C 253 -67.87 -13.40 27.14
C THR C 253 -68.32 -13.97 25.79
N SER C 254 -68.30 -13.14 24.75
CA SER C 254 -68.78 -13.58 23.41
C SER C 254 -68.00 -14.82 22.94
N VAL C 255 -66.67 -14.73 22.92
CA VAL C 255 -65.82 -15.85 22.43
C VAL C 255 -66.00 -17.04 23.38
N LYS C 256 -66.04 -16.76 24.68
CA LYS C 256 -66.17 -17.85 25.69
C LYS C 256 -67.46 -18.63 25.40
N ALA C 257 -68.55 -17.91 25.12
CA ALA C 257 -69.85 -18.56 24.83
C ALA C 257 -69.73 -19.43 23.58
N LEU C 258 -69.14 -18.87 22.52
CA LEU C 258 -68.98 -19.63 21.25
C LEU C 258 -68.16 -20.90 21.52
N LEU C 259 -67.05 -20.75 22.27
CA LEU C 259 -66.16 -21.91 22.51
C LEU C 259 -66.85 -22.89 23.46
N LYS C 260 -67.72 -22.39 24.33
CA LYS C 260 -68.48 -23.29 25.25
C LYS C 260 -69.40 -24.16 24.41
N GLU C 261 -70.04 -23.59 23.39
CA GLU C 261 -70.90 -24.38 22.47
C GLU C 261 -70.00 -25.31 21.66
N ALA C 262 -68.83 -24.82 21.26
CA ALA C 262 -67.90 -25.62 20.43
C ALA C 262 -67.28 -26.73 21.28
N GLY C 263 -67.27 -26.54 22.61
CA GLY C 263 -66.64 -27.53 23.49
C GLY C 263 -65.12 -27.43 23.41
N TYR C 264 -64.60 -26.23 23.14
CA TYR C 264 -63.14 -26.02 23.12
C TYR C 264 -62.68 -25.67 24.54
N ASN C 265 -61.93 -26.59 25.17
CA ASN C 265 -61.48 -26.37 26.57
C ASN C 265 -59.96 -26.39 26.61
N ASP C 266 -59.30 -25.89 25.56
CA ASP C 266 -57.83 -25.90 25.47
C ASP C 266 -57.33 -24.46 25.28
N ASN C 267 -56.02 -24.30 25.05
CA ASN C 267 -55.44 -22.95 24.82
C ASN C 267 -55.86 -22.48 23.43
N ILE C 268 -56.08 -21.17 23.26
CA ILE C 268 -56.51 -20.61 21.95
C ILE C 268 -55.26 -20.25 21.14
N ASP C 269 -55.19 -20.69 19.88
CA ASP C 269 -54.05 -20.37 18.99
C ASP C 269 -54.61 -19.86 17.67
N GLU C 270 -53.76 -19.72 16.66
CA GLU C 270 -54.25 -19.28 15.31
C GLU C 270 -55.15 -20.39 14.74
N GLU C 271 -54.86 -21.65 15.07
CA GLU C 271 -55.68 -22.78 14.58
C GLU C 271 -57.09 -22.63 15.16
N THR C 272 -57.18 -22.27 16.43
CA THR C 272 -58.51 -22.09 17.07
C THR C 272 -59.30 -21.04 16.28
N ILE C 273 -58.68 -19.90 15.99
CA ILE C 273 -59.40 -18.79 15.31
C ILE C 273 -59.77 -19.21 13.88
N GLY C 274 -58.93 -20.04 13.24
CA GLY C 274 -59.18 -20.38 11.83
C GLY C 274 -60.08 -21.57 11.63
N PHE C 275 -60.16 -22.48 12.60
CA PHE C 275 -60.96 -23.72 12.39
C PHE C 275 -62.15 -23.80 13.36
N ILE C 276 -62.24 -22.90 14.35
CA ILE C 276 -63.33 -22.99 15.36
C ILE C 276 -64.11 -21.67 15.44
N ILE C 277 -63.43 -20.57 15.78
CA ILE C 277 -64.15 -19.28 15.98
C ILE C 277 -64.58 -18.70 14.64
N GLY C 278 -63.65 -18.51 13.71
CA GLY C 278 -63.99 -17.90 12.42
C GLY C 278 -65.09 -18.65 11.68
N PRO C 279 -65.00 -19.97 11.47
CA PRO C 279 -66.00 -20.69 10.70
C PRO C 279 -67.42 -20.43 11.21
N ARG C 280 -67.61 -20.44 12.54
CA ARG C 280 -68.96 -20.24 13.13
C ARG C 280 -69.44 -18.82 12.83
N LEU C 281 -68.57 -17.82 13.00
CA LEU C 281 -68.94 -16.42 12.71
C LEU C 281 -69.30 -16.28 11.23
N ASN C 282 -68.58 -17.01 10.36
CA ASN C 282 -68.83 -16.92 8.90
C ASN C 282 -70.13 -17.63 8.54
N ALA C 283 -70.42 -18.77 9.16
CA ALA C 283 -71.62 -19.55 8.77
C ALA C 283 -72.89 -18.72 8.87
N VAL C 284 -72.95 -17.82 9.85
CA VAL C 284 -74.20 -17.04 10.05
C VAL C 284 -74.55 -16.32 8.76
N GLY C 285 -73.57 -15.68 8.10
CA GLY C 285 -73.86 -14.90 6.89
C GLY C 285 -73.92 -15.76 5.64
N ARG C 286 -73.58 -17.04 5.77
CA ARG C 286 -73.66 -17.96 4.61
C ARG C 286 -75.03 -18.63 4.60
N LEU C 287 -75.82 -18.45 5.66
CA LEU C 287 -77.15 -19.11 5.75
C LEU C 287 -78.24 -18.04 5.80
N ASP C 288 -77.97 -16.89 6.43
CA ASP C 288 -79.02 -15.85 6.58
C ASP C 288 -78.36 -14.51 6.97
N ASP C 289 -79.16 -13.58 7.50
CA ASP C 289 -78.60 -12.28 7.98
C ASP C 289 -77.52 -12.58 9.02
N ALA C 290 -76.37 -11.90 8.94
CA ALA C 290 -75.24 -12.19 9.85
C ALA C 290 -75.35 -11.35 11.13
N SER C 291 -76.36 -10.48 11.24
CA SER C 291 -76.48 -9.59 12.42
C SER C 291 -76.22 -10.38 13.71
N LEU C 292 -76.72 -11.62 13.80
CA LEU C 292 -76.57 -12.39 15.06
C LEU C 292 -75.10 -12.34 15.48
N ALA C 293 -74.19 -12.53 14.52
CA ALA C 293 -72.75 -12.56 14.86
C ALA C 293 -72.33 -11.21 15.41
N CYS C 294 -72.70 -10.13 14.71
CA CYS C 294 -72.36 -8.77 15.18
C CYS C 294 -72.91 -8.61 16.59
N GLU C 295 -74.15 -9.06 16.81
CA GLU C 295 -74.79 -8.89 18.14
C GLU C 295 -74.04 -9.72 19.18
N LEU C 296 -73.63 -10.94 18.83
CA LEU C 296 -72.93 -11.81 19.80
C LEU C 296 -71.63 -11.11 20.21
N LEU C 297 -70.93 -10.54 19.25
CA LEU C 297 -69.62 -9.90 19.55
C LEU C 297 -69.87 -8.66 20.42
N MET C 298 -70.99 -7.98 20.19
CA MET C 298 -71.31 -6.74 20.93
C MET C 298 -71.86 -7.06 22.33
N THR C 299 -72.39 -8.27 22.53
CA THR C 299 -73.02 -8.59 23.85
C THR C 299 -72.01 -9.21 24.81
N ASP C 300 -71.61 -8.44 25.81
CA ASP C 300 -70.74 -8.94 26.85
C ASP C 300 -71.53 -9.27 28.11
N VAL C 301 -72.86 -9.28 28.00
CA VAL C 301 -73.70 -9.77 29.14
C VAL C 301 -73.76 -11.28 29.00
N GLU C 302 -73.46 -12.04 30.06
CA GLU C 302 -73.34 -13.52 29.93
C GLU C 302 -74.64 -14.17 29.44
N GLU C 303 -75.78 -13.87 30.04
CA GLU C 303 -77.04 -14.60 29.70
C GLU C 303 -77.43 -14.40 28.23
N GLU C 304 -77.59 -13.15 27.77
CA GLU C 304 -78.05 -12.92 26.38
C GLU C 304 -76.99 -13.47 25.42
N ALA C 305 -75.72 -13.35 25.81
CA ALA C 305 -74.62 -13.88 24.99
C ALA C 305 -74.52 -15.39 25.04
N ALA C 306 -75.06 -16.00 26.08
CA ALA C 306 -75.14 -17.45 26.10
C ALA C 306 -76.22 -17.90 25.14
N PHE C 307 -77.26 -17.07 25.00
CA PHE C 307 -78.32 -17.29 24.03
C PHE C 307 -77.90 -16.95 22.60
N LEU C 308 -77.19 -15.83 22.40
CA LEU C 308 -76.90 -15.39 21.03
C LEU C 308 -75.95 -16.33 20.30
N ALA C 309 -75.00 -16.96 21.00
CA ALA C 309 -74.15 -17.94 20.32
C ALA C 309 -74.82 -19.30 20.13
N GLU C 310 -75.77 -19.68 20.98
CA GLU C 310 -76.38 -20.99 20.83
C GLU C 310 -76.97 -21.15 19.44
N GLN C 311 -77.62 -20.10 18.96
CA GLN C 311 -78.19 -20.10 17.63
C GLN C 311 -77.09 -20.00 16.56
N VAL C 312 -75.97 -19.33 16.86
CA VAL C 312 -74.80 -19.42 15.99
C VAL C 312 -74.40 -20.88 15.78
N GLU C 313 -74.23 -21.62 16.89
CA GLU C 313 -73.84 -23.02 16.80
C GLU C 313 -74.86 -23.81 16.00
N HIS C 314 -76.13 -23.44 16.09
CA HIS C 314 -77.10 -24.03 15.18
C HIS C 314 -76.82 -23.74 13.71
N PHE C 315 -76.57 -22.47 13.36
CA PHE C 315 -76.23 -22.16 11.98
C PHE C 315 -74.91 -22.82 11.59
N ASN C 316 -74.03 -23.06 12.56
CA ASN C 316 -72.77 -23.77 12.22
C ASN C 316 -73.10 -25.22 11.88
N ARG C 317 -73.86 -25.88 12.75
CA ARG C 317 -74.19 -27.32 12.52
C ARG C 317 -74.89 -27.46 11.16
N GLU C 318 -75.94 -26.66 10.94
CA GLU C 318 -76.72 -26.80 9.68
C GLU C 318 -75.76 -26.67 8.50
N ARG C 319 -74.89 -25.65 8.54
CA ARG C 319 -73.94 -25.43 7.43
C ARG C 319 -73.21 -26.74 7.16
N LYS C 320 -72.64 -27.34 8.21
CA LYS C 320 -71.90 -28.61 8.04
C LYS C 320 -72.85 -29.64 7.41
N ASP C 321 -74.04 -29.82 7.97
CA ASP C 321 -74.89 -30.88 7.42
C ASP C 321 -75.23 -30.62 5.96
N ILE C 322 -75.64 -29.39 5.63
CA ILE C 322 -75.98 -29.08 4.25
C ILE C 322 -74.77 -29.25 3.36
N VAL C 323 -73.60 -28.86 3.86
CA VAL C 323 -72.37 -29.00 3.07
C VAL C 323 -72.10 -30.47 2.78
N ALA C 324 -72.14 -31.31 3.81
CA ALA C 324 -71.89 -32.73 3.64
C ALA C 324 -72.79 -33.33 2.57
N THR C 325 -74.08 -32.96 2.60
CA THR C 325 -75.03 -33.50 1.64
C THR C 325 -74.73 -33.04 0.22
N ILE C 326 -74.45 -31.74 0.06
CA ILE C 326 -74.18 -31.22 -1.28
C ILE C 326 -72.99 -31.93 -1.90
N THR C 327 -71.97 -32.22 -1.11
CA THR C 327 -70.77 -32.84 -1.65
C THR C 327 -71.21 -34.24 -2.02
N GLU C 328 -72.16 -34.81 -1.26
CA GLU C 328 -72.71 -36.11 -1.62
C GLU C 328 -73.18 -36.10 -3.06
N GLU C 329 -73.91 -35.07 -3.45
CA GLU C 329 -74.27 -34.95 -4.85
C GLU C 329 -73.14 -34.51 -5.78
N ALA C 330 -72.17 -33.74 -5.28
CA ALA C 330 -71.10 -33.21 -6.13
C ALA C 330 -70.02 -34.25 -6.40
N MET C 331 -69.65 -35.07 -5.42
CA MET C 331 -68.69 -36.13 -5.70
C MET C 331 -69.24 -37.09 -6.74
N ALA C 332 -70.55 -37.31 -6.71
CA ALA C 332 -71.21 -38.17 -7.69
C ALA C 332 -71.14 -37.57 -9.10
N MET C 333 -71.43 -36.28 -9.24
CA MET C 333 -71.46 -35.71 -10.58
C MET C 333 -70.08 -35.67 -11.21
N ALA C 334 -69.04 -35.68 -10.38
CA ALA C 334 -67.68 -35.54 -10.84
C ALA C 334 -66.90 -36.84 -10.95
N GLU C 335 -67.10 -37.78 -10.02
CA GLU C 335 -66.34 -39.03 -10.05
C GLU C 335 -66.61 -39.82 -11.32
N THR C 336 -67.71 -39.49 -12.01
CA THR C 336 -68.00 -39.94 -13.37
C THR C 336 -67.42 -39.02 -14.45
N LYS C 337 -67.29 -37.72 -14.15
CA LYS C 337 -66.73 -36.79 -15.14
C LYS C 337 -65.26 -37.06 -15.35
N VAL C 338 -64.59 -37.58 -14.31
CA VAL C 338 -63.16 -37.86 -14.38
C VAL C 338 -62.93 -39.20 -15.07
N LYS C 339 -63.85 -40.15 -14.90
CA LYS C 339 -63.80 -41.34 -15.75
C LYS C 339 -63.94 -41.01 -17.23
N LYS C 340 -64.66 -39.94 -17.57
CA LYS C 340 -64.69 -39.43 -18.93
C LYS C 340 -63.45 -38.58 -19.24
N GLY C 341 -62.45 -38.65 -18.37
CA GLY C 341 -61.23 -37.85 -18.53
C GLY C 341 -61.50 -36.37 -18.71
N ASP C 342 -62.43 -35.82 -17.93
CA ASP C 342 -62.64 -34.38 -17.92
C ASP C 342 -61.54 -33.65 -17.16
N LEU C 343 -61.39 -32.35 -17.45
CA LEU C 343 -60.37 -31.56 -16.78
C LEU C 343 -60.88 -30.38 -15.96
N PHE C 344 -62.07 -29.85 -16.24
CA PHE C 344 -62.63 -28.78 -15.42
C PHE C 344 -64.01 -29.24 -14.98
N LEU C 345 -64.17 -29.44 -13.68
CA LEU C 345 -65.42 -29.95 -13.15
C LEU C 345 -66.36 -28.80 -12.95
N LEU C 346 -67.37 -28.69 -13.80
CA LEU C 346 -68.37 -27.65 -13.70
C LEU C 346 -69.67 -28.36 -13.36
N LEU C 347 -70.10 -28.23 -12.11
CA LEU C 347 -71.23 -28.99 -11.62
C LEU C 347 -72.38 -28.05 -11.28
N ALA C 348 -73.56 -28.38 -11.78
CA ALA C 348 -74.72 -27.56 -11.55
C ALA C 348 -75.88 -28.52 -11.32
N LYS C 349 -76.48 -28.43 -10.14
CA LYS C 349 -77.62 -29.24 -9.78
C LYS C 349 -78.61 -28.30 -9.14
N GLU C 350 -79.74 -28.82 -8.72
CA GLU C 350 -80.78 -27.90 -8.30
C GLU C 350 -80.79 -27.81 -6.79
N ASN C 351 -81.37 -26.71 -6.30
CA ASN C 351 -81.49 -26.47 -4.88
C ASN C 351 -80.15 -26.58 -4.15
N TRP C 352 -79.06 -26.27 -4.83
CA TRP C 352 -77.74 -26.34 -4.22
C TRP C 352 -77.52 -25.02 -3.50
N HIS C 353 -77.47 -25.07 -2.16
CA HIS C 353 -77.47 -23.83 -1.37
C HIS C 353 -76.28 -22.95 -1.73
N GLU C 354 -76.57 -21.68 -2.00
CA GLU C 354 -75.59 -20.84 -2.69
C GLU C 354 -74.47 -20.36 -1.77
N GLY C 355 -74.79 -20.05 -0.51
CA GLY C 355 -73.80 -19.53 0.40
C GLY C 355 -72.65 -20.47 0.71
N VAL C 356 -72.82 -21.76 0.48
CA VAL C 356 -71.85 -22.76 0.88
C VAL C 356 -71.13 -23.40 -0.29
N LEU C 357 -71.41 -22.95 -1.51
CA LEU C 357 -70.88 -23.60 -2.70
C LEU C 357 -69.36 -23.47 -2.77
N GLY C 358 -68.80 -22.35 -2.30
CA GLY C 358 -67.36 -22.24 -2.22
C GLY C 358 -66.72 -23.33 -1.37
N ILE C 359 -67.34 -23.65 -0.23
CA ILE C 359 -66.87 -24.72 0.63
C ILE C 359 -66.87 -26.05 -0.13
N VAL C 360 -67.99 -26.35 -0.79
CA VAL C 360 -68.14 -27.58 -1.56
C VAL C 360 -67.10 -27.67 -2.66
N ALA C 361 -66.78 -26.54 -3.27
CA ALA C 361 -65.82 -26.56 -4.37
C ALA C 361 -64.45 -26.98 -3.87
N SER C 362 -64.11 -26.61 -2.63
CA SER C 362 -62.76 -26.93 -2.09
C SER C 362 -62.59 -28.45 -1.99
N LYS C 363 -63.59 -29.15 -1.47
CA LYS C 363 -63.49 -30.62 -1.27
C LYS C 363 -63.25 -31.31 -2.61
N ILE C 364 -63.98 -30.91 -3.65
CA ILE C 364 -63.80 -31.50 -5.01
C ILE C 364 -62.38 -31.20 -5.49
N VAL C 365 -61.92 -29.97 -5.33
CA VAL C 365 -60.56 -29.57 -5.80
C VAL C 365 -59.57 -30.34 -4.92
N GLU C 366 -59.95 -30.62 -3.67
CA GLU C 366 -59.05 -31.36 -2.75
C GLU C 366 -58.95 -32.83 -3.17
N THR C 367 -60.05 -33.41 -3.65
CA THR C 367 -60.06 -34.86 -3.99
C THR C 367 -59.55 -35.15 -5.40
N PHE C 368 -60.12 -34.50 -6.41
CA PHE C 368 -59.77 -34.83 -7.81
C PHE C 368 -58.59 -33.98 -8.30
N ALA C 369 -58.19 -32.97 -7.53
CA ALA C 369 -57.04 -32.11 -7.90
C ALA C 369 -57.28 -31.45 -9.26
N LEU C 370 -58.51 -30.98 -9.50
CA LEU C 370 -58.85 -30.35 -10.79
C LEU C 370 -59.57 -29.02 -10.52
N PRO C 371 -59.58 -28.05 -11.45
CA PRO C 371 -60.36 -26.81 -11.25
C PRO C 371 -61.86 -27.10 -11.30
N THR C 372 -62.60 -26.53 -10.35
CA THR C 372 -64.01 -26.82 -10.19
C THR C 372 -64.88 -25.56 -10.08
N LEU C 373 -65.99 -25.55 -10.81
CA LEU C 373 -67.07 -24.58 -10.63
C LEU C 373 -68.35 -25.27 -10.15
N ILE C 374 -69.01 -24.70 -9.15
CA ILE C 374 -70.19 -25.27 -8.51
C ILE C 374 -71.36 -24.32 -8.68
N LEU C 375 -72.42 -24.76 -9.37
CA LEU C 375 -73.54 -23.82 -9.67
C LEU C 375 -74.86 -24.32 -9.07
N ASN C 376 -75.80 -23.41 -8.85
CA ASN C 376 -77.15 -23.78 -8.36
C ASN C 376 -78.17 -23.34 -9.43
N ILE C 377 -78.98 -24.27 -9.93
CA ILE C 377 -79.93 -23.92 -11.03
C ILE C 377 -81.24 -23.44 -10.42
N ASP C 378 -81.37 -22.13 -10.18
CA ASP C 378 -82.65 -21.57 -9.67
C ASP C 378 -83.50 -21.22 -10.89
N ARG C 379 -84.47 -22.09 -11.23
CA ARG C 379 -85.28 -21.87 -12.45
C ARG C 379 -86.28 -20.73 -12.21
N GLU C 380 -86.41 -20.27 -10.96
CA GLU C 380 -87.33 -19.15 -10.66
C GLU C 380 -86.74 -17.84 -11.18
N GLN C 381 -85.44 -17.61 -10.96
CA GLN C 381 -84.82 -16.31 -11.36
C GLN C 381 -84.18 -16.46 -12.74
N ASN C 382 -84.41 -17.59 -13.41
CA ASN C 382 -83.82 -17.84 -14.75
C ASN C 382 -82.35 -17.39 -14.73
N HIS C 383 -81.55 -17.97 -13.84
CA HIS C 383 -80.08 -17.70 -13.83
C HIS C 383 -79.43 -18.69 -12.88
N ALA C 384 -78.13 -18.96 -13.09
CA ALA C 384 -77.40 -19.87 -12.18
C ALA C 384 -76.18 -19.15 -11.60
N LYS C 385 -76.13 -19.01 -10.28
CA LYS C 385 -74.96 -18.37 -9.62
C LYS C 385 -74.21 -19.43 -8.81
N GLY C 386 -72.88 -19.29 -8.71
CA GLY C 386 -72.10 -20.31 -7.99
C GLY C 386 -70.69 -19.85 -7.64
N SER C 387 -69.82 -20.79 -7.29
CA SER C 387 -68.45 -20.44 -6.85
C SER C 387 -67.42 -21.41 -7.45
N ALA C 388 -66.16 -20.99 -7.53
CA ALA C 388 -65.08 -21.79 -8.09
C ALA C 388 -63.85 -21.80 -7.20
N ARG C 389 -63.08 -22.89 -7.26
CA ARG C 389 -61.74 -23.00 -6.67
C ARG C 389 -60.85 -23.61 -7.74
N SER C 390 -59.64 -24.01 -7.38
CA SER C 390 -58.65 -24.33 -8.41
C SER C 390 -57.39 -24.96 -7.81
N ILE C 391 -56.54 -25.44 -8.73
CA ILE C 391 -55.16 -25.82 -8.48
C ILE C 391 -54.28 -24.62 -8.85
N ASP C 392 -53.00 -24.68 -8.46
CA ASP C 392 -52.08 -23.56 -8.65
C ASP C 392 -51.92 -23.15 -10.11
N GLN C 393 -51.92 -24.12 -11.03
CA GLN C 393 -51.73 -23.76 -12.44
C GLN C 393 -52.88 -22.87 -12.91
N VAL C 394 -54.09 -23.41 -12.82
CA VAL C 394 -55.27 -22.69 -13.38
C VAL C 394 -55.51 -21.37 -12.66
N SER C 395 -55.52 -20.27 -13.42
CA SER C 395 -55.88 -18.97 -12.81
C SER C 395 -57.38 -18.77 -13.04
N MET C 396 -58.19 -18.99 -12.02
CA MET C 396 -59.66 -18.91 -12.20
C MET C 396 -59.99 -17.67 -13.03
N PHE C 397 -59.21 -16.60 -12.87
CA PHE C 397 -59.57 -15.34 -13.57
C PHE C 397 -59.43 -15.54 -15.08
N GLU C 398 -58.29 -16.03 -15.54
CA GLU C 398 -58.08 -16.11 -17.01
C GLU C 398 -59.12 -17.04 -17.64
N ILE C 399 -59.30 -18.24 -17.08
CA ILE C 399 -60.23 -19.22 -17.71
C ILE C 399 -61.61 -18.59 -17.82
N LEU C 400 -62.10 -18.02 -16.73
CA LEU C 400 -63.47 -17.46 -16.75
C LEU C 400 -63.50 -16.29 -17.74
N SER C 401 -62.44 -15.49 -17.76
CA SER C 401 -62.41 -14.30 -18.64
C SER C 401 -62.45 -14.75 -20.10
N ALA C 402 -61.77 -15.85 -20.42
CA ALA C 402 -61.71 -16.34 -21.80
C ALA C 402 -63.12 -16.62 -22.33
N HIS C 403 -64.04 -17.04 -21.47
CA HIS C 403 -65.38 -17.43 -21.97
C HIS C 403 -66.42 -16.47 -21.42
N GLN C 404 -66.02 -15.23 -21.11
CA GLN C 404 -66.95 -14.25 -20.48
C GLN C 404 -68.19 -14.08 -21.36
N GLU C 405 -68.04 -14.36 -22.66
CA GLU C 405 -69.17 -14.20 -23.60
C GLU C 405 -70.34 -15.09 -23.15
N LEU C 406 -70.03 -16.28 -22.60
CA LEU C 406 -71.09 -17.22 -22.14
C LEU C 406 -71.20 -17.17 -20.62
N ILE C 407 -70.28 -16.46 -19.96
CA ILE C 407 -70.25 -16.48 -18.47
C ILE C 407 -71.02 -15.29 -17.88
N ALA C 408 -71.34 -14.30 -18.70
CA ALA C 408 -72.14 -13.16 -18.21
C ALA C 408 -71.43 -12.50 -17.03
N LYS C 409 -72.06 -12.47 -15.85
CA LYS C 409 -71.47 -11.79 -14.66
C LYS C 409 -70.40 -12.68 -14.03
N PHE C 410 -69.20 -12.13 -13.83
CA PHE C 410 -68.10 -12.89 -13.16
C PHE C 410 -67.13 -11.91 -12.49
N GLY C 411 -66.12 -12.44 -11.79
CA GLY C 411 -65.13 -11.60 -11.10
C GLY C 411 -64.49 -12.33 -9.93
N GLY C 412 -63.16 -12.26 -9.81
CA GLY C 412 -62.46 -12.96 -8.72
C GLY C 412 -60.94 -12.85 -8.86
N HIS C 413 -60.22 -13.96 -8.63
CA HIS C 413 -58.75 -13.91 -8.66
C HIS C 413 -58.16 -15.23 -9.17
N HIS C 414 -56.91 -15.51 -8.82
CA HIS C 414 -56.21 -16.70 -9.34
C HIS C 414 -56.78 -18.04 -8.84
N MET C 415 -57.23 -18.10 -7.59
CA MET C 415 -57.65 -19.42 -7.04
C MET C 415 -59.16 -19.49 -6.77
N ALA C 416 -59.92 -18.44 -7.06
CA ALA C 416 -61.35 -18.49 -6.70
C ALA C 416 -62.13 -17.33 -7.29
N ALA C 417 -63.42 -17.54 -7.59
CA ALA C 417 -64.29 -16.46 -8.06
C ALA C 417 -65.75 -16.87 -7.94
N GLY C 418 -66.62 -15.85 -7.91
CA GLY C 418 -68.06 -16.07 -7.99
C GLY C 418 -68.65 -15.51 -9.28
N MET C 419 -69.78 -16.04 -9.74
CA MET C 419 -70.31 -15.66 -11.05
C MET C 419 -71.75 -16.11 -11.19
N THR C 420 -72.42 -15.60 -12.24
CA THR C 420 -73.83 -15.82 -12.55
C THR C 420 -73.95 -15.94 -14.06
N MET C 421 -74.66 -16.98 -14.51
CA MET C 421 -74.71 -17.26 -15.96
C MET C 421 -76.11 -17.73 -16.35
N ASP C 422 -76.36 -17.76 -17.66
CA ASP C 422 -77.65 -18.31 -18.15
C ASP C 422 -77.56 -19.83 -18.01
N ILE C 423 -78.62 -20.45 -17.50
CA ILE C 423 -78.61 -21.92 -17.29
C ILE C 423 -78.41 -22.61 -18.64
N GLU C 424 -78.81 -21.93 -19.72
CA GLU C 424 -78.74 -22.54 -21.08
C GLU C 424 -77.31 -22.52 -21.61
N ASN C 425 -76.41 -21.76 -21.00
CA ASN C 425 -75.03 -21.62 -21.53
C ASN C 425 -74.07 -22.54 -20.78
N ILE C 426 -74.54 -23.20 -19.71
CA ILE C 426 -73.66 -24.06 -18.87
C ILE C 426 -73.01 -25.15 -19.73
N GLU C 427 -73.82 -25.89 -20.49
CA GLU C 427 -73.27 -27.02 -21.28
C GLU C 427 -72.28 -26.48 -22.32
N SER C 428 -72.63 -25.37 -22.96
CA SER C 428 -71.73 -24.75 -23.95
C SER C 428 -70.47 -24.26 -23.23
N LEU C 429 -70.62 -23.71 -22.02
CA LEU C 429 -69.46 -23.14 -21.29
C LEU C 429 -68.50 -24.25 -20.88
N ALA C 430 -69.01 -25.30 -20.23
CA ALA C 430 -68.12 -26.36 -19.74
C ALA C 430 -67.28 -26.87 -20.91
N GLU C 431 -67.84 -26.79 -22.12
CA GLU C 431 -67.09 -27.26 -23.33
C GLU C 431 -65.83 -26.42 -23.48
N GLY C 432 -65.97 -25.09 -23.51
CA GLY C 432 -64.80 -24.21 -23.67
C GLY C 432 -63.80 -24.40 -22.55
N LEU C 433 -64.28 -24.51 -21.32
CA LEU C 433 -63.38 -24.67 -20.15
C LEU C 433 -62.65 -25.99 -20.29
N ASN C 434 -63.38 -27.07 -20.60
CA ASN C 434 -62.75 -28.40 -20.71
C ASN C 434 -61.72 -28.37 -21.84
N LYS C 435 -62.02 -27.62 -22.90
CA LYS C 435 -61.10 -27.56 -24.06
C LYS C 435 -59.81 -26.81 -23.68
N TRP C 436 -59.95 -25.63 -23.04
CA TRP C 436 -58.75 -24.83 -22.67
C TRP C 436 -57.91 -25.63 -21.70
N MET C 437 -58.56 -26.37 -20.81
CA MET C 437 -57.80 -27.24 -19.88
C MET C 437 -57.08 -28.32 -20.69
N LYS C 438 -57.72 -28.81 -21.76
CA LYS C 438 -57.11 -29.89 -22.56
C LYS C 438 -55.81 -29.38 -23.18
N GLU C 439 -55.82 -28.15 -23.69
CA GLU C 439 -54.59 -27.64 -24.36
C GLU C 439 -53.49 -27.54 -23.30
N LEU C 440 -53.85 -27.12 -22.10
CA LEU C 440 -52.86 -26.98 -21.00
C LEU C 440 -52.35 -28.37 -20.61
N SER C 441 -53.17 -29.41 -20.76
CA SER C 441 -52.76 -30.77 -20.29
C SER C 441 -51.35 -31.10 -20.79
N LYS C 442 -51.01 -30.66 -22.00
CA LYS C 442 -49.68 -31.00 -22.56
C LYS C 442 -48.72 -29.83 -22.32
N THR C 443 -49.11 -28.63 -22.77
CA THR C 443 -48.21 -27.45 -22.64
C THR C 443 -47.80 -27.31 -21.17
N THR C 444 -48.47 -28.03 -20.25
CA THR C 444 -48.17 -27.85 -18.81
C THR C 444 -48.12 -29.16 -18.03
N SER C 445 -47.27 -29.24 -17.00
CA SER C 445 -47.21 -30.41 -16.11
C SER C 445 -48.32 -30.34 -15.06
N LEU C 446 -49.29 -31.26 -15.11
CA LEU C 446 -50.46 -31.24 -14.24
C LEU C 446 -50.42 -32.37 -13.23
N ASP C 447 -50.12 -32.05 -11.97
CA ASP C 447 -49.90 -33.07 -10.95
C ASP C 447 -49.86 -32.55 -9.52
N PRO C 448 -50.66 -33.07 -8.58
CA PRO C 448 -50.61 -32.50 -7.22
C PRO C 448 -49.22 -32.64 -6.63
N VAL C 449 -48.66 -31.50 -6.23
CA VAL C 449 -47.34 -31.44 -5.61
C VAL C 449 -47.50 -30.94 -4.19
N LYS C 450 -46.48 -31.20 -3.37
CA LYS C 450 -46.44 -30.60 -2.05
C LYS C 450 -45.03 -30.11 -1.73
N GLN C 451 -44.99 -28.98 -1.04
CA GLN C 451 -43.76 -28.32 -0.62
C GLN C 451 -43.41 -28.82 0.77
N VAL C 452 -42.57 -29.86 0.85
CA VAL C 452 -42.09 -30.26 2.18
C VAL C 452 -41.15 -29.19 2.70
N ASP C 453 -41.54 -28.55 3.82
CA ASP C 453 -40.74 -27.47 4.37
C ASP C 453 -39.41 -27.96 4.92
N VAL C 454 -39.38 -29.12 5.58
CA VAL C 454 -38.20 -29.61 6.29
C VAL C 454 -38.16 -31.13 6.20
N LEU C 455 -36.97 -31.68 6.00
CA LEU C 455 -36.76 -33.12 6.14
C LEU C 455 -36.26 -33.39 7.55
N LEU C 456 -36.97 -34.22 8.32
CA LEU C 456 -36.60 -34.36 9.75
C LEU C 456 -35.91 -35.69 10.07
N THR C 457 -35.03 -35.68 11.06
CA THR C 457 -34.31 -36.92 11.48
C THR C 457 -34.85 -37.33 12.85
N GLU C 458 -34.78 -38.62 13.19
CA GLU C 458 -35.39 -39.11 14.46
C GLU C 458 -34.76 -38.40 15.68
N ASN C 459 -33.44 -38.17 15.65
CA ASN C 459 -32.76 -37.54 16.80
C ASN C 459 -33.36 -36.15 17.03
N ASP C 460 -33.88 -35.53 15.97
CA ASP C 460 -34.44 -34.15 16.08
C ASP C 460 -35.80 -34.21 16.79
N ILE C 461 -36.35 -35.41 16.97
CA ILE C 461 -37.66 -35.55 17.69
C ILE C 461 -37.36 -35.57 19.20
N THR C 462 -37.35 -34.39 19.82
CA THR C 462 -37.13 -34.28 21.29
C THR C 462 -38.17 -33.32 21.84
N ILE C 463 -38.58 -33.49 23.10
CA ILE C 463 -39.62 -32.61 23.69
C ILE C 463 -39.19 -31.15 23.55
N LYS C 464 -37.95 -30.84 23.92
CA LYS C 464 -37.48 -29.44 23.89
C LYS C 464 -37.61 -28.87 22.48
N ASN C 465 -37.16 -29.62 21.48
CA ASN C 465 -37.17 -29.12 20.08
C ASN C 465 -38.59 -28.69 19.73
N ILE C 466 -39.56 -29.57 19.97
CA ILE C 466 -40.97 -29.29 19.56
C ILE C 466 -41.51 -28.11 20.36
N ARG C 467 -41.25 -28.09 21.67
CA ARG C 467 -41.81 -27.01 22.51
C ARG C 467 -41.25 -25.67 22.02
N ASP C 468 -40.05 -25.68 21.43
CA ASP C 468 -39.41 -24.41 20.99
C ASP C 468 -40.11 -23.86 19.75
N MET C 469 -40.80 -24.73 19.01
CA MET C 469 -41.54 -24.29 17.79
C MET C 469 -42.57 -23.23 18.21
N ASN C 470 -42.93 -23.19 19.50
CA ASN C 470 -43.91 -22.19 20.01
C ASN C 470 -43.32 -20.79 19.83
N ARG C 471 -41.99 -20.67 19.81
CA ARG C 471 -41.33 -19.36 19.60
C ARG C 471 -41.71 -18.82 18.22
N LEU C 472 -41.89 -19.72 17.24
CA LEU C 472 -42.27 -19.31 15.87
C LEU C 472 -43.80 -19.24 15.77
N ARG C 473 -44.50 -20.04 16.57
CA ARG C 473 -45.98 -20.11 16.48
C ARG C 473 -46.60 -18.83 17.05
N PRO C 474 -47.20 -17.93 16.22
CA PRO C 474 -48.14 -18.28 15.16
C PRO C 474 -47.58 -18.54 13.77
N PHE C 475 -48.26 -19.47 13.11
CA PHE C 475 -48.00 -19.85 11.73
C PHE C 475 -49.18 -19.39 10.90
N GLY C 476 -49.00 -18.35 10.11
CA GLY C 476 -50.09 -17.92 9.27
C GLY C 476 -49.64 -17.83 7.83
N THR C 477 -50.16 -16.85 7.10
CA THR C 477 -49.71 -16.57 5.75
C THR C 477 -48.33 -15.91 5.77
N ASP C 478 -47.55 -16.13 4.71
CA ASP C 478 -46.17 -15.64 4.59
C ASP C 478 -45.29 -16.31 5.64
N PHE C 479 -45.92 -17.09 6.50
CA PHE C 479 -45.26 -17.87 7.52
C PHE C 479 -45.99 -19.20 7.64
N SER C 480 -46.03 -19.94 6.54
CA SER C 480 -46.87 -21.12 6.46
C SER C 480 -46.41 -22.13 7.49
N ARG C 481 -47.36 -22.94 7.96
CA ARG C 481 -47.02 -23.98 8.91
C ARG C 481 -46.11 -25.00 8.22
N PRO C 482 -44.96 -25.33 8.80
CA PRO C 482 -44.02 -26.24 8.12
C PRO C 482 -44.49 -27.69 8.13
N ILE C 483 -44.19 -28.39 7.04
CA ILE C 483 -44.46 -29.81 6.85
C ILE C 483 -43.15 -30.58 6.83
N PHE C 484 -43.14 -31.76 7.48
CA PHE C 484 -41.91 -32.53 7.73
C PHE C 484 -41.97 -33.89 7.05
N GLU C 485 -41.25 -34.03 5.93
CA GLU C 485 -40.97 -35.34 5.37
C GLU C 485 -40.05 -36.08 6.32
N MET C 486 -40.19 -37.40 6.41
CA MET C 486 -39.25 -38.18 7.25
C MET C 486 -38.93 -39.47 6.50
N ASP C 487 -37.83 -40.15 6.84
CA ASP C 487 -37.43 -41.33 6.03
C ASP C 487 -37.07 -42.64 6.74
N ASP C 488 -37.17 -43.76 6.02
CA ASP C 488 -36.78 -45.08 6.58
C ASP C 488 -37.35 -45.24 7.98
N LEU C 489 -38.67 -45.10 8.10
CA LEU C 489 -39.30 -45.19 9.45
C LEU C 489 -39.90 -46.61 9.55
N SER C 490 -39.57 -47.33 10.60
CA SER C 490 -40.14 -48.68 10.82
C SER C 490 -41.56 -48.54 11.37
N VAL C 491 -42.41 -49.55 11.19
CA VAL C 491 -43.77 -49.52 11.79
C VAL C 491 -43.85 -50.66 12.82
N SER C 492 -43.87 -50.34 14.12
CA SER C 492 -43.89 -51.39 15.12
C SER C 492 -45.30 -51.91 15.39
N SER C 493 -46.23 -51.04 15.82
CA SER C 493 -47.63 -51.44 15.99
C SER C 493 -48.52 -50.52 15.18
N VAL C 494 -49.56 -51.09 14.56
CA VAL C 494 -50.46 -50.26 13.71
C VAL C 494 -51.88 -50.83 13.81
N LYS C 495 -52.89 -49.94 13.80
CA LYS C 495 -54.28 -50.44 13.81
C LYS C 495 -55.25 -49.29 13.49
N ALA C 496 -56.37 -49.61 12.84
CA ALA C 496 -57.39 -48.57 12.57
C ALA C 496 -58.11 -48.27 13.89
N ILE C 497 -58.49 -47.01 14.11
CA ILE C 497 -59.12 -46.64 15.42
C ILE C 497 -60.46 -45.98 15.15
N GLY C 498 -61.37 -46.01 16.14
CA GLY C 498 -62.70 -45.42 15.98
C GLY C 498 -63.87 -46.37 15.77
N GLN C 499 -65.09 -45.91 16.03
CA GLN C 499 -66.29 -46.77 15.89
C GLN C 499 -66.58 -46.99 14.40
N GLN C 500 -65.97 -46.16 13.54
CA GLN C 500 -66.14 -46.31 12.06
C GLN C 500 -64.77 -46.47 11.42
N LYS C 501 -63.73 -46.63 12.23
CA LYS C 501 -62.33 -46.74 11.71
C LYS C 501 -61.98 -45.46 10.94
N ASN C 502 -61.47 -45.60 9.72
CA ASN C 502 -61.12 -44.43 8.87
C ASN C 502 -59.89 -43.71 9.44
N HIS C 503 -59.52 -44.01 10.67
CA HIS C 503 -58.37 -43.31 11.32
C HIS C 503 -57.29 -44.37 11.64
N LEU C 504 -56.01 -44.00 11.53
CA LEU C 504 -54.94 -45.00 11.71
C LEU C 504 -53.97 -44.56 12.82
N LYS C 505 -53.46 -45.52 13.59
CA LYS C 505 -52.47 -45.21 14.66
C LYS C 505 -51.18 -45.97 14.34
N LEU C 506 -50.03 -45.29 14.36
CA LEU C 506 -48.76 -45.95 13.96
C LEU C 506 -47.64 -45.65 14.95
N THR C 507 -46.84 -46.65 15.30
CA THR C 507 -45.64 -46.40 16.15
C THR C 507 -44.45 -46.44 15.20
N LEU C 508 -43.79 -45.31 14.96
CA LEU C 508 -42.72 -45.29 13.92
C LEU C 508 -41.35 -45.02 14.53
N GLY C 509 -40.29 -45.55 13.92
CA GLY C 509 -38.91 -45.27 14.36
C GLY C 509 -38.43 -46.17 15.48
N GLU C 510 -37.11 -46.30 15.62
CA GLU C 510 -36.54 -47.07 16.76
C GLU C 510 -36.80 -46.24 18.02
N SER C 511 -37.05 -44.95 17.85
CA SER C 511 -37.40 -44.07 18.98
C SER C 511 -38.85 -44.36 19.41
N ASN C 512 -39.54 -45.23 18.67
CA ASN C 512 -40.92 -45.62 19.01
C ASN C 512 -41.78 -44.36 19.12
N ILE C 513 -41.83 -43.56 18.04
CA ILE C 513 -42.60 -42.29 18.07
C ILE C 513 -44.05 -42.55 17.65
N ALA C 514 -45.00 -42.00 18.40
CA ALA C 514 -46.43 -42.18 18.08
C ALA C 514 -46.78 -41.37 16.83
N ALA C 515 -47.79 -41.85 16.07
CA ALA C 515 -48.22 -41.13 14.86
C ALA C 515 -49.71 -41.37 14.65
N LEU C 516 -50.38 -40.44 13.95
CA LEU C 516 -51.84 -40.56 13.73
C LEU C 516 -52.17 -40.14 12.29
N PHE C 517 -52.67 -41.05 11.46
CA PHE C 517 -53.11 -40.65 10.10
C PHE C 517 -54.63 -40.65 10.08
N TRP C 518 -55.24 -39.53 9.71
CA TRP C 518 -56.73 -39.43 9.76
C TRP C 518 -57.32 -39.58 8.37
N GLN C 519 -58.56 -40.07 8.29
CA GLN C 519 -59.25 -40.27 6.98
C GLN C 519 -58.52 -41.35 6.17
N ASN C 520 -57.64 -42.11 6.81
CA ASN C 520 -56.83 -43.11 6.06
C ASN C 520 -56.74 -44.42 6.86
N GLY C 521 -57.88 -44.98 7.26
CA GLY C 521 -57.86 -46.30 7.92
C GLY C 521 -58.00 -47.39 6.88
N HIS C 522 -58.28 -47.01 5.63
CA HIS C 522 -58.41 -47.97 4.52
C HIS C 522 -57.03 -48.52 4.13
N LEU C 523 -55.98 -47.96 4.73
CA LEU C 523 -54.59 -48.40 4.41
C LEU C 523 -54.08 -49.31 5.54
N GLU C 524 -54.96 -49.67 6.48
CA GLU C 524 -54.56 -50.54 7.62
C GLU C 524 -54.04 -51.90 7.13
N PRO C 525 -54.71 -52.59 6.16
CA PRO C 525 -54.29 -53.94 5.77
C PRO C 525 -52.89 -54.07 5.13
N GLU C 526 -52.17 -52.97 4.93
CA GLU C 526 -50.86 -53.07 4.22
C GLU C 526 -49.73 -52.44 5.03
N LEU C 527 -49.68 -52.66 6.35
CA LEU C 527 -48.65 -52.00 7.19
C LEU C 527 -48.24 -52.91 8.35
N GLN C 528 -48.75 -54.14 8.40
CA GLN C 528 -48.45 -55.06 9.53
C GLN C 528 -46.97 -55.45 9.50
N ASP C 529 -46.31 -55.31 8.35
CA ASP C 529 -44.87 -55.61 8.22
C ASP C 529 -44.04 -54.41 8.68
N GLU C 530 -42.84 -54.64 9.20
CA GLU C 530 -41.95 -53.54 9.65
C GLU C 530 -41.21 -52.93 8.47
N GLN C 531 -41.92 -52.66 7.36
CA GLN C 531 -41.26 -52.14 6.14
C GLN C 531 -41.10 -50.62 6.25
N PRO C 532 -39.86 -50.10 6.25
CA PRO C 532 -39.63 -48.67 6.32
C PRO C 532 -40.56 -47.85 5.42
N ILE C 533 -41.00 -46.69 5.92
CA ILE C 533 -41.94 -45.85 5.12
C ILE C 533 -41.47 -44.39 5.15
N ASN C 534 -41.64 -43.68 4.05
CA ASN C 534 -41.33 -42.24 4.04
C ASN C 534 -42.66 -41.51 4.23
N ILE C 535 -42.79 -40.70 5.27
CA ILE C 535 -44.12 -40.10 5.58
C ILE C 535 -44.04 -38.57 5.53
N LEU C 536 -45.19 -37.91 5.40
CA LEU C 536 -45.23 -36.43 5.44
C LEU C 536 -46.19 -35.99 6.56
N GLY C 537 -45.80 -35.00 7.37
CA GLY C 537 -46.75 -34.50 8.39
C GLY C 537 -46.14 -33.53 9.38
N SER C 538 -46.96 -33.03 10.30
CA SER C 538 -46.49 -32.07 11.32
C SER C 538 -46.25 -32.79 12.66
N VAL C 539 -45.12 -32.53 13.31
CA VAL C 539 -44.81 -33.14 14.62
C VAL C 539 -45.37 -32.23 15.71
N GLN C 540 -45.72 -32.81 16.86
CA GLN C 540 -46.32 -32.02 17.97
C GLN C 540 -46.19 -32.78 19.27
N ILE C 541 -46.76 -32.26 20.35
CA ILE C 541 -46.75 -32.97 21.66
C ILE C 541 -48.19 -33.07 22.15
N ASN C 542 -48.59 -34.25 22.62
CA ASN C 542 -49.95 -34.42 23.19
C ASN C 542 -49.79 -34.72 24.67
N GLU C 543 -50.47 -33.97 25.54
CA GLU C 543 -50.29 -34.17 27.00
C GLU C 543 -51.22 -35.29 27.47
N TRP C 544 -50.66 -36.44 27.88
CA TRP C 544 -51.50 -37.58 28.29
C TRP C 544 -51.36 -37.88 29.78
N ASN C 545 -52.35 -37.47 30.58
CA ASN C 545 -52.31 -37.73 32.05
C ASN C 545 -51.19 -36.93 32.72
N GLY C 546 -50.88 -35.75 32.18
CA GLY C 546 -49.78 -34.94 32.73
C GLY C 546 -48.47 -35.12 31.96
N ASN C 547 -48.04 -36.36 31.77
CA ASN C 547 -46.79 -36.64 31.02
C ASN C 547 -46.94 -36.10 29.58
N GLN C 548 -45.84 -35.67 28.97
CA GLN C 548 -45.90 -35.08 27.60
C GLN C 548 -45.37 -36.10 26.59
N SER C 549 -46.06 -36.27 25.46
CA SER C 549 -45.64 -37.27 24.43
C SER C 549 -45.56 -36.64 23.05
N PRO C 550 -44.43 -36.76 22.32
CA PRO C 550 -44.35 -36.26 20.93
C PRO C 550 -45.28 -37.06 20.00
N GLN C 551 -46.02 -36.36 19.13
CA GLN C 551 -46.98 -37.05 18.23
C GLN C 551 -46.84 -36.51 16.81
N ILE C 552 -47.23 -37.30 15.79
CA ILE C 552 -47.15 -36.83 14.38
C ILE C 552 -48.51 -37.03 13.69
N ILE C 553 -49.08 -35.96 13.13
CA ILE C 553 -50.33 -36.08 12.35
C ILE C 553 -49.94 -36.19 10.88
N ILE C 554 -50.01 -37.40 10.32
CA ILE C 554 -49.52 -37.65 8.93
C ILE C 554 -50.42 -36.94 7.90
N GLN C 555 -49.85 -36.55 6.76
CA GLN C 555 -50.66 -35.93 5.67
C GLN C 555 -50.52 -36.82 4.43
N ASP C 556 -49.37 -37.48 4.28
CA ASP C 556 -49.17 -38.42 3.14
C ASP C 556 -48.11 -39.45 3.54
N ILE C 557 -48.32 -40.72 3.15
CA ILE C 557 -47.36 -41.80 3.50
C ILE C 557 -46.98 -42.54 2.22
N ALA C 558 -45.68 -42.79 2.03
CA ALA C 558 -45.20 -43.48 0.81
C ALA C 558 -44.47 -44.75 1.21
N MET C 559 -44.96 -45.92 0.81
CA MET C 559 -44.23 -47.18 1.09
C MET C 559 -43.62 -47.67 -0.22
N ASN C 560 -42.37 -48.12 -0.16
CA ASN C 560 -41.69 -48.54 -1.41
C ASN C 560 -40.65 -49.61 -1.13
N GLU C 561 -40.61 -50.64 -1.97
CA GLU C 561 -39.58 -51.70 -1.86
C GLU C 561 -39.00 -51.89 -3.25
N GLN C 562 -38.31 -50.86 -3.77
CA GLN C 562 -37.78 -50.95 -5.15
C GLN C 562 -37.04 -52.27 -5.30
N GLN C 563 -37.52 -53.15 -6.17
CA GLN C 563 -36.88 -54.48 -6.38
C GLN C 563 -36.18 -54.52 -7.73
N ILE C 564 -34.93 -54.97 -7.76
CA ILE C 564 -34.18 -55.11 -9.03
C ILE C 564 -33.96 -56.60 -9.26
N LEU C 565 -34.35 -57.12 -10.42
CA LEU C 565 -34.28 -58.59 -10.66
C LEU C 565 -33.30 -58.89 -11.79
N ASP C 566 -32.57 -60.00 -11.68
CA ASP C 566 -31.56 -60.38 -12.72
C ASP C 566 -32.16 -61.39 -13.68
N TYR C 567 -32.61 -60.94 -14.84
CA TYR C 567 -33.13 -61.87 -15.87
C TYR C 567 -32.15 -61.87 -17.05
N ARG C 568 -30.90 -61.46 -16.80
CA ARG C 568 -29.88 -61.37 -17.88
C ARG C 568 -29.34 -62.74 -18.22
N SER C 569 -28.87 -63.49 -17.23
CA SER C 569 -28.19 -64.78 -17.50
C SER C 569 -29.20 -65.85 -17.91
N LYS C 570 -29.34 -66.09 -19.21
CA LYS C 570 -30.22 -67.18 -19.70
C LYS C 570 -31.52 -67.19 -18.90
N ARG C 571 -32.03 -66.02 -18.53
CA ARG C 571 -33.35 -65.98 -17.86
C ARG C 571 -34.24 -65.03 -18.64
N LYS C 572 -33.95 -64.88 -19.93
CA LYS C 572 -34.74 -63.97 -20.81
C LYS C 572 -36.19 -64.45 -20.82
N SER C 573 -36.45 -65.59 -20.19
CA SER C 573 -37.83 -66.11 -20.02
C SER C 573 -38.55 -65.25 -18.97
N LEU C 574 -38.90 -64.02 -19.33
CA LEU C 574 -39.53 -63.08 -18.36
C LEU C 574 -40.84 -63.68 -17.86
N PRO C 575 -41.40 -63.19 -16.74
CA PRO C 575 -42.61 -63.74 -16.18
C PRO C 575 -43.88 -63.13 -16.76
N PHE C 576 -43.75 -62.39 -17.87
CA PHE C 576 -44.95 -61.71 -18.41
C PHE C 576 -44.87 -61.57 -19.93
N THR C 577 -46.01 -61.40 -20.57
CA THR C 577 -46.04 -61.16 -22.03
C THR C 577 -45.75 -59.67 -22.27
N GLU C 578 -44.68 -59.37 -23.00
CA GLU C 578 -44.29 -57.95 -23.21
C GLU C 578 -45.38 -57.29 -24.05
N ASN C 579 -46.41 -58.05 -24.43
CA ASN C 579 -47.54 -57.45 -25.16
C ASN C 579 -48.32 -56.60 -24.16
N ASP C 580 -48.03 -56.76 -22.87
CA ASP C 580 -48.69 -55.94 -21.82
C ASP C 580 -48.38 -54.46 -22.07
N GLU C 581 -49.42 -53.63 -22.08
CA GLU C 581 -49.24 -52.17 -22.31
C GLU C 581 -49.07 -51.49 -20.96
N ASN C 582 -49.16 -52.28 -19.89
CA ASN C 582 -49.04 -51.71 -18.52
C ASN C 582 -47.60 -51.91 -18.05
N ILE C 583 -46.72 -52.34 -18.95
CA ILE C 583 -45.28 -52.50 -18.56
C ILE C 583 -44.42 -51.71 -19.55
N VAL C 584 -43.53 -50.86 -19.04
CA VAL C 584 -42.63 -50.05 -19.91
C VAL C 584 -41.41 -50.89 -20.28
N VAL C 585 -41.04 -50.89 -21.57
CA VAL C 585 -39.86 -51.66 -22.05
C VAL C 585 -38.84 -50.69 -22.64
N LEU C 586 -37.61 -50.71 -22.13
CA LEU C 586 -36.54 -49.80 -22.64
C LEU C 586 -35.74 -50.56 -23.70
N ILE C 587 -35.64 -50.00 -24.91
CA ILE C 587 -35.01 -50.75 -26.03
C ILE C 587 -33.82 -50.00 -26.62
N HIS C 588 -32.99 -50.68 -27.42
CA HIS C 588 -31.80 -50.05 -28.06
C HIS C 588 -32.16 -49.64 -29.49
N PRO C 589 -31.64 -48.50 -30.00
CA PRO C 589 -31.99 -47.99 -31.33
C PRO C 589 -32.07 -49.04 -32.44
N LYS C 590 -31.25 -50.08 -32.38
CA LYS C 590 -31.24 -51.11 -33.44
C LYS C 590 -32.62 -51.74 -33.54
N SER C 591 -33.36 -51.84 -32.43
CA SER C 591 -34.69 -52.50 -32.43
C SER C 591 -35.77 -51.50 -32.86
N ASP C 592 -36.97 -51.99 -33.20
CA ASP C 592 -38.04 -51.09 -33.69
C ASP C 592 -39.04 -50.81 -32.55
N LYS C 593 -39.49 -49.56 -32.43
CA LYS C 593 -40.52 -49.21 -31.41
C LYS C 593 -41.90 -49.59 -31.97
N VAL C 594 -42.23 -50.87 -31.94
CA VAL C 594 -43.51 -51.33 -32.56
C VAL C 594 -44.67 -51.12 -31.59
N ASN C 595 -44.39 -51.06 -30.28
CA ASN C 595 -45.48 -50.96 -29.28
C ASN C 595 -45.39 -49.62 -28.55
N ALA C 596 -46.53 -49.12 -28.06
CA ALA C 596 -46.56 -47.82 -27.36
C ALA C 596 -45.88 -47.97 -26.01
N ASN C 597 -45.80 -49.20 -25.49
CA ASN C 597 -45.19 -49.44 -24.16
C ASN C 597 -43.67 -49.47 -24.29
N GLU C 598 -43.15 -49.37 -25.52
CA GLU C 598 -41.70 -49.49 -25.73
C GLU C 598 -41.08 -48.10 -25.93
N TYR C 599 -40.00 -47.81 -25.21
CA TYR C 599 -39.31 -46.50 -25.34
C TYR C 599 -37.80 -46.77 -25.50
N TYR C 600 -37.12 -45.89 -26.22
CA TYR C 600 -35.65 -46.04 -26.41
C TYR C 600 -34.92 -45.47 -25.20
N TYR C 601 -33.68 -45.91 -25.00
CA TYR C 601 -32.88 -45.44 -23.84
C TYR C 601 -32.56 -43.95 -24.02
N GLY C 602 -32.63 -43.19 -22.94
CA GLY C 602 -32.34 -41.74 -22.99
C GLY C 602 -33.56 -40.94 -23.38
N GLU C 603 -34.50 -41.57 -24.08
CA GLU C 603 -35.71 -40.85 -24.58
C GLU C 603 -36.66 -40.61 -23.41
N GLU C 604 -37.48 -39.57 -23.50
CA GLU C 604 -38.45 -39.27 -22.44
C GLU C 604 -39.47 -40.40 -22.36
N ILE C 605 -39.81 -40.84 -21.14
CA ILE C 605 -40.85 -41.89 -20.98
C ILE C 605 -42.14 -41.18 -20.54
N LYS C 606 -43.06 -40.96 -21.47
CA LYS C 606 -44.35 -40.32 -21.13
C LYS C 606 -45.35 -41.41 -20.74
N GLN C 607 -45.05 -42.12 -19.64
CA GLN C 607 -45.97 -43.20 -19.17
C GLN C 607 -45.79 -43.46 -17.68
N GLN C 608 -46.86 -43.87 -16.99
CA GLN C 608 -46.71 -44.24 -15.56
C GLN C 608 -46.18 -45.66 -15.51
N THR C 609 -45.26 -45.93 -14.58
CA THR C 609 -44.62 -47.26 -14.55
C THR C 609 -44.66 -47.84 -13.15
N ASP C 610 -44.69 -49.17 -13.06
CA ASP C 610 -44.61 -49.86 -11.75
C ASP C 610 -43.61 -50.99 -11.99
N LYS C 611 -43.73 -51.63 -13.16
CA LYS C 611 -42.76 -52.68 -13.54
C LYS C 611 -42.04 -52.23 -14.81
N VAL C 612 -40.71 -52.12 -14.76
CA VAL C 612 -39.92 -51.68 -15.94
C VAL C 612 -39.07 -52.86 -16.42
N VAL C 613 -38.85 -52.97 -17.72
CA VAL C 613 -37.98 -54.06 -18.27
C VAL C 613 -36.83 -53.45 -19.07
N LEU C 614 -35.59 -53.71 -18.67
CA LEU C 614 -34.42 -53.28 -19.49
C LEU C 614 -34.15 -54.41 -20.46
N ARG C 615 -34.88 -54.46 -21.59
CA ARG C 615 -34.77 -55.61 -22.51
C ARG C 615 -33.45 -55.62 -23.27
N ASP C 616 -33.12 -54.52 -23.96
CA ASP C 616 -31.92 -54.51 -24.81
C ASP C 616 -30.74 -53.90 -24.05
N LEU C 617 -29.51 -54.17 -24.51
CA LEU C 617 -28.31 -53.56 -23.89
C LEU C 617 -28.20 -52.11 -24.35
N PRO C 618 -28.03 -51.14 -23.43
CA PRO C 618 -28.01 -49.72 -23.80
C PRO C 618 -26.76 -49.39 -24.63
N THR C 619 -26.85 -48.34 -25.44
CA THR C 619 -25.68 -47.92 -26.25
C THR C 619 -24.59 -47.43 -25.29
N SER C 620 -24.96 -46.56 -24.34
CA SER C 620 -23.98 -46.01 -23.37
C SER C 620 -24.58 -46.10 -21.96
N MET C 621 -23.71 -46.18 -20.95
CA MET C 621 -24.18 -46.20 -19.54
C MET C 621 -24.92 -44.90 -19.26
N GLU C 622 -24.48 -43.80 -19.88
CA GLU C 622 -25.11 -42.48 -19.66
C GLU C 622 -26.56 -42.51 -20.14
N ASP C 623 -26.81 -43.14 -21.28
CA ASP C 623 -28.19 -43.19 -21.84
C ASP C 623 -29.09 -43.90 -20.82
N LEU C 624 -28.60 -44.97 -20.20
CA LEU C 624 -29.41 -45.71 -19.20
C LEU C 624 -29.64 -44.81 -17.98
N SER C 625 -28.63 -44.03 -17.59
CA SER C 625 -28.78 -43.15 -16.40
C SER C 625 -29.90 -42.14 -16.66
N ASN C 626 -29.95 -41.58 -17.85
CA ASN C 626 -31.05 -40.64 -18.19
C ASN C 626 -32.37 -41.40 -18.05
N SER C 627 -32.39 -42.65 -18.48
CA SER C 627 -33.63 -43.47 -18.43
C SER C 627 -33.98 -43.79 -16.97
N LEU C 628 -32.97 -44.07 -16.15
CA LEU C 628 -33.23 -44.48 -14.74
C LEU C 628 -33.68 -43.28 -13.88
N GLN C 629 -33.07 -42.11 -14.08
CA GLN C 629 -33.37 -40.94 -13.19
C GLN C 629 -34.85 -40.58 -13.26
N GLN C 630 -35.54 -40.94 -14.36
CA GLN C 630 -36.95 -40.54 -14.53
C GLN C 630 -37.85 -41.74 -14.23
N LEU C 631 -37.37 -42.70 -13.44
CA LEU C 631 -38.16 -43.94 -13.26
C LEU C 631 -38.79 -44.05 -11.87
N GLN C 632 -40.11 -44.15 -11.80
CA GLN C 632 -40.80 -44.44 -10.52
C GLN C 632 -41.21 -45.90 -10.65
N PHE C 633 -40.48 -46.82 -10.01
CA PHE C 633 -40.76 -48.25 -10.28
C PHE C 633 -40.94 -49.11 -9.03
N SER C 634 -41.60 -50.25 -9.21
CA SER C 634 -41.76 -51.22 -8.11
C SER C 634 -40.75 -52.34 -8.34
N GLN C 635 -40.64 -52.76 -9.60
CA GLN C 635 -39.70 -53.86 -9.96
C GLN C 635 -38.96 -53.47 -11.24
N LEU C 636 -37.63 -53.48 -11.20
CA LEU C 636 -36.84 -53.23 -12.43
C LEU C 636 -36.36 -54.59 -12.93
N TYR C 637 -36.75 -54.97 -14.13
CA TYR C 637 -36.30 -56.27 -14.70
C TYR C 637 -35.11 -56.01 -15.64
N ILE C 638 -33.97 -56.63 -15.33
CA ILE C 638 -32.74 -56.43 -16.17
C ILE C 638 -32.52 -57.70 -17.01
N VAL C 639 -32.79 -57.59 -18.32
CA VAL C 639 -32.59 -58.74 -19.24
C VAL C 639 -31.36 -58.45 -20.10
N LEU C 640 -31.21 -57.19 -20.54
CA LEU C 640 -30.04 -56.78 -21.36
C LEU C 640 -29.81 -57.83 -22.45
N GLN C 641 -30.78 -57.99 -23.35
CA GLN C 641 -30.67 -58.98 -24.44
C GLN C 641 -29.65 -58.51 -25.48
N HIS C 642 -28.77 -59.42 -25.90
CA HIS C 642 -27.74 -59.09 -26.92
C HIS C 642 -27.50 -60.35 -27.76
N ASN C 643 -27.05 -60.16 -29.00
CA ASN C 643 -26.79 -61.32 -29.90
C ASN C 643 -25.28 -61.60 -29.92
N HIS C 644 -24.46 -60.61 -29.59
CA HIS C 644 -22.99 -60.78 -29.66
C HIS C 644 -22.31 -60.03 -28.51
N SER C 645 -21.08 -60.45 -28.16
CA SER C 645 -20.31 -59.74 -27.11
C SER C 645 -18.87 -59.51 -27.59
N ILE C 646 -18.37 -58.27 -27.47
CA ILE C 646 -17.00 -57.92 -27.95
C ILE C 646 -16.05 -57.85 -26.75
N TYR C 647 -16.52 -58.20 -25.56
CA TYR C 647 -15.73 -58.11 -24.32
C TYR C 647 -14.35 -58.74 -24.50
N PHE C 648 -14.29 -59.93 -25.11
CA PHE C 648 -13.00 -60.65 -25.22
C PHE C 648 -12.33 -60.34 -26.56
N ASP C 649 -13.11 -59.96 -27.57
CA ASP C 649 -12.51 -59.56 -28.87
C ASP C 649 -11.69 -58.28 -28.64
N GLY C 650 -12.28 -57.29 -27.98
CA GLY C 650 -11.52 -56.08 -27.62
C GLY C 650 -11.35 -55.07 -28.74
N ILE C 651 -10.75 -53.91 -28.44
CA ILE C 651 -10.46 -52.89 -29.47
C ILE C 651 -8.95 -52.91 -29.71
N PRO C 652 -8.45 -53.10 -30.95
CA PRO C 652 -7.01 -53.22 -31.19
C PRO C 652 -6.24 -51.95 -30.80
N ASN C 653 -4.93 -52.08 -30.56
CA ASN C 653 -4.11 -50.91 -30.14
C ASN C 653 -3.80 -50.05 -31.36
N MET C 654 -3.51 -48.76 -31.15
CA MET C 654 -3.28 -47.82 -32.28
C MET C 654 -2.09 -48.30 -33.10
N ASP C 655 -1.16 -49.04 -32.49
CA ASP C 655 -0.03 -49.60 -33.25
C ASP C 655 -0.58 -50.52 -34.35
N ILE C 656 -1.49 -51.42 -33.98
CA ILE C 656 -2.10 -52.37 -34.96
C ILE C 656 -2.92 -51.56 -35.97
N PHE C 657 -3.57 -50.49 -35.52
CA PHE C 657 -4.31 -49.62 -36.47
C PHE C 657 -3.26 -49.02 -37.40
N LYS C 658 -2.08 -48.71 -36.86
CA LYS C 658 -0.99 -48.10 -37.66
C LYS C 658 -0.50 -49.10 -38.71
N LYS C 659 -0.33 -50.37 -38.33
CA LYS C 659 0.18 -51.40 -39.26
C LYS C 659 -0.83 -51.68 -40.39
N CYS C 660 -2.12 -51.50 -40.12
CA CYS C 660 -3.16 -51.72 -41.15
C CYS C 660 -3.07 -50.62 -42.19
N TYR C 661 -3.05 -49.37 -41.76
CA TYR C 661 -3.07 -48.25 -42.73
C TYR C 661 -1.89 -48.40 -43.71
N LYS C 662 -0.69 -48.58 -43.18
CA LYS C 662 0.51 -48.64 -44.06
C LYS C 662 0.38 -49.82 -45.01
N ALA C 663 -0.19 -50.93 -44.54
CA ALA C 663 -0.29 -52.15 -45.38
C ALA C 663 -1.30 -51.89 -46.51
N LEU C 664 -2.18 -50.90 -46.32
CA LEU C 664 -3.21 -50.58 -47.35
C LEU C 664 -2.67 -49.49 -48.28
N ILE C 665 -1.69 -48.73 -47.81
CA ILE C 665 -1.07 -47.67 -48.65
C ILE C 665 0.08 -48.30 -49.44
N THR C 666 0.13 -49.63 -49.48
CA THR C 666 1.19 -50.33 -50.25
C THR C 666 0.63 -50.81 -51.59
N LYS C 667 -0.63 -51.24 -51.62
CA LYS C 667 -1.20 -51.81 -52.87
C LYS C 667 -2.12 -50.80 -53.55
N GLN C 668 -2.34 -49.65 -52.92
CA GLN C 668 -3.24 -48.61 -53.49
C GLN C 668 -4.70 -49.11 -53.48
N GLU C 669 -4.96 -50.26 -54.10
CA GLU C 669 -6.33 -50.85 -54.01
C GLU C 669 -6.21 -52.29 -53.49
N THR C 670 -6.97 -52.63 -52.45
CA THR C 670 -6.85 -53.97 -51.82
C THR C 670 -8.20 -54.68 -51.78
N ASN C 671 -8.24 -55.94 -52.24
CA ASN C 671 -9.50 -56.73 -52.14
C ASN C 671 -9.43 -57.51 -50.83
N ILE C 672 -10.30 -57.17 -49.86
CA ILE C 672 -10.26 -57.81 -48.52
C ILE C 672 -10.72 -59.26 -48.66
N GLN C 673 -11.43 -59.57 -49.73
CA GLN C 673 -11.86 -60.98 -49.96
C GLN C 673 -10.64 -61.80 -50.37
N LYS C 674 -9.60 -61.15 -50.87
CA LYS C 674 -8.44 -61.92 -51.40
C LYS C 674 -7.22 -61.77 -50.48
N GLU C 675 -6.95 -60.57 -49.97
CA GLU C 675 -5.73 -60.38 -49.14
C GLU C 675 -6.13 -60.08 -47.69
N GLY C 676 -7.40 -60.23 -47.34
CA GLY C 676 -7.86 -59.84 -46.00
C GLY C 676 -7.31 -60.78 -44.95
N MET C 677 -7.26 -62.08 -45.24
CA MET C 677 -6.82 -63.07 -44.21
C MET C 677 -5.32 -62.92 -43.98
N LEU C 678 -4.55 -62.61 -45.02
CA LEU C 678 -3.09 -62.37 -44.85
C LEU C 678 -2.90 -61.15 -43.96
N LEU C 679 -3.70 -60.10 -44.16
CA LEU C 679 -3.61 -58.89 -43.32
C LEU C 679 -3.96 -59.27 -41.88
N CYS C 680 -4.95 -60.13 -41.71
CA CYS C 680 -5.37 -60.55 -40.34
C CYS C 680 -4.19 -61.24 -39.65
N GLN C 681 -3.35 -61.96 -40.42
CA GLN C 681 -2.17 -62.64 -39.85
C GLN C 681 -1.07 -61.61 -39.56
N HIS C 682 -0.88 -60.65 -40.46
CA HIS C 682 0.15 -59.59 -40.26
C HIS C 682 -0.21 -58.76 -39.02
N LEU C 683 -1.51 -58.51 -38.82
CA LEU C 683 -1.96 -57.68 -37.67
C LEU C 683 -2.29 -58.57 -36.47
N SER C 684 -2.18 -59.90 -36.64
CA SER C 684 -2.52 -60.85 -35.54
C SER C 684 -3.92 -60.55 -35.01
N VAL C 685 -4.89 -60.40 -35.92
CA VAL C 685 -6.27 -60.03 -35.52
C VAL C 685 -7.25 -61.02 -36.11
N LYS C 686 -8.54 -60.84 -35.82
CA LYS C 686 -9.58 -61.77 -36.33
C LYS C 686 -10.40 -61.05 -37.40
N PRO C 687 -11.10 -61.77 -38.30
CA PRO C 687 -11.84 -61.14 -39.37
C PRO C 687 -12.70 -59.94 -38.92
N ASP C 688 -13.48 -60.11 -37.86
CA ASP C 688 -14.41 -59.03 -37.43
C ASP C 688 -13.64 -57.79 -36.94
N THR C 689 -12.50 -57.99 -36.28
CA THR C 689 -11.74 -56.85 -35.72
C THR C 689 -11.17 -56.02 -36.88
N LEU C 690 -10.79 -56.67 -37.98
CA LEU C 690 -10.31 -55.92 -39.18
C LEU C 690 -11.46 -55.11 -39.76
N LYS C 691 -12.67 -55.69 -39.79
CA LYS C 691 -13.84 -54.97 -40.33
C LYS C 691 -14.05 -53.69 -39.53
N PHE C 692 -13.94 -53.76 -38.20
CA PHE C 692 -14.08 -52.55 -37.35
C PHE C 692 -13.01 -51.53 -37.74
N MET C 693 -11.77 -51.99 -37.85
CA MET C 693 -10.65 -51.06 -38.16
C MET C 693 -10.91 -50.39 -39.51
N LEU C 694 -11.37 -51.17 -40.50
CA LEU C 694 -11.64 -50.62 -41.85
C LEU C 694 -12.82 -49.66 -41.78
N LYS C 695 -13.83 -50.00 -40.98
CA LYS C 695 -15.03 -49.13 -40.84
C LYS C 695 -14.65 -47.81 -40.14
N VAL C 696 -13.69 -47.86 -39.21
CA VAL C 696 -13.22 -46.62 -38.52
C VAL C 696 -12.49 -45.76 -39.56
N PHE C 697 -11.64 -46.38 -40.37
CA PHE C 697 -10.90 -45.63 -41.41
C PHE C 697 -11.90 -45.06 -42.41
N LEU C 698 -12.99 -45.78 -42.66
CA LEU C 698 -14.05 -45.28 -43.58
C LEU C 698 -14.77 -44.10 -42.93
N ASP C 699 -15.01 -44.16 -41.63
CA ASP C 699 -15.65 -43.03 -40.90
C ASP C 699 -14.69 -41.83 -40.91
N LEU C 700 -13.40 -42.10 -40.67
CA LEU C 700 -12.39 -41.02 -40.68
C LEU C 700 -12.20 -40.54 -42.12
N LYS C 701 -12.71 -41.30 -43.09
CA LYS C 701 -12.61 -40.90 -44.52
C LYS C 701 -11.16 -40.94 -44.98
N PHE C 702 -10.35 -41.80 -44.36
CA PHE C 702 -8.94 -41.96 -44.78
C PHE C 702 -8.90 -43.02 -45.90
N VAL C 703 -10.00 -43.75 -46.07
CA VAL C 703 -10.08 -44.80 -47.13
C VAL C 703 -11.48 -44.79 -47.75
N THR C 704 -11.63 -45.40 -48.93
CA THR C 704 -12.96 -45.49 -49.59
C THR C 704 -13.24 -46.96 -49.90
N GLN C 705 -14.52 -47.33 -50.04
CA GLN C 705 -14.87 -48.76 -50.26
C GLN C 705 -15.88 -48.89 -51.40
N GLU C 706 -15.77 -49.96 -52.17
CA GLU C 706 -16.74 -50.24 -53.27
C GLU C 706 -16.77 -51.75 -53.50
N ASP C 707 -17.86 -52.40 -53.12
CA ASP C 707 -18.02 -53.87 -53.35
C ASP C 707 -16.80 -54.63 -52.80
N GLY C 708 -16.24 -54.19 -51.67
CA GLY C 708 -15.17 -54.95 -51.02
C GLY C 708 -13.77 -54.41 -51.25
N LEU C 709 -13.61 -53.47 -52.19
CA LEU C 709 -12.25 -52.98 -52.52
C LEU C 709 -11.99 -51.67 -51.77
N ILE C 710 -10.82 -51.54 -51.16
CA ILE C 710 -10.51 -50.34 -50.35
C ILE C 710 -9.49 -49.46 -51.09
N ARG C 711 -9.84 -48.19 -51.33
CA ARG C 711 -8.91 -47.25 -52.00
C ARG C 711 -8.47 -46.19 -51.00
N ILE C 712 -7.27 -45.64 -51.15
CA ILE C 712 -6.73 -44.70 -50.12
C ILE C 712 -7.03 -43.24 -50.50
N ASN C 713 -7.29 -42.39 -49.51
CA ASN C 713 -7.44 -40.94 -49.79
C ASN C 713 -6.02 -40.36 -49.75
N GLN C 714 -5.60 -39.66 -50.80
CA GLN C 714 -4.20 -39.17 -50.86
C GLN C 714 -4.07 -37.88 -50.05
N GLN C 715 -5.21 -37.24 -49.73
CA GLN C 715 -5.17 -36.03 -48.88
C GLN C 715 -6.05 -36.28 -47.65
N PRO C 716 -5.60 -37.07 -46.65
CA PRO C 716 -6.42 -37.40 -45.48
C PRO C 716 -6.56 -36.25 -44.49
N ASP C 717 -7.74 -36.09 -43.90
CA ASP C 717 -7.97 -35.02 -42.90
C ASP C 717 -7.16 -35.41 -41.66
N LYS C 718 -6.75 -34.41 -40.87
CA LYS C 718 -5.94 -34.70 -39.65
C LYS C 718 -6.87 -34.94 -38.46
N ARG C 719 -7.41 -36.15 -38.33
CA ARG C 719 -8.26 -36.51 -37.18
C ARG C 719 -7.59 -37.73 -36.57
N SER C 720 -7.51 -37.79 -35.24
CA SER C 720 -6.92 -38.98 -34.57
C SER C 720 -7.91 -40.14 -34.67
N ILE C 721 -7.41 -41.37 -34.66
CA ILE C 721 -8.30 -42.55 -34.81
C ILE C 721 -9.34 -42.52 -33.70
N ASP C 722 -8.97 -42.03 -32.52
CA ASP C 722 -9.91 -42.00 -31.36
C ASP C 722 -11.05 -41.03 -31.64
N SER C 723 -10.96 -40.25 -32.72
CA SER C 723 -12.00 -39.23 -32.98
C SER C 723 -13.18 -39.85 -33.73
N SER C 724 -13.03 -41.11 -34.17
CA SER C 724 -14.10 -41.77 -34.96
C SER C 724 -15.27 -42.14 -34.04
N LYS C 725 -16.48 -41.77 -34.45
CA LYS C 725 -17.69 -42.15 -33.66
C LYS C 725 -17.77 -43.68 -33.64
N VAL C 726 -17.40 -44.32 -34.74
CA VAL C 726 -17.40 -45.81 -34.81
C VAL C 726 -16.47 -46.33 -33.70
N TYR C 727 -15.30 -45.73 -33.56
CA TYR C 727 -14.32 -46.19 -32.55
C TYR C 727 -14.90 -45.95 -31.16
N GLN C 728 -15.52 -44.81 -30.96
CA GLN C 728 -16.02 -44.43 -29.61
C GLN C 728 -17.21 -45.32 -29.22
N LEU C 729 -18.02 -45.71 -30.19
CA LEU C 729 -19.19 -46.58 -29.90
C LEU C 729 -18.71 -47.95 -29.42
N ARG C 730 -17.62 -48.45 -29.98
CA ARG C 730 -17.06 -49.75 -29.55
C ARG C 730 -16.54 -49.61 -28.13
N GLN C 731 -16.06 -48.43 -27.78
CA GLN C 731 -15.56 -48.18 -26.41
C GLN C 731 -16.73 -48.09 -25.44
N GLN C 732 -17.81 -47.43 -25.86
CA GLN C 732 -19.01 -47.32 -25.01
C GLN C 732 -19.54 -48.73 -24.75
N ARG C 733 -19.60 -49.57 -25.77
CA ARG C 733 -20.07 -50.97 -25.61
C ARG C 733 -19.16 -51.71 -24.64
N MET C 734 -17.85 -51.58 -24.82
CA MET C 734 -16.89 -52.34 -23.97
C MET C 734 -17.12 -51.95 -22.51
N ASP C 735 -17.58 -50.73 -22.25
CA ASP C 735 -17.88 -50.29 -20.87
C ASP C 735 -19.24 -50.85 -20.45
N VAL C 736 -20.23 -50.71 -21.32
CA VAL C 736 -21.60 -51.24 -21.01
C VAL C 736 -21.49 -52.73 -20.72
N GLU C 737 -20.64 -53.44 -21.47
CA GLU C 737 -20.54 -54.90 -21.29
C GLU C 737 -19.79 -55.22 -19.98
N LYS C 738 -18.74 -54.45 -19.69
CA LYS C 738 -17.92 -54.71 -18.47
C LYS C 738 -18.71 -54.36 -17.22
N GLN C 739 -19.64 -53.41 -17.30
CA GLN C 739 -20.34 -52.94 -16.08
C GLN C 739 -21.76 -53.52 -15.99
N LEU C 740 -22.27 -54.11 -17.07
CA LEU C 740 -23.68 -54.57 -17.04
C LEU C 740 -23.78 -56.09 -17.30
N LEU C 741 -22.81 -56.69 -17.98
CA LEU C 741 -22.95 -58.12 -18.33
C LEU C 741 -21.84 -58.96 -17.70
N TYR C 742 -20.74 -58.34 -17.30
CA TYR C 742 -19.58 -59.10 -16.75
C TYR C 742 -19.24 -58.59 -15.35
N GLN C 743 -20.24 -58.10 -14.63
CA GLN C 743 -20.03 -57.62 -13.24
C GLN C 743 -21.08 -58.25 -12.33
N ASP C 744 -20.85 -58.22 -11.02
CA ASP C 744 -21.81 -58.80 -10.04
C ASP C 744 -23.09 -57.96 -10.06
N PHE C 745 -24.25 -58.59 -9.86
CA PHE C 745 -25.54 -57.87 -9.92
C PHE C 745 -25.60 -56.85 -8.78
N SER C 746 -24.98 -57.18 -7.65
CA SER C 746 -24.96 -56.25 -6.50
C SER C 746 -24.35 -54.91 -6.93
N GLU C 747 -23.23 -54.96 -7.65
CA GLU C 747 -22.54 -53.71 -8.07
C GLU C 747 -23.47 -52.94 -9.01
N ILE C 748 -24.17 -53.63 -9.90
CA ILE C 748 -25.13 -52.97 -10.83
C ILE C 748 -26.21 -52.32 -9.98
N LYS C 749 -26.71 -53.03 -8.97
CA LYS C 749 -27.81 -52.49 -8.12
C LYS C 749 -27.37 -51.14 -7.54
N ASN C 750 -26.18 -51.10 -6.95
CA ASN C 750 -25.73 -49.84 -6.30
C ASN C 750 -25.67 -48.73 -7.35
N TRP C 751 -25.07 -49.02 -8.50
CA TRP C 751 -24.99 -48.00 -9.58
C TRP C 751 -26.41 -47.57 -9.97
N ILE C 752 -27.31 -48.53 -10.15
CA ILE C 752 -28.69 -48.22 -10.61
C ILE C 752 -29.32 -47.28 -9.58
N LYS C 753 -29.26 -47.65 -8.30
CA LYS C 753 -29.90 -46.82 -7.25
C LYS C 753 -29.21 -45.45 -7.21
N SER C 754 -27.91 -45.42 -7.51
CA SER C 754 -27.13 -44.15 -7.47
C SER C 754 -27.78 -43.12 -8.41
N GLN C 755 -28.23 -43.57 -9.57
CA GLN C 755 -28.77 -42.63 -10.58
C GLN C 755 -30.17 -42.23 -10.12
N LEU C 756 -30.97 -43.21 -9.71
CA LEU C 756 -32.37 -42.92 -9.33
C LEU C 756 -32.39 -41.67 -8.43
#